data_1V5R
#
_entry.id   1V5R
#
loop_
_entity.id
_entity.type
_entity.pdbx_description
1 polymer 'Growth-arrest-specific protein 2'
2 non-polymer 'ZINC ION'
#
_entity_poly.entity_id   1
_entity_poly.type   'polypeptide(L)'
_entity_poly.pdbx_seq_one_letter_code
;GSSGSSGNLLDDAVKRISEDPPCKCPTKFCVERLSQGRYRVGEKILFIRMLHNKHVMVRVGGGWETFAGYLLKHDPCRML
QISRVDGKTSPSGPSSG
;
_entity_poly.pdbx_strand_id   A
#
loop_
_chem_comp.id
_chem_comp.type
_chem_comp.name
_chem_comp.formula
ZN non-polymer 'ZINC ION' 'Zn 2'
#
# COMPACT_ATOMS: atom_id res chain seq x y z
N GLY A 1 -0.70 18.89 -5.46
CA GLY A 1 -1.58 20.03 -5.29
C GLY A 1 -2.54 19.85 -4.14
N SER A 2 -2.98 20.96 -3.55
CA SER A 2 -3.92 20.92 -2.42
C SER A 2 -5.36 20.96 -2.91
N SER A 3 -6.17 20.04 -2.40
CA SER A 3 -7.58 19.98 -2.79
C SER A 3 -8.46 20.68 -1.76
N GLY A 4 -8.29 20.32 -0.49
CA GLY A 4 -9.07 20.93 0.57
C GLY A 4 -10.29 20.10 0.93
N SER A 5 -10.05 18.93 1.52
CA SER A 5 -11.14 18.04 1.92
C SER A 5 -10.88 17.47 3.31
N SER A 6 -11.97 17.26 4.05
CA SER A 6 -11.87 16.71 5.41
C SER A 6 -11.11 15.39 5.41
N GLY A 7 -10.88 14.85 6.60
CA GLY A 7 -10.17 13.59 6.71
C GLY A 7 -10.87 12.45 6.00
N ASN A 8 -10.32 12.04 4.86
CA ASN A 8 -10.91 10.95 4.09
C ASN A 8 -10.70 9.60 4.79
N LEU A 9 -11.73 8.76 4.75
CA LEU A 9 -11.65 7.44 5.38
C LEU A 9 -10.50 6.63 4.79
N LEU A 10 -10.53 6.46 3.47
CA LEU A 10 -9.48 5.70 2.79
C LEU A 10 -8.09 6.23 3.13
N ASP A 11 -7.90 7.53 2.92
CA ASP A 11 -6.63 8.17 3.22
C ASP A 11 -6.22 7.94 4.67
N ASP A 12 -7.19 8.09 5.57
CA ASP A 12 -6.92 7.91 7.00
C ASP A 12 -6.37 6.52 7.27
N ALA A 13 -7.02 5.50 6.72
CA ALA A 13 -6.59 4.11 6.90
C ALA A 13 -5.22 3.88 6.26
N VAL A 14 -5.10 4.26 4.99
CA VAL A 14 -3.85 4.10 4.26
C VAL A 14 -2.68 4.71 5.02
N LYS A 15 -2.86 5.95 5.46
CA LYS A 15 -1.82 6.66 6.21
C LYS A 15 -1.40 5.86 7.44
N ARG A 16 -2.38 5.42 8.22
CA ARG A 16 -2.11 4.64 9.42
C ARG A 16 -1.34 3.37 9.08
N ILE A 17 -1.97 2.49 8.32
CA ILE A 17 -1.36 1.23 7.93
C ILE A 17 0.09 1.43 7.52
N SER A 18 0.31 2.39 6.61
CA SER A 18 1.66 2.68 6.12
C SER A 18 2.57 3.07 7.28
N GLU A 19 2.03 3.77 8.26
CA GLU A 19 2.80 4.20 9.42
C GLU A 19 2.49 3.32 10.63
N ASP A 20 2.19 2.05 10.37
CA ASP A 20 1.88 1.11 11.43
C ASP A 20 1.74 -0.31 10.88
N PRO A 21 2.76 -1.14 11.13
CA PRO A 21 3.95 -0.74 11.88
C PRO A 21 4.81 0.25 11.11
N PRO A 22 5.44 1.19 11.84
CA PRO A 22 6.31 2.20 11.24
C PRO A 22 7.61 1.62 10.71
N CYS A 23 7.92 1.94 9.46
CA CYS A 23 9.14 1.46 8.83
C CYS A 23 10.36 1.71 9.70
N LYS A 24 11.07 0.64 10.03
CA LYS A 24 12.26 0.74 10.87
C LYS A 24 13.41 1.38 10.10
N CYS A 25 13.65 0.90 8.88
CA CYS A 25 14.72 1.42 8.05
C CYS A 25 14.87 2.93 8.23
N PRO A 26 16.09 3.44 8.00
CA PRO A 26 16.38 4.87 8.14
C PRO A 26 15.73 5.70 7.05
N THR A 27 14.98 5.03 6.17
CA THR A 27 14.30 5.72 5.07
C THR A 27 12.85 5.28 4.97
N LYS A 28 11.94 6.21 5.23
CA LYS A 28 10.51 5.92 5.17
C LYS A 28 10.07 5.61 3.75
N PHE A 29 9.17 4.64 3.60
CA PHE A 29 8.67 4.25 2.28
C PHE A 29 8.07 5.45 1.55
N CYS A 30 7.96 5.33 0.24
CA CYS A 30 7.42 6.40 -0.60
C CYS A 30 5.90 6.29 -0.67
N VAL A 31 5.20 7.20 0.01
CA VAL A 31 3.75 7.21 0.01
C VAL A 31 3.20 8.63 -0.07
N GLU A 32 2.68 8.99 -1.24
CA GLU A 32 2.12 10.32 -1.45
C GLU A 32 0.71 10.24 -2.03
N ARG A 33 -0.16 11.12 -1.56
CA ARG A 33 -1.54 11.14 -2.02
C ARG A 33 -1.66 11.96 -3.31
N LEU A 34 -2.21 11.34 -4.36
CA LEU A 34 -2.38 12.01 -5.64
C LEU A 34 -3.84 12.37 -5.87
N SER A 35 -4.73 11.40 -5.67
CA SER A 35 -6.16 11.61 -5.86
C SER A 35 -6.96 10.48 -5.23
N GLN A 36 -8.20 10.78 -4.85
CA GLN A 36 -9.07 9.79 -4.24
C GLN A 36 -8.84 8.41 -4.84
N GLY A 37 -8.24 7.52 -4.04
CA GLY A 37 -7.96 6.17 -4.51
C GLY A 37 -6.69 6.10 -5.33
N ARG A 38 -5.77 7.02 -5.07
CA ARG A 38 -4.50 7.05 -5.80
C ARG A 38 -3.37 7.51 -4.89
N TYR A 39 -2.33 6.68 -4.80
CA TYR A 39 -1.18 7.00 -3.96
C TYR A 39 0.11 6.47 -4.58
N ARG A 40 1.20 7.22 -4.42
CA ARG A 40 2.49 6.84 -4.96
C ARG A 40 3.20 5.85 -4.03
N VAL A 41 3.07 4.56 -4.34
CA VAL A 41 3.70 3.52 -3.54
C VAL A 41 5.07 3.16 -4.08
N GLY A 42 6.11 3.47 -3.31
CA GLY A 42 7.46 3.17 -3.73
C GLY A 42 7.87 3.93 -4.98
N GLU A 43 7.97 3.22 -6.09
CA GLU A 43 8.34 3.82 -7.37
C GLU A 43 7.29 3.55 -8.44
N LYS A 44 6.06 3.32 -8.00
CA LYS A 44 4.96 3.04 -8.92
C LYS A 44 3.66 3.66 -8.43
N ILE A 45 2.71 3.87 -9.34
CA ILE A 45 1.43 4.46 -8.99
C ILE A 45 0.32 3.42 -9.02
N LEU A 46 -0.29 3.17 -7.88
CA LEU A 46 -1.38 2.20 -7.79
C LEU A 46 -2.66 2.86 -7.29
N PHE A 47 -3.79 2.15 -7.45
CA PHE A 47 -5.08 2.67 -7.03
C PHE A 47 -5.57 1.93 -5.78
N ILE A 48 -5.39 2.53 -4.62
CA ILE A 48 -5.82 1.92 -3.37
C ILE A 48 -7.30 2.20 -3.09
N ARG A 49 -8.08 1.13 -2.97
CA ARG A 49 -9.51 1.25 -2.72
C ARG A 49 -9.85 0.70 -1.34
N MET A 50 -11.08 0.98 -0.88
CA MET A 50 -11.54 0.51 0.41
C MET A 50 -12.89 -0.19 0.28
N LEU A 51 -12.93 -1.45 0.68
CA LEU A 51 -14.16 -2.24 0.61
C LEU A 51 -15.02 -2.00 1.84
N HIS A 52 -16.18 -1.37 1.64
CA HIS A 52 -17.10 -1.08 2.73
C HIS A 52 -16.37 -0.40 3.89
N ASN A 53 -15.42 0.47 3.55
CA ASN A 53 -14.65 1.19 4.56
C ASN A 53 -14.22 0.25 5.68
N LYS A 54 -13.92 -1.00 5.32
CA LYS A 54 -13.49 -1.99 6.30
C LYS A 54 -12.22 -2.70 5.83
N HIS A 55 -12.12 -2.91 4.53
CA HIS A 55 -10.95 -3.58 3.96
C HIS A 55 -10.20 -2.64 3.02
N VAL A 56 -8.88 -2.70 3.06
CA VAL A 56 -8.05 -1.86 2.20
C VAL A 56 -7.30 -2.69 1.16
N MET A 57 -7.67 -2.50 -0.10
CA MET A 57 -7.04 -3.23 -1.19
C MET A 57 -6.39 -2.28 -2.20
N VAL A 58 -5.55 -2.82 -3.06
CA VAL A 58 -4.87 -2.01 -4.07
C VAL A 58 -5.06 -2.58 -5.46
N ARG A 59 -4.92 -1.74 -6.48
CA ARG A 59 -5.08 -2.16 -7.86
C ARG A 59 -3.74 -2.55 -8.47
N VAL A 60 -3.58 -3.84 -8.76
CA VAL A 60 -2.34 -4.35 -9.35
C VAL A 60 -2.56 -4.77 -10.80
N GLY A 61 -1.51 -5.30 -11.41
CA GLY A 61 -1.60 -5.74 -12.80
C GLY A 61 -2.05 -7.19 -12.92
N GLY A 62 -3.16 -7.51 -12.26
CA GLY A 62 -3.67 -8.87 -12.31
C GLY A 62 -4.50 -9.22 -11.09
N GLY A 63 -5.27 -8.26 -10.60
CA GLY A 63 -6.10 -8.48 -9.43
C GLY A 63 -5.90 -7.43 -8.36
N TRP A 64 -6.34 -7.75 -7.14
CA TRP A 64 -6.20 -6.81 -6.02
C TRP A 64 -5.71 -7.54 -4.77
N GLU A 65 -4.84 -6.87 -4.02
CA GLU A 65 -4.28 -7.46 -2.81
C GLU A 65 -4.47 -6.51 -1.62
N THR A 66 -4.07 -6.97 -0.44
CA THR A 66 -4.20 -6.16 0.77
C THR A 66 -3.08 -5.14 0.86
N PHE A 67 -3.46 -3.87 0.94
CA PHE A 67 -2.50 -2.77 1.03
C PHE A 67 -1.35 -3.14 1.99
N ALA A 68 -1.71 -3.54 3.20
CA ALA A 68 -0.72 -3.92 4.20
C ALA A 68 0.16 -5.06 3.70
N GLY A 69 -0.40 -5.90 2.82
CA GLY A 69 0.35 -7.02 2.28
C GLY A 69 1.30 -6.59 1.18
N TYR A 70 0.85 -5.66 0.35
CA TYR A 70 1.68 -5.17 -0.76
C TYR A 70 2.87 -4.38 -0.24
N LEU A 71 2.69 -3.70 0.88
CA LEU A 71 3.76 -2.91 1.48
C LEU A 71 4.83 -3.81 2.09
N LEU A 72 4.41 -4.77 2.89
CA LEU A 72 5.32 -5.71 3.53
C LEU A 72 6.23 -6.37 2.50
N LYS A 73 5.67 -6.67 1.32
CA LYS A 73 6.43 -7.30 0.26
C LYS A 73 7.69 -6.52 -0.06
N HIS A 74 7.52 -5.24 -0.40
CA HIS A 74 8.65 -4.38 -0.72
C HIS A 74 9.46 -4.04 0.53
N ASP A 75 8.78 -3.51 1.54
CA ASP A 75 9.44 -3.14 2.79
C ASP A 75 10.12 -4.36 3.41
N PRO A 76 11.46 -4.29 3.52
CA PRO A 76 12.27 -5.38 4.09
C PRO A 76 12.05 -5.52 5.59
N CYS A 77 12.09 -4.40 6.31
CA CYS A 77 11.91 -4.40 7.75
C CYS A 77 10.56 -5.02 8.12
N ARG A 78 9.63 -5.01 7.18
CA ARG A 78 8.30 -5.56 7.41
C ARG A 78 8.30 -7.07 7.19
N MET A 79 8.97 -7.52 6.12
CA MET A 79 9.05 -8.93 5.81
C MET A 79 9.29 -9.76 7.07
N LEU A 80 9.97 -9.17 8.04
CA LEU A 80 10.26 -9.85 9.29
C LEU A 80 9.01 -10.53 9.85
N GLN A 81 7.96 -9.74 10.08
CA GLN A 81 6.71 -10.26 10.61
C GLN A 81 6.24 -11.46 9.79
N ILE A 82 5.52 -12.38 10.45
CA ILE A 82 5.01 -13.56 9.78
C ILE A 82 4.20 -13.19 8.54
N SER A 83 4.77 -13.48 7.37
CA SER A 83 4.11 -13.17 6.10
C SER A 83 4.20 -14.35 5.15
N ARG A 84 3.31 -14.38 4.16
CA ARG A 84 3.28 -15.46 3.18
C ARG A 84 2.82 -14.94 1.82
N VAL A 85 3.75 -14.80 0.89
CA VAL A 85 3.43 -14.32 -0.45
C VAL A 85 4.26 -15.06 -1.51
N ASP A 86 3.86 -14.89 -2.77
CA ASP A 86 4.56 -15.54 -3.88
C ASP A 86 5.39 -14.52 -4.66
N GLY A 87 4.71 -13.52 -5.23
CA GLY A 87 5.39 -12.51 -6.00
C GLY A 87 4.47 -11.80 -6.97
N LYS A 88 4.99 -11.46 -8.14
CA LYS A 88 4.20 -10.77 -9.16
C LYS A 88 4.51 -11.32 -10.55
N THR A 89 3.49 -11.88 -11.20
CA THR A 89 3.65 -12.45 -12.53
C THR A 89 3.05 -11.54 -13.59
N SER A 90 3.89 -10.76 -14.26
CA SER A 90 3.45 -9.84 -15.29
C SER A 90 4.55 -9.60 -16.32
N PRO A 91 4.15 -9.51 -17.60
CA PRO A 91 5.09 -9.29 -18.70
C PRO A 91 5.68 -7.88 -18.69
N SER A 92 6.99 -7.79 -18.54
CA SER A 92 7.67 -6.51 -18.51
C SER A 92 7.05 -5.53 -19.50
N GLY A 93 7.16 -4.24 -19.20
CA GLY A 93 6.60 -3.23 -20.07
C GLY A 93 5.69 -2.26 -19.33
N PRO A 94 6.23 -1.07 -19.01
CA PRO A 94 5.48 -0.04 -18.29
C PRO A 94 4.40 0.59 -19.15
N SER A 95 3.65 1.53 -18.57
CA SER A 95 2.57 2.21 -19.28
C SER A 95 2.63 3.71 -19.04
N SER A 96 2.03 4.47 -19.96
CA SER A 96 2.02 5.92 -19.85
C SER A 96 0.75 6.50 -20.48
N GLY A 97 0.29 7.62 -19.94
CA GLY A 97 -0.91 8.26 -20.46
C GLY A 97 -1.52 9.23 -19.48
ZN ZN B . 11.55 -0.36 6.40
N GLY A 1 -16.89 27.81 -1.85
CA GLY A 1 -17.25 26.86 -2.87
C GLY A 1 -16.82 25.45 -2.51
N SER A 2 -17.35 24.92 -1.42
CA SER A 2 -17.02 23.58 -0.96
C SER A 2 -18.18 22.62 -1.19
N SER A 3 -17.88 21.44 -1.70
CA SER A 3 -18.90 20.43 -1.97
C SER A 3 -18.34 19.02 -1.77
N GLY A 4 -19.22 18.03 -1.85
CA GLY A 4 -18.80 16.65 -1.68
C GLY A 4 -18.80 16.23 -0.22
N SER A 5 -19.31 15.03 0.04
CA SER A 5 -19.37 14.51 1.40
C SER A 5 -18.21 13.53 1.66
N SER A 6 -17.03 13.89 1.19
CA SER A 6 -15.85 13.06 1.36
C SER A 6 -15.58 12.82 2.84
N GLY A 7 -15.59 11.54 3.23
CA GLY A 7 -15.34 11.19 4.63
C GLY A 7 -13.86 11.18 4.96
N ASN A 8 -13.04 10.75 4.00
CA ASN A 8 -11.60 10.68 4.20
C ASN A 8 -11.24 9.54 5.14
N LEU A 9 -11.85 8.38 4.93
CA LEU A 9 -11.58 7.20 5.74
C LEU A 9 -10.37 6.44 5.22
N LEU A 10 -10.24 6.37 3.91
CA LEU A 10 -9.13 5.66 3.28
C LEU A 10 -7.80 6.34 3.62
N ASP A 11 -7.74 7.66 3.44
CA ASP A 11 -6.53 8.41 3.72
C ASP A 11 -5.96 8.03 5.08
N ASP A 12 -6.79 8.13 6.11
CA ASP A 12 -6.37 7.80 7.47
C ASP A 12 -5.90 6.35 7.55
N ALA A 13 -6.66 5.45 6.94
CA ALA A 13 -6.32 4.03 6.94
C ALA A 13 -4.94 3.80 6.34
N VAL A 14 -4.68 4.43 5.20
CA VAL A 14 -3.38 4.30 4.53
C VAL A 14 -2.26 4.88 5.38
N LYS A 15 -2.50 6.05 5.96
CA LYS A 15 -1.51 6.71 6.78
C LYS A 15 -1.14 5.85 7.98
N ARG A 16 -2.15 5.31 8.66
CA ARG A 16 -1.93 4.46 9.82
C ARG A 16 -1.14 3.21 9.43
N ILE A 17 -1.73 2.37 8.60
CA ILE A 17 -1.08 1.15 8.14
C ILE A 17 0.37 1.40 7.77
N SER A 18 0.59 2.42 6.95
CA SER A 18 1.94 2.76 6.50
C SER A 18 2.84 3.09 7.70
N GLU A 19 2.25 3.69 8.72
CA GLU A 19 2.99 4.06 9.92
C GLU A 19 2.70 3.08 11.06
N ASP A 20 2.43 1.83 10.71
CA ASP A 20 2.14 0.80 11.70
C ASP A 20 2.01 -0.56 11.04
N PRO A 21 3.04 -1.41 11.23
CA PRO A 21 4.23 -1.04 12.00
C PRO A 21 5.08 0.00 11.31
N PRO A 22 5.68 0.90 12.10
CA PRO A 22 6.54 1.97 11.58
C PRO A 22 7.85 1.45 11.02
N CYS A 23 8.16 1.83 9.79
CA CYS A 23 9.39 1.39 9.14
C CYS A 23 10.60 1.71 10.01
N LYS A 24 11.43 0.70 10.24
CA LYS A 24 12.63 0.86 11.06
C LYS A 24 13.74 1.53 10.26
N CYS A 25 13.89 1.12 9.00
CA CYS A 25 14.91 1.67 8.13
C CYS A 25 14.97 3.18 8.25
N PRO A 26 16.16 3.75 7.98
CA PRO A 26 16.38 5.20 8.05
C PRO A 26 15.66 5.95 6.94
N THR A 27 14.99 5.20 6.06
CA THR A 27 14.26 5.80 4.96
C THR A 27 12.87 5.18 4.81
N LYS A 28 11.87 5.85 5.40
CA LYS A 28 10.49 5.36 5.34
C LYS A 28 10.06 5.14 3.89
N PHE A 29 8.95 4.43 3.72
CA PHE A 29 8.43 4.13 2.38
C PHE A 29 7.85 5.39 1.74
N CYS A 30 7.58 5.30 0.45
CA CYS A 30 7.02 6.43 -0.29
C CYS A 30 5.52 6.27 -0.48
N VAL A 31 4.74 7.12 0.20
CA VAL A 31 3.29 7.07 0.11
C VAL A 31 2.70 8.48 -0.01
N GLU A 32 2.17 8.79 -1.19
CA GLU A 32 1.58 10.10 -1.44
C GLU A 32 0.15 9.95 -1.95
N ARG A 33 -0.71 10.87 -1.54
CA ARG A 33 -2.11 10.86 -1.96
C ARG A 33 -2.31 11.69 -3.22
N LEU A 34 -2.77 11.04 -4.28
CA LEU A 34 -3.01 11.72 -5.56
C LEU A 34 -4.49 11.94 -5.78
N SER A 35 -5.28 10.88 -5.63
CA SER A 35 -6.73 10.96 -5.82
C SER A 35 -7.45 10.07 -4.83
N GLN A 36 -8.78 10.19 -4.80
CA GLN A 36 -9.60 9.39 -3.89
C GLN A 36 -9.06 7.97 -3.78
N GLY A 37 -8.83 7.34 -4.92
CA GLY A 37 -8.33 5.98 -4.93
C GLY A 37 -7.00 5.86 -5.67
N ARG A 38 -6.13 6.85 -5.48
CA ARG A 38 -4.83 6.84 -6.13
C ARG A 38 -3.74 7.33 -5.17
N TYR A 39 -2.63 6.60 -5.13
CA TYR A 39 -1.52 6.94 -4.27
C TYR A 39 -0.19 6.50 -4.86
N ARG A 40 0.90 7.11 -4.41
CA ARG A 40 2.24 6.77 -4.90
C ARG A 40 2.91 5.76 -3.98
N VAL A 41 2.82 4.48 -4.34
CA VAL A 41 3.42 3.42 -3.55
C VAL A 41 4.82 3.09 -4.04
N GLY A 42 5.82 3.43 -3.24
CA GLY A 42 7.20 3.18 -3.62
C GLY A 42 7.65 4.01 -4.79
N GLU A 43 7.87 3.37 -5.93
CA GLU A 43 8.31 4.07 -7.13
C GLU A 43 7.35 3.81 -8.29
N LYS A 44 6.10 3.52 -7.96
CA LYS A 44 5.08 3.25 -8.97
C LYS A 44 3.71 3.78 -8.53
N ILE A 45 2.85 4.06 -9.49
CA ILE A 45 1.52 4.56 -9.21
C ILE A 45 0.47 3.46 -9.31
N LEU A 46 -0.23 3.21 -8.22
CA LEU A 46 -1.26 2.18 -8.18
C LEU A 46 -2.59 2.76 -7.71
N PHE A 47 -3.68 2.11 -8.08
CA PHE A 47 -5.01 2.55 -7.70
C PHE A 47 -5.48 1.83 -6.43
N ILE A 48 -5.37 2.51 -5.29
CA ILE A 48 -5.77 1.94 -4.01
C ILE A 48 -7.21 2.31 -3.68
N ARG A 49 -8.07 1.30 -3.58
CA ARG A 49 -9.47 1.52 -3.27
C ARG A 49 -9.82 0.93 -1.90
N MET A 50 -11.01 1.26 -1.41
CA MET A 50 -11.46 0.76 -0.11
C MET A 50 -12.84 0.09 -0.24
N LEU A 51 -12.88 -1.21 0.06
CA LEU A 51 -14.11 -1.97 -0.01
C LEU A 51 -15.04 -1.62 1.15
N HIS A 52 -16.07 -0.82 0.85
CA HIS A 52 -17.04 -0.42 1.87
C HIS A 52 -16.33 0.27 3.03
N ASN A 53 -15.27 1.01 2.72
CA ASN A 53 -14.51 1.72 3.74
C ASN A 53 -14.17 0.80 4.92
N LYS A 54 -13.83 -0.45 4.60
CA LYS A 54 -13.49 -1.43 5.63
C LYS A 54 -12.19 -2.15 5.29
N HIS A 55 -12.00 -2.42 4.00
CA HIS A 55 -10.79 -3.11 3.54
C HIS A 55 -10.02 -2.24 2.54
N VAL A 56 -8.71 -2.20 2.69
CA VAL A 56 -7.87 -1.40 1.81
C VAL A 56 -7.12 -2.29 0.82
N MET A 57 -7.59 -2.31 -0.42
CA MET A 57 -6.97 -3.12 -1.46
C MET A 57 -6.29 -2.24 -2.51
N VAL A 58 -5.46 -2.85 -3.34
CA VAL A 58 -4.74 -2.12 -4.38
C VAL A 58 -4.97 -2.75 -5.75
N ARG A 59 -4.62 -2.01 -6.80
CA ARG A 59 -4.79 -2.50 -8.16
C ARG A 59 -3.45 -3.01 -8.72
N VAL A 60 -3.37 -4.32 -8.93
CA VAL A 60 -2.15 -4.93 -9.46
C VAL A 60 -2.48 -6.06 -10.42
N GLY A 61 -1.97 -5.96 -11.64
CA GLY A 61 -2.23 -6.99 -12.64
C GLY A 61 -3.59 -7.62 -12.48
N GLY A 62 -4.61 -6.94 -13.01
CA GLY A 62 -5.97 -7.45 -12.91
C GLY A 62 -6.20 -8.23 -11.63
N GLY A 63 -5.79 -7.65 -10.51
CA GLY A 63 -5.97 -8.31 -9.23
C GLY A 63 -5.99 -7.33 -8.07
N TRP A 64 -6.60 -7.72 -6.96
CA TRP A 64 -6.69 -6.87 -5.78
C TRP A 64 -6.10 -7.57 -4.57
N GLU A 65 -5.11 -6.92 -3.95
CA GLU A 65 -4.45 -7.48 -2.77
C GLU A 65 -4.53 -6.50 -1.60
N THR A 66 -4.15 -6.98 -0.42
CA THR A 66 -4.16 -6.16 0.78
C THR A 66 -3.01 -5.16 0.79
N PHE A 67 -3.35 -3.88 0.70
CA PHE A 67 -2.35 -2.82 0.70
C PHE A 67 -1.18 -3.18 1.61
N ALA A 68 -1.51 -3.59 2.84
CA ALA A 68 -0.49 -3.95 3.82
C ALA A 68 0.41 -5.06 3.29
N GLY A 69 -0.20 -6.03 2.60
CA GLY A 69 0.56 -7.14 2.05
C GLY A 69 1.64 -6.68 1.10
N TYR A 70 1.30 -5.75 0.21
CA TYR A 70 2.26 -5.23 -0.75
C TYR A 70 3.36 -4.42 -0.07
N LEU A 71 2.98 -3.68 0.97
CA LEU A 71 3.92 -2.87 1.73
C LEU A 71 4.96 -3.74 2.42
N LEU A 72 4.48 -4.70 3.20
CA LEU A 72 5.37 -5.61 3.93
C LEU A 72 6.37 -6.27 2.99
N LYS A 73 5.90 -6.62 1.79
CA LYS A 73 6.76 -7.25 0.79
C LYS A 73 7.92 -6.33 0.41
N HIS A 74 7.60 -5.19 -0.17
CA HIS A 74 8.61 -4.22 -0.58
C HIS A 74 9.50 -3.83 0.60
N ASP A 75 8.88 -3.57 1.74
CA ASP A 75 9.62 -3.20 2.94
C ASP A 75 10.32 -4.41 3.55
N PRO A 76 11.66 -4.33 3.63
CA PRO A 76 12.48 -5.41 4.19
C PRO A 76 12.30 -5.55 5.69
N CYS A 77 12.44 -4.44 6.40
CA CYS A 77 12.29 -4.44 7.86
C CYS A 77 10.96 -5.05 8.27
N ARG A 78 9.91 -4.75 7.51
CA ARG A 78 8.59 -5.26 7.79
C ARG A 78 8.57 -6.79 7.75
N MET A 79 9.14 -7.36 6.69
CA MET A 79 9.20 -8.80 6.52
C MET A 79 9.49 -9.48 7.86
N LEU A 80 10.32 -8.85 8.68
CA LEU A 80 10.67 -9.40 9.98
C LEU A 80 9.47 -10.04 10.65
N GLN A 81 8.33 -9.34 10.61
CA GLN A 81 7.10 -9.84 11.22
C GLN A 81 6.74 -11.21 10.65
N ILE A 82 5.68 -11.81 11.19
CA ILE A 82 5.22 -13.11 10.74
C ILE A 82 4.50 -13.01 9.40
N SER A 83 4.97 -13.75 8.41
CA SER A 83 4.37 -13.74 7.08
C SER A 83 4.51 -15.09 6.40
N ARG A 84 3.55 -15.44 5.56
CA ARG A 84 3.57 -16.70 4.84
C ARG A 84 4.22 -16.55 3.47
N VAL A 85 4.56 -17.67 2.84
CA VAL A 85 5.18 -17.66 1.53
C VAL A 85 4.15 -17.44 0.42
N ASP A 86 4.37 -16.44 -0.41
CA ASP A 86 3.47 -16.13 -1.51
C ASP A 86 3.68 -17.08 -2.67
N GLY A 87 4.89 -17.09 -3.21
CA GLY A 87 5.19 -17.96 -4.34
C GLY A 87 6.57 -17.71 -4.91
N LYS A 88 6.79 -18.14 -6.15
CA LYS A 88 8.07 -17.96 -6.82
C LYS A 88 8.14 -16.60 -7.49
N THR A 89 9.34 -16.23 -7.95
CA THR A 89 9.53 -14.95 -8.63
C THR A 89 10.87 -14.93 -9.38
N SER A 90 11.00 -13.97 -10.28
CA SER A 90 12.22 -13.84 -11.07
C SER A 90 13.34 -13.20 -10.24
N PRO A 91 14.55 -13.75 -10.37
CA PRO A 91 15.72 -13.25 -9.63
C PRO A 91 16.18 -11.88 -10.14
N SER A 92 16.90 -11.16 -9.29
CA SER A 92 17.39 -9.83 -9.65
C SER A 92 18.75 -9.57 -8.99
N GLY A 93 19.26 -8.36 -9.20
CA GLY A 93 20.54 -7.99 -8.63
C GLY A 93 20.51 -6.64 -7.95
N PRO A 94 19.97 -6.60 -6.72
CA PRO A 94 19.88 -5.36 -5.94
C PRO A 94 21.23 -4.86 -5.46
N SER A 95 21.23 -3.72 -4.79
CA SER A 95 22.47 -3.13 -4.28
C SER A 95 23.13 -4.04 -3.26
N SER A 96 24.44 -3.91 -3.12
CA SER A 96 25.19 -4.73 -2.18
C SER A 96 25.77 -3.87 -1.04
N GLY A 97 26.63 -2.93 -1.41
CA GLY A 97 27.24 -2.05 -0.43
C GLY A 97 28.67 -2.45 -0.10
ZN ZN B . 11.79 -0.38 6.64
N GLY A 1 -5.89 25.92 -6.37
CA GLY A 1 -6.92 25.88 -5.36
C GLY A 1 -7.13 24.49 -4.80
N SER A 2 -8.15 23.79 -5.30
CA SER A 2 -8.46 22.44 -4.84
C SER A 2 -8.23 22.31 -3.33
N SER A 3 -8.64 23.34 -2.60
CA SER A 3 -8.48 23.34 -1.14
C SER A 3 -9.79 23.01 -0.44
N GLY A 4 -9.74 22.07 0.49
CA GLY A 4 -10.93 21.68 1.22
C GLY A 4 -11.42 20.29 0.83
N SER A 5 -10.50 19.34 0.74
CA SER A 5 -10.83 17.97 0.38
C SER A 5 -10.21 16.98 1.35
N SER A 6 -10.24 17.32 2.64
CA SER A 6 -9.68 16.46 3.68
C SER A 6 -10.79 15.76 4.46
N GLY A 7 -11.28 14.65 3.91
CA GLY A 7 -12.34 13.90 4.58
C GLY A 7 -12.55 12.54 3.96
N ASN A 8 -11.80 11.54 4.41
CA ASN A 8 -11.92 10.19 3.89
C ASN A 8 -11.30 9.18 4.85
N LEU A 9 -11.89 8.00 4.92
CA LEU A 9 -11.39 6.94 5.80
C LEU A 9 -10.23 6.20 5.16
N LEU A 10 -10.30 6.02 3.84
CA LEU A 10 -9.25 5.34 3.10
C LEU A 10 -7.90 6.01 3.32
N ASP A 11 -7.81 7.28 2.96
CA ASP A 11 -6.57 8.03 3.13
C ASP A 11 -6.00 7.85 4.53
N ASP A 12 -6.89 7.85 5.53
CA ASP A 12 -6.47 7.68 6.91
C ASP A 12 -5.93 6.27 7.15
N ALA A 13 -6.60 5.28 6.58
CA ALA A 13 -6.19 3.89 6.74
C ALA A 13 -4.90 3.61 5.95
N VAL A 14 -4.69 4.37 4.88
CA VAL A 14 -3.51 4.21 4.05
C VAL A 14 -2.27 4.81 4.72
N LYS A 15 -2.50 5.86 5.51
CA LYS A 15 -1.41 6.53 6.22
C LYS A 15 -1.04 5.77 7.49
N ARG A 16 -2.05 5.29 8.20
CA ARG A 16 -1.84 4.56 9.44
C ARG A 16 -1.07 3.27 9.17
N ILE A 17 -1.55 2.48 8.23
CA ILE A 17 -0.91 1.21 7.88
C ILE A 17 0.54 1.44 7.44
N SER A 18 0.77 2.53 6.73
CA SER A 18 2.11 2.86 6.25
C SER A 18 2.97 3.41 7.38
N GLU A 19 2.32 3.91 8.42
CA GLU A 19 3.03 4.47 9.57
C GLU A 19 2.81 3.61 10.81
N ASP A 20 2.55 2.32 10.59
CA ASP A 20 2.34 1.39 11.70
C ASP A 20 2.22 -0.04 11.18
N PRO A 21 3.27 -0.83 11.39
CA PRO A 21 4.50 -0.36 12.07
C PRO A 21 5.28 0.64 11.23
N PRO A 22 5.91 1.61 11.91
CA PRO A 22 6.71 2.65 11.25
C PRO A 22 8.00 2.09 10.65
N CYS A 23 8.22 2.38 9.37
CA CYS A 23 9.42 1.91 8.69
C CYS A 23 10.67 2.20 9.51
N LYS A 24 11.20 1.16 10.14
CA LYS A 24 12.40 1.29 10.96
C LYS A 24 13.59 1.73 10.11
N CYS A 25 13.67 1.21 8.90
CA CYS A 25 14.76 1.55 7.99
C CYS A 25 14.97 3.07 7.93
N PRO A 26 16.21 3.47 7.63
CA PRO A 26 16.59 4.89 7.54
C PRO A 26 15.95 5.58 6.33
N THR A 27 15.12 4.84 5.61
CA THR A 27 14.45 5.38 4.43
C THR A 27 12.95 5.11 4.48
N LYS A 28 12.20 6.04 5.05
CA LYS A 28 10.75 5.90 5.16
C LYS A 28 10.12 5.69 3.79
N PHE A 29 9.56 4.51 3.58
CA PHE A 29 8.92 4.18 2.32
C PHE A 29 8.23 5.39 1.71
N CYS A 30 8.11 5.41 0.40
CA CYS A 30 7.46 6.51 -0.30
C CYS A 30 5.95 6.30 -0.40
N VAL A 31 5.20 7.07 0.37
CA VAL A 31 3.74 6.97 0.38
C VAL A 31 3.09 8.36 0.39
N GLU A 32 2.54 8.75 -0.75
CA GLU A 32 1.89 10.06 -0.86
C GLU A 32 0.56 9.93 -1.59
N ARG A 33 -0.43 10.71 -1.15
CA ARG A 33 -1.76 10.68 -1.76
C ARG A 33 -1.86 11.70 -2.89
N LEU A 34 -2.30 11.25 -4.05
CA LEU A 34 -2.45 12.13 -5.21
C LEU A 34 -3.91 12.51 -5.43
N SER A 35 -4.78 11.51 -5.38
CA SER A 35 -6.21 11.73 -5.59
C SER A 35 -7.03 10.63 -4.91
N GLN A 36 -8.34 10.85 -4.82
CA GLN A 36 -9.24 9.89 -4.19
C GLN A 36 -9.10 8.52 -4.85
N GLY A 37 -8.21 7.69 -4.31
CA GLY A 37 -8.00 6.36 -4.86
C GLY A 37 -6.71 6.26 -5.64
N ARG A 38 -5.68 6.98 -5.19
CA ARG A 38 -4.38 6.95 -5.86
C ARG A 38 -3.28 7.41 -4.91
N TYR A 39 -2.24 6.60 -4.79
CA TYR A 39 -1.11 6.92 -3.91
C TYR A 39 0.20 6.44 -4.53
N ARG A 40 1.28 7.15 -4.20
CA ARG A 40 2.60 6.80 -4.72
C ARG A 40 3.29 5.77 -3.82
N VAL A 41 3.46 4.57 -4.36
CA VAL A 41 4.10 3.49 -3.61
C VAL A 41 5.42 3.07 -4.26
N GLY A 42 6.53 3.46 -3.65
CA GLY A 42 7.84 3.13 -4.18
C GLY A 42 8.02 3.61 -5.60
N GLU A 43 7.85 4.91 -5.82
CA GLU A 43 8.01 5.49 -7.14
C GLU A 43 7.06 4.83 -8.14
N LYS A 44 5.85 4.53 -7.69
CA LYS A 44 4.85 3.88 -8.54
C LYS A 44 3.46 4.42 -8.24
N ILE A 45 2.59 4.38 -9.23
CA ILE A 45 1.22 4.86 -9.08
C ILE A 45 0.23 3.69 -9.04
N LEU A 46 -0.26 3.38 -7.84
CA LEU A 46 -1.21 2.29 -7.67
C LEU A 46 -2.57 2.82 -7.23
N PHE A 47 -3.63 2.11 -7.61
CA PHE A 47 -4.98 2.51 -7.26
C PHE A 47 -5.49 1.71 -6.05
N ILE A 48 -5.48 2.35 -4.89
CA ILE A 48 -5.92 1.70 -3.66
C ILE A 48 -7.40 1.99 -3.40
N ARG A 49 -8.19 0.94 -3.25
CA ARG A 49 -9.63 1.08 -3.00
C ARG A 49 -9.98 0.61 -1.59
N MET A 50 -11.22 0.83 -1.19
CA MET A 50 -11.68 0.43 0.13
C MET A 50 -12.98 -0.36 0.03
N LEU A 51 -12.91 -1.66 0.30
CA LEU A 51 -14.08 -2.52 0.23
C LEU A 51 -15.03 -2.23 1.40
N HIS A 52 -16.22 -1.75 1.07
CA HIS A 52 -17.23 -1.43 2.09
C HIS A 52 -16.61 -0.61 3.22
N ASN A 53 -15.59 0.19 2.89
CA ASN A 53 -14.92 1.01 3.87
C ASN A 53 -14.45 0.18 5.06
N LYS A 54 -14.04 -1.05 4.79
CA LYS A 54 -13.58 -1.95 5.84
C LYS A 54 -12.21 -2.53 5.49
N HIS A 55 -12.04 -2.92 4.23
CA HIS A 55 -10.78 -3.49 3.76
C HIS A 55 -10.12 -2.57 2.74
N VAL A 56 -8.78 -2.54 2.76
CA VAL A 56 -8.03 -1.70 1.84
C VAL A 56 -7.25 -2.56 0.84
N MET A 57 -7.72 -2.57 -0.40
CA MET A 57 -7.07 -3.35 -1.45
C MET A 57 -6.45 -2.43 -2.50
N VAL A 58 -5.58 -3.00 -3.35
CA VAL A 58 -4.93 -2.23 -4.39
C VAL A 58 -5.13 -2.87 -5.76
N ARG A 59 -4.94 -2.08 -6.81
CA ARG A 59 -5.10 -2.59 -8.17
C ARG A 59 -3.74 -2.93 -8.79
N VAL A 60 -3.50 -4.23 -8.99
CA VAL A 60 -2.24 -4.68 -9.58
C VAL A 60 -2.50 -5.51 -10.83
N GLY A 61 -2.71 -4.82 -11.95
CA GLY A 61 -2.96 -5.51 -13.20
C GLY A 61 -4.34 -6.13 -13.26
N GLY A 62 -4.43 -7.41 -12.90
CA GLY A 62 -5.71 -8.10 -12.92
C GLY A 62 -6.00 -8.81 -11.62
N GLY A 63 -5.77 -8.13 -10.50
CA GLY A 63 -6.01 -8.73 -9.20
C GLY A 63 -5.94 -7.71 -8.08
N TRP A 64 -6.65 -7.99 -6.99
CA TRP A 64 -6.67 -7.10 -5.84
C TRP A 64 -6.07 -7.77 -4.61
N GLU A 65 -5.11 -7.09 -3.98
CA GLU A 65 -4.46 -7.63 -2.80
C GLU A 65 -4.54 -6.64 -1.63
N THR A 66 -4.16 -7.09 -0.44
CA THR A 66 -4.19 -6.25 0.75
C THR A 66 -3.06 -5.23 0.73
N PHE A 67 -3.42 -3.95 0.69
CA PHE A 67 -2.44 -2.88 0.68
C PHE A 67 -1.26 -3.21 1.60
N ALA A 68 -1.55 -3.38 2.88
CA ALA A 68 -0.51 -3.70 3.87
C ALA A 68 0.41 -4.80 3.35
N GLY A 69 -0.18 -5.92 2.94
CA GLY A 69 0.60 -7.03 2.43
C GLY A 69 1.62 -6.59 1.39
N TYR A 70 1.16 -5.83 0.40
CA TYR A 70 2.03 -5.35 -0.67
C TYR A 70 3.16 -4.50 -0.10
N LEU A 71 2.94 -3.93 1.08
CA LEU A 71 3.94 -3.10 1.73
C LEU A 71 4.97 -3.96 2.46
N LEU A 72 4.53 -5.09 2.98
CA LEU A 72 5.43 -6.00 3.70
C LEU A 72 6.37 -6.71 2.74
N LYS A 73 5.81 -7.30 1.69
CA LYS A 73 6.60 -8.01 0.69
C LYS A 73 7.79 -7.16 0.24
N HIS A 74 7.53 -5.87 0.03
CA HIS A 74 8.58 -4.95 -0.41
C HIS A 74 9.39 -4.44 0.79
N ASP A 75 8.70 -3.98 1.81
CA ASP A 75 9.35 -3.47 3.02
C ASP A 75 9.86 -4.61 3.89
N PRO A 76 11.18 -4.65 4.10
CA PRO A 76 11.82 -5.69 4.91
C PRO A 76 11.48 -5.56 6.39
N CYS A 77 11.67 -4.36 6.93
CA CYS A 77 11.37 -4.11 8.34
C CYS A 77 9.94 -4.47 8.68
N ARG A 78 9.10 -4.54 7.66
CA ARG A 78 7.69 -4.88 7.84
C ARG A 78 7.50 -6.40 7.89
N MET A 79 8.07 -7.08 6.90
CA MET A 79 7.96 -8.54 6.83
C MET A 79 8.43 -9.19 8.12
N LEU A 80 9.41 -8.56 8.78
CA LEU A 80 9.96 -9.07 10.02
C LEU A 80 8.84 -9.58 10.93
N GLN A 81 7.64 -9.07 10.73
CA GLN A 81 6.49 -9.48 11.52
C GLN A 81 5.86 -10.75 10.97
N ILE A 82 6.69 -11.60 10.36
CA ILE A 82 6.21 -12.84 9.78
C ILE A 82 7.29 -13.92 9.81
N SER A 83 6.90 -15.13 10.16
CA SER A 83 7.84 -16.25 10.22
C SER A 83 7.83 -17.05 8.93
N ARG A 84 8.24 -16.41 7.84
CA ARG A 84 8.28 -17.05 6.54
C ARG A 84 9.50 -16.59 5.73
N VAL A 85 9.70 -17.20 4.58
CA VAL A 85 10.82 -16.85 3.71
C VAL A 85 10.40 -16.77 2.26
N ASP A 86 11.03 -15.88 1.50
CA ASP A 86 10.72 -15.70 0.09
C ASP A 86 10.56 -17.06 -0.60
N GLY A 87 11.63 -17.85 -0.60
CA GLY A 87 11.58 -19.16 -1.23
C GLY A 87 11.53 -19.07 -2.74
N LYS A 88 12.53 -19.65 -3.40
CA LYS A 88 12.59 -19.64 -4.86
C LYS A 88 12.79 -18.22 -5.38
N THR A 89 13.59 -17.44 -4.67
CA THR A 89 13.85 -16.06 -5.06
C THR A 89 15.12 -15.96 -5.91
N SER A 90 15.04 -15.19 -6.99
CA SER A 90 16.18 -15.02 -7.89
C SER A 90 17.33 -14.30 -7.20
N PRO A 91 18.55 -14.80 -7.38
CA PRO A 91 19.76 -14.23 -6.78
C PRO A 91 20.11 -12.88 -7.39
N SER A 92 20.16 -11.85 -6.55
CA SER A 92 20.48 -10.50 -7.00
C SER A 92 20.81 -9.60 -5.82
N GLY A 93 21.76 -8.69 -6.02
CA GLY A 93 22.16 -7.78 -4.97
C GLY A 93 22.40 -6.37 -5.48
N PRO A 94 21.31 -5.67 -5.81
CA PRO A 94 21.37 -4.29 -6.32
C PRO A 94 21.81 -3.30 -5.25
N SER A 95 22.11 -3.81 -4.06
CA SER A 95 22.53 -2.96 -2.95
C SER A 95 23.76 -3.56 -2.26
N SER A 96 24.74 -2.71 -2.00
CA SER A 96 25.98 -3.15 -1.34
C SER A 96 25.82 -3.14 0.18
N GLY A 97 24.65 -3.60 0.64
CA GLY A 97 24.40 -3.63 2.07
C GLY A 97 23.32 -4.63 2.44
ZN ZN B . 11.42 -0.27 6.47
N GLY A 1 -9.62 15.81 -7.26
CA GLY A 1 -10.36 17.04 -7.02
C GLY A 1 -10.38 17.43 -5.57
N SER A 2 -10.52 18.73 -5.30
CA SER A 2 -10.55 19.22 -3.92
C SER A 2 -11.81 18.75 -3.20
N SER A 3 -12.97 19.03 -3.79
CA SER A 3 -14.25 18.64 -3.21
C SER A 3 -14.25 17.16 -2.85
N GLY A 4 -15.17 16.78 -1.98
CA GLY A 4 -15.26 15.39 -1.56
C GLY A 4 -16.48 15.12 -0.70
N SER A 5 -16.54 13.92 -0.13
CA SER A 5 -17.66 13.54 0.74
C SER A 5 -17.45 14.05 2.16
N SER A 6 -16.98 15.29 2.27
CA SER A 6 -16.73 15.89 3.57
C SER A 6 -16.11 14.88 4.54
N GLY A 7 -15.16 14.10 4.02
CA GLY A 7 -14.51 13.09 4.85
C GLY A 7 -13.72 12.10 4.03
N ASN A 8 -12.45 11.91 4.38
CA ASN A 8 -11.59 10.98 3.67
C ASN A 8 -11.09 9.87 4.60
N LEU A 9 -11.91 8.83 4.75
CA LEU A 9 -11.56 7.71 5.61
C LEU A 9 -10.42 6.90 5.01
N LEU A 10 -10.53 6.57 3.72
CA LEU A 10 -9.50 5.81 3.03
C LEU A 10 -8.12 6.29 3.42
N ASP A 11 -7.85 7.56 3.16
CA ASP A 11 -6.55 8.15 3.48
C ASP A 11 -6.15 7.85 4.92
N ASP A 12 -7.02 8.22 5.86
CA ASP A 12 -6.77 7.99 7.27
C ASP A 12 -6.14 6.61 7.49
N ALA A 13 -6.71 5.60 6.82
CA ALA A 13 -6.21 4.24 6.95
C ALA A 13 -4.87 4.08 6.24
N VAL A 14 -4.86 4.32 4.94
CA VAL A 14 -3.64 4.19 4.15
C VAL A 14 -2.47 4.89 4.84
N LYS A 15 -2.78 5.89 5.65
CA LYS A 15 -1.76 6.64 6.37
C LYS A 15 -1.34 5.91 7.64
N ARG A 16 -2.31 5.36 8.36
CA ARG A 16 -2.04 4.64 9.59
C ARG A 16 -1.31 3.34 9.30
N ILE A 17 -1.83 2.55 8.36
CA ILE A 17 -1.21 1.29 7.99
C ILE A 17 0.25 1.48 7.59
N SER A 18 0.53 2.56 6.88
CA SER A 18 1.88 2.87 6.44
C SER A 18 2.78 3.21 7.62
N GLU A 19 2.17 3.77 8.67
CA GLU A 19 2.91 4.15 9.86
C GLU A 19 2.62 3.20 11.01
N ASP A 20 2.35 1.93 10.67
CA ASP A 20 2.07 0.92 11.67
C ASP A 20 1.92 -0.45 11.03
N PRO A 21 2.94 -1.30 11.20
CA PRO A 21 4.14 -0.95 11.97
C PRO A 21 4.99 0.10 11.25
N PRO A 22 5.61 0.99 12.03
CA PRO A 22 6.48 2.05 11.50
C PRO A 22 7.78 1.50 10.91
N CYS A 23 8.09 1.91 9.69
CA CYS A 23 9.30 1.47 9.02
C CYS A 23 10.53 1.78 9.86
N LYS A 24 11.21 0.74 10.31
CA LYS A 24 12.42 0.89 11.12
C LYS A 24 13.55 1.50 10.30
N CYS A 25 13.77 0.96 9.11
CA CYS A 25 14.83 1.44 8.23
C CYS A 25 14.95 2.96 8.31
N PRO A 26 16.15 3.49 8.04
CA PRO A 26 16.41 4.92 8.08
C PRO A 26 15.74 5.67 6.94
N THR A 27 14.98 4.93 6.13
CA THR A 27 14.28 5.52 4.99
C THR A 27 12.89 4.90 4.82
N LYS A 28 11.86 5.69 5.08
CA LYS A 28 10.49 5.21 4.95
C LYS A 28 10.11 5.03 3.49
N PHE A 29 9.15 4.14 3.24
CA PHE A 29 8.69 3.88 1.88
C PHE A 29 8.13 5.14 1.23
N CYS A 30 8.03 5.13 -0.09
CA CYS A 30 7.52 6.27 -0.84
C CYS A 30 6.00 6.22 -0.94
N VAL A 31 5.34 7.09 -0.18
CA VAL A 31 3.88 7.15 -0.17
C VAL A 31 3.38 8.59 -0.29
N GLU A 32 2.72 8.88 -1.40
CA GLU A 32 2.19 10.22 -1.65
C GLU A 32 0.73 10.16 -2.09
N ARG A 33 -0.06 11.14 -1.63
CA ARG A 33 -1.48 11.19 -1.99
C ARG A 33 -1.66 11.73 -3.40
N LEU A 34 -2.08 10.87 -4.31
CA LEU A 34 -2.29 11.25 -5.70
C LEU A 34 -3.72 11.77 -5.90
N SER A 35 -4.69 11.03 -5.38
CA SER A 35 -6.09 11.43 -5.51
C SER A 35 -6.97 10.59 -4.58
N GLN A 36 -8.27 10.88 -4.59
CA GLN A 36 -9.22 10.15 -3.75
C GLN A 36 -8.88 8.67 -3.70
N GLY A 37 -8.60 8.09 -4.87
CA GLY A 37 -8.26 6.69 -4.94
C GLY A 37 -6.95 6.43 -5.64
N ARG A 38 -5.98 7.32 -5.42
CA ARG A 38 -4.66 7.20 -6.03
C ARG A 38 -3.56 7.52 -5.02
N TYR A 39 -2.44 6.81 -5.13
CA TYR A 39 -1.31 7.02 -4.24
C TYR A 39 -0.03 6.45 -4.83
N ARG A 40 1.04 7.23 -4.77
CA ARG A 40 2.34 6.80 -5.30
C ARG A 40 3.03 5.86 -4.33
N VAL A 41 3.28 4.62 -4.78
CA VAL A 41 3.95 3.62 -3.95
C VAL A 41 5.17 3.05 -4.65
N GLY A 42 6.33 3.19 -4.02
CA GLY A 42 7.56 2.69 -4.60
C GLY A 42 7.75 3.13 -6.04
N GLU A 43 7.53 4.42 -6.29
CA GLU A 43 7.67 4.97 -7.63
C GLU A 43 6.67 4.34 -8.59
N LYS A 44 5.47 4.09 -8.10
CA LYS A 44 4.41 3.48 -8.91
C LYS A 44 3.06 4.11 -8.60
N ILE A 45 2.16 4.11 -9.58
CA ILE A 45 0.83 4.66 -9.41
C ILE A 45 -0.23 3.57 -9.34
N LEU A 46 -0.65 3.24 -8.12
CA LEU A 46 -1.65 2.20 -7.91
C LEU A 46 -2.95 2.80 -7.38
N PHE A 47 -4.07 2.19 -7.73
CA PHE A 47 -5.37 2.67 -7.28
C PHE A 47 -5.84 1.89 -6.05
N ILE A 48 -5.69 2.51 -4.88
CA ILE A 48 -6.09 1.88 -3.62
C ILE A 48 -7.57 2.09 -3.36
N ARG A 49 -8.31 0.99 -3.20
CA ARG A 49 -9.74 1.06 -2.94
C ARG A 49 -10.08 0.41 -1.59
N MET A 50 -11.15 0.88 -0.97
CA MET A 50 -11.58 0.35 0.31
C MET A 50 -12.95 -0.31 0.20
N LEU A 51 -13.02 -1.59 0.55
CA LEU A 51 -14.27 -2.33 0.48
C LEU A 51 -15.09 -2.13 1.76
N HIS A 52 -16.19 -1.40 1.63
CA HIS A 52 -17.07 -1.13 2.76
C HIS A 52 -16.28 -0.54 3.92
N ASN A 53 -15.28 0.28 3.60
CA ASN A 53 -14.44 0.90 4.62
C ASN A 53 -14.00 -0.11 5.67
N LYS A 54 -13.85 -1.37 5.24
CA LYS A 54 -13.43 -2.43 6.14
C LYS A 54 -12.13 -3.07 5.65
N HIS A 55 -11.97 -3.14 4.34
CA HIS A 55 -10.77 -3.72 3.74
C HIS A 55 -10.04 -2.70 2.87
N VAL A 56 -8.72 -2.83 2.80
CA VAL A 56 -7.90 -1.92 2.01
C VAL A 56 -7.12 -2.67 0.94
N MET A 57 -7.65 -2.69 -0.27
CA MET A 57 -7.00 -3.38 -1.38
C MET A 57 -6.38 -2.38 -2.36
N VAL A 58 -5.51 -2.86 -3.22
CA VAL A 58 -4.84 -2.01 -4.21
C VAL A 58 -4.99 -2.58 -5.61
N ARG A 59 -4.91 -1.70 -6.60
CA ARG A 59 -5.04 -2.11 -8.00
C ARG A 59 -3.69 -2.52 -8.57
N VAL A 60 -3.44 -3.82 -8.64
CA VAL A 60 -2.18 -4.34 -9.16
C VAL A 60 -2.42 -5.20 -10.40
N GLY A 61 -1.84 -4.77 -11.52
CA GLY A 61 -1.99 -5.51 -12.76
C GLY A 61 -2.15 -7.00 -12.53
N GLY A 62 -3.35 -7.51 -12.76
CA GLY A 62 -3.60 -8.93 -12.57
C GLY A 62 -4.68 -9.19 -11.54
N GLY A 63 -4.90 -8.23 -10.65
CA GLY A 63 -5.91 -8.37 -9.62
C GLY A 63 -5.82 -7.31 -8.55
N TRP A 64 -6.22 -7.65 -7.34
CA TRP A 64 -6.18 -6.70 -6.23
C TRP A 64 -5.67 -7.36 -4.96
N GLU A 65 -4.67 -6.75 -4.32
CA GLU A 65 -4.09 -7.28 -3.10
C GLU A 65 -4.30 -6.32 -1.93
N THR A 66 -3.93 -6.77 -0.73
CA THR A 66 -4.08 -5.95 0.46
C THR A 66 -2.93 -4.95 0.58
N PHE A 67 -3.27 -3.66 0.59
CA PHE A 67 -2.27 -2.61 0.70
C PHE A 67 -1.20 -2.99 1.72
N ALA A 68 -1.63 -3.38 2.92
CA ALA A 68 -0.71 -3.78 3.97
C ALA A 68 0.19 -4.93 3.53
N GLY A 69 -0.36 -5.80 2.68
CA GLY A 69 0.39 -6.94 2.20
C GLY A 69 1.40 -6.56 1.14
N TYR A 70 1.05 -5.59 0.30
CA TYR A 70 1.94 -5.14 -0.77
C TYR A 70 3.10 -4.34 -0.19
N LEU A 71 2.84 -3.62 0.89
CA LEU A 71 3.87 -2.80 1.54
C LEU A 71 4.90 -3.69 2.24
N LEU A 72 4.42 -4.58 3.10
CA LEU A 72 5.30 -5.49 3.84
C LEU A 72 6.15 -6.30 2.88
N LYS A 73 5.57 -6.68 1.75
CA LYS A 73 6.28 -7.46 0.74
C LYS A 73 7.59 -6.79 0.34
N HIS A 74 7.50 -5.51 0.00
CA HIS A 74 8.68 -4.74 -0.40
C HIS A 74 9.51 -4.35 0.82
N ASP A 75 8.85 -3.81 1.83
CA ASP A 75 9.52 -3.39 3.06
C ASP A 75 10.10 -4.59 3.80
N PRO A 76 11.43 -4.60 3.95
CA PRO A 76 12.14 -5.69 4.64
C PRO A 76 11.87 -5.70 6.13
N CYS A 77 12.04 -4.54 6.77
CA CYS A 77 11.81 -4.42 8.20
C CYS A 77 10.41 -4.90 8.57
N ARG A 78 9.45 -4.65 7.69
CA ARG A 78 8.07 -5.05 7.92
C ARG A 78 7.95 -6.57 8.02
N MET A 79 8.58 -7.26 7.07
CA MET A 79 8.55 -8.72 7.05
C MET A 79 8.69 -9.29 8.46
N LEU A 80 9.50 -8.64 9.28
CA LEU A 80 9.72 -9.08 10.65
C LEU A 80 8.43 -9.63 11.26
N GLN A 81 7.34 -8.88 11.08
CA GLN A 81 6.05 -9.30 11.62
C GLN A 81 5.67 -10.69 11.12
N ILE A 82 5.11 -11.50 12.01
CA ILE A 82 4.70 -12.85 11.66
C ILE A 82 3.23 -12.91 11.29
N SER A 83 2.95 -12.84 10.00
CA SER A 83 1.58 -12.88 9.50
C SER A 83 1.54 -12.99 7.98
N ARG A 84 0.79 -13.96 7.48
CA ARG A 84 0.67 -14.16 6.04
C ARG A 84 2.06 -14.33 5.40
N VAL A 85 2.92 -15.08 6.06
CA VAL A 85 4.28 -15.31 5.56
C VAL A 85 4.55 -16.80 5.38
N ASP A 86 3.53 -17.53 4.91
CA ASP A 86 3.67 -18.96 4.68
C ASP A 86 3.51 -19.29 3.20
N GLY A 87 4.56 -19.86 2.62
CA GLY A 87 4.53 -20.21 1.21
C GLY A 87 5.26 -21.51 0.93
N LYS A 88 4.82 -22.22 -0.10
CA LYS A 88 5.44 -23.48 -0.49
C LYS A 88 6.95 -23.33 -0.64
N THR A 89 7.69 -23.84 0.35
CA THR A 89 9.14 -23.76 0.33
C THR A 89 9.77 -25.13 0.51
N SER A 90 10.02 -25.82 -0.60
CA SER A 90 10.61 -27.15 -0.57
C SER A 90 11.85 -27.22 -1.47
N PRO A 91 13.03 -27.05 -0.84
CA PRO A 91 14.31 -27.09 -1.57
C PRO A 91 14.65 -28.49 -2.07
N SER A 92 15.01 -28.59 -3.34
CA SER A 92 15.37 -29.87 -3.94
C SER A 92 16.68 -30.40 -3.37
N GLY A 93 16.80 -31.71 -3.27
CA GLY A 93 18.01 -32.31 -2.75
C GLY A 93 17.73 -33.35 -1.68
N PRO A 94 18.68 -34.28 -1.48
CA PRO A 94 18.55 -35.34 -0.48
C PRO A 94 18.62 -34.82 0.95
N SER A 95 18.30 -35.68 1.90
CA SER A 95 18.33 -35.30 3.31
C SER A 95 17.43 -34.10 3.57
N SER A 96 16.26 -34.09 2.94
CA SER A 96 15.31 -32.99 3.10
C SER A 96 14.03 -33.47 3.77
N GLY A 97 13.21 -32.51 4.21
CA GLY A 97 11.96 -32.86 4.87
C GLY A 97 10.85 -31.86 4.56
ZN ZN B . 11.62 -0.42 6.68
N GLY A 1 -8.16 19.71 -0.44
CA GLY A 1 -7.09 19.08 0.31
C GLY A 1 -7.58 18.44 1.59
N SER A 2 -7.01 18.85 2.72
CA SER A 2 -7.39 18.30 4.01
C SER A 2 -7.75 19.42 5.00
N SER A 3 -6.87 20.42 5.09
CA SER A 3 -7.09 21.54 5.99
C SER A 3 -7.24 21.07 7.43
N GLY A 4 -6.40 20.12 7.82
CA GLY A 4 -6.45 19.59 9.18
C GLY A 4 -7.86 19.35 9.65
N SER A 5 -8.62 18.54 8.90
CA SER A 5 -10.00 18.24 9.25
C SER A 5 -10.40 16.86 8.71
N SER A 6 -11.07 16.09 9.56
CA SER A 6 -11.52 14.75 9.18
C SER A 6 -12.44 14.80 7.96
N GLY A 7 -12.24 13.87 7.04
CA GLY A 7 -13.05 13.83 5.84
C GLY A 7 -12.93 12.52 5.10
N ASN A 8 -11.71 12.20 4.66
CA ASN A 8 -11.46 10.96 3.92
C ASN A 8 -11.12 9.82 4.88
N LEU A 9 -11.63 8.64 4.58
CA LEU A 9 -11.38 7.46 5.41
C LEU A 9 -10.21 6.65 4.86
N LEU A 10 -10.30 6.29 3.58
CA LEU A 10 -9.25 5.52 2.94
C LEU A 10 -7.87 6.07 3.29
N ASP A 11 -7.66 7.34 3.00
CA ASP A 11 -6.38 7.99 3.29
C ASP A 11 -5.97 7.77 4.74
N ASP A 12 -6.87 8.11 5.65
CA ASP A 12 -6.61 7.96 7.08
C ASP A 12 -6.02 6.59 7.37
N ALA A 13 -6.58 5.56 6.74
CA ALA A 13 -6.11 4.20 6.94
C ALA A 13 -4.75 3.99 6.29
N VAL A 14 -4.73 4.06 4.95
CA VAL A 14 -3.49 3.87 4.20
C VAL A 14 -2.32 4.57 4.88
N LYS A 15 -2.52 5.84 5.20
CA LYS A 15 -1.48 6.64 5.86
C LYS A 15 -1.09 6.02 7.19
N ARG A 16 -2.09 5.66 7.99
CA ARG A 16 -1.84 5.05 9.30
C ARG A 16 -1.07 3.73 9.15
N ILE A 17 -1.37 3.01 8.08
CA ILE A 17 -0.70 1.73 7.82
C ILE A 17 0.75 1.94 7.44
N SER A 18 0.99 2.84 6.49
CA SER A 18 2.34 3.13 6.03
C SER A 18 3.21 3.65 7.18
N GLU A 19 2.60 4.40 8.07
CA GLU A 19 3.33 4.95 9.22
C GLU A 19 3.30 3.98 10.39
N ASP A 20 2.29 3.12 10.42
CA ASP A 20 2.15 2.14 11.49
C ASP A 20 1.78 0.77 10.92
N PRO A 21 2.70 -0.20 11.08
CA PRO A 21 3.97 0.02 11.75
C PRO A 21 4.91 0.91 10.93
N PRO A 22 5.65 1.79 11.62
CA PRO A 22 6.59 2.71 10.97
C PRO A 22 7.80 1.99 10.40
N CYS A 23 8.17 2.33 9.17
CA CYS A 23 9.32 1.71 8.51
C CYS A 23 10.59 1.92 9.33
N LYS A 24 11.15 0.81 9.82
CA LYS A 24 12.37 0.88 10.63
C LYS A 24 13.57 1.26 9.77
N CYS A 25 13.71 0.58 8.63
CA CYS A 25 14.81 0.85 7.71
C CYS A 25 15.11 2.35 7.66
N PRO A 26 16.38 2.69 7.33
CA PRO A 26 16.82 4.08 7.23
C PRO A 26 16.21 4.79 6.02
N THR A 27 15.34 4.09 5.30
CA THR A 27 14.69 4.66 4.12
C THR A 27 13.17 4.54 4.23
N LYS A 28 12.56 5.54 4.86
CA LYS A 28 11.11 5.56 5.03
C LYS A 28 10.41 5.43 3.67
N PHE A 29 9.41 4.55 3.61
CA PHE A 29 8.66 4.34 2.39
C PHE A 29 7.89 5.60 1.99
N CYS A 30 7.78 5.84 0.69
CA CYS A 30 7.07 6.99 0.19
C CYS A 30 5.59 6.69 -0.04
N VAL A 31 4.73 7.25 0.81
CA VAL A 31 3.30 7.02 0.70
C VAL A 31 2.53 8.33 0.87
N GLU A 32 2.00 8.86 -0.22
CA GLU A 32 1.24 10.10 -0.19
C GLU A 32 -0.03 9.98 -1.02
N ARG A 33 -1.02 10.81 -0.70
CA ARG A 33 -2.30 10.80 -1.42
C ARG A 33 -2.20 11.60 -2.71
N LEU A 34 -2.72 11.04 -3.79
CA LEU A 34 -2.69 11.72 -5.09
C LEU A 34 -4.10 11.97 -5.60
N SER A 35 -4.95 10.96 -5.53
CA SER A 35 -6.33 11.08 -5.97
C SER A 35 -7.28 10.33 -5.05
N GLN A 36 -8.58 10.47 -5.29
CA GLN A 36 -9.59 9.82 -4.46
C GLN A 36 -9.15 8.40 -4.11
N GLY A 37 -8.75 7.63 -5.11
CA GLY A 37 -8.31 6.27 -4.89
C GLY A 37 -6.94 5.99 -5.47
N ARG A 38 -6.05 6.96 -5.36
CA ARG A 38 -4.69 6.82 -5.88
C ARG A 38 -3.66 7.29 -4.85
N TYR A 39 -2.55 6.57 -4.78
CA TYR A 39 -1.48 6.90 -3.84
C TYR A 39 -0.12 6.47 -4.37
N ARG A 40 0.90 7.26 -4.09
CA ARG A 40 2.26 6.96 -4.54
C ARG A 40 2.91 5.92 -3.63
N VAL A 41 3.29 4.79 -4.21
CA VAL A 41 3.94 3.72 -3.45
C VAL A 41 5.32 3.40 -4.01
N GLY A 42 6.33 4.10 -3.51
CA GLY A 42 7.69 3.88 -3.97
C GLY A 42 7.86 4.17 -5.45
N GLU A 43 7.95 5.46 -5.79
CA GLU A 43 8.11 5.87 -7.18
C GLU A 43 7.17 5.09 -8.09
N LYS A 44 5.99 4.76 -7.57
CA LYS A 44 5.00 4.01 -8.33
C LYS A 44 3.60 4.53 -8.06
N ILE A 45 2.74 4.49 -9.07
CA ILE A 45 1.37 4.97 -8.93
C ILE A 45 0.38 3.80 -8.99
N LEU A 46 -0.14 3.43 -7.83
CA LEU A 46 -1.10 2.32 -7.75
C LEU A 46 -2.48 2.84 -7.38
N PHE A 47 -3.51 2.05 -7.71
CA PHE A 47 -4.89 2.43 -7.40
C PHE A 47 -5.39 1.69 -6.15
N ILE A 48 -5.34 2.37 -5.02
CA ILE A 48 -5.78 1.79 -3.76
C ILE A 48 -7.27 2.07 -3.52
N ARG A 49 -8.02 1.01 -3.23
CA ARG A 49 -9.46 1.15 -2.99
C ARG A 49 -9.81 0.67 -1.58
N MET A 50 -11.06 0.88 -1.18
CA MET A 50 -11.53 0.48 0.14
C MET A 50 -12.87 -0.23 0.05
N LEU A 51 -12.90 -1.49 0.46
CA LEU A 51 -14.14 -2.27 0.42
C LEU A 51 -14.97 -2.03 1.67
N HIS A 52 -16.13 -1.40 1.49
CA HIS A 52 -17.02 -1.10 2.61
C HIS A 52 -16.25 -0.48 3.77
N ASN A 53 -15.29 0.38 3.44
CA ASN A 53 -14.48 1.05 4.46
C ASN A 53 -14.05 0.07 5.53
N LYS A 54 -13.73 -1.16 5.12
CA LYS A 54 -13.29 -2.19 6.05
C LYS A 54 -12.03 -2.88 5.54
N HIS A 55 -11.92 -3.01 4.23
CA HIS A 55 -10.75 -3.64 3.62
C HIS A 55 -10.05 -2.68 2.66
N VAL A 56 -8.72 -2.75 2.65
CA VAL A 56 -7.93 -1.88 1.79
C VAL A 56 -7.14 -2.69 0.76
N MET A 57 -7.62 -2.71 -0.48
CA MET A 57 -6.97 -3.45 -1.54
C MET A 57 -6.31 -2.50 -2.54
N VAL A 58 -5.41 -3.03 -3.35
CA VAL A 58 -4.71 -2.23 -4.36
C VAL A 58 -4.78 -2.89 -5.73
N ARG A 59 -4.60 -2.08 -6.78
CA ARG A 59 -4.64 -2.59 -8.14
C ARG A 59 -3.23 -2.84 -8.67
N VAL A 60 -2.83 -4.11 -8.70
CA VAL A 60 -1.51 -4.49 -9.18
C VAL A 60 -1.52 -4.71 -10.69
N GLY A 61 -2.69 -5.04 -11.22
CA GLY A 61 -2.81 -5.28 -12.65
C GLY A 61 -3.55 -6.56 -12.96
N GLY A 62 -3.26 -7.62 -12.21
CA GLY A 62 -3.91 -8.89 -12.43
C GLY A 62 -4.55 -9.45 -11.17
N GLY A 63 -5.09 -8.55 -10.35
CA GLY A 63 -5.73 -8.97 -9.11
C GLY A 63 -5.57 -7.95 -8.00
N TRP A 64 -6.59 -7.84 -7.15
CA TRP A 64 -6.57 -6.90 -6.05
C TRP A 64 -6.03 -7.55 -4.78
N GLU A 65 -4.92 -7.04 -4.27
CA GLU A 65 -4.30 -7.57 -3.07
C GLU A 65 -4.45 -6.60 -1.90
N THR A 66 -4.17 -7.08 -0.70
CA THR A 66 -4.28 -6.26 0.50
C THR A 66 -3.11 -5.28 0.60
N PHE A 67 -3.43 -3.99 0.64
CA PHE A 67 -2.40 -2.95 0.74
C PHE A 67 -1.26 -3.40 1.65
N ALA A 68 -1.61 -3.79 2.88
CA ALA A 68 -0.62 -4.24 3.85
C ALA A 68 0.26 -5.34 3.27
N GLY A 69 -0.34 -6.22 2.48
CA GLY A 69 0.41 -7.31 1.88
C GLY A 69 1.44 -6.82 0.88
N TYR A 70 1.02 -5.89 0.01
CA TYR A 70 1.91 -5.34 -1.00
C TYR A 70 3.02 -4.51 -0.36
N LEU A 71 2.67 -3.81 0.72
CA LEU A 71 3.63 -2.96 1.43
C LEU A 71 4.62 -3.82 2.21
N LEU A 72 4.11 -4.73 3.01
CA LEU A 72 4.95 -5.61 3.82
C LEU A 72 5.82 -6.49 2.93
N LYS A 73 5.27 -6.95 1.82
CA LYS A 73 6.00 -7.79 0.88
C LYS A 73 7.32 -7.12 0.47
N HIS A 74 7.24 -5.87 0.06
CA HIS A 74 8.42 -5.13 -0.36
C HIS A 74 9.22 -4.66 0.85
N ASP A 75 8.51 -4.16 1.86
CA ASP A 75 9.15 -3.67 3.08
C ASP A 75 9.74 -4.83 3.89
N PRO A 76 11.08 -4.84 4.03
CA PRO A 76 11.78 -5.89 4.78
C PRO A 76 11.51 -5.81 6.27
N CYS A 77 11.55 -4.60 6.82
CA CYS A 77 11.31 -4.39 8.24
C CYS A 77 9.92 -4.88 8.64
N ARG A 78 8.99 -4.82 7.69
CA ARG A 78 7.62 -5.26 7.93
C ARG A 78 7.52 -6.78 7.97
N MET A 79 8.07 -7.42 6.95
CA MET A 79 8.06 -8.88 6.86
C MET A 79 8.51 -9.51 8.17
N LEU A 80 9.34 -8.78 8.91
CA LEU A 80 9.85 -9.27 10.19
C LEU A 80 8.76 -10.03 10.96
N GLN A 81 7.52 -9.62 10.76
CA GLN A 81 6.40 -10.26 11.43
C GLN A 81 5.92 -11.48 10.65
N ILE A 82 6.85 -12.13 9.97
CA ILE A 82 6.53 -13.32 9.18
C ILE A 82 7.69 -14.32 9.19
N SER A 83 7.35 -15.60 9.32
CA SER A 83 8.36 -16.66 9.35
C SER A 83 9.10 -16.73 8.01
N ARG A 84 10.40 -16.54 8.05
CA ARG A 84 11.22 -16.59 6.83
C ARG A 84 10.66 -17.60 5.84
N VAL A 85 10.69 -17.25 4.57
CA VAL A 85 10.20 -18.13 3.51
C VAL A 85 11.05 -18.04 2.26
N ASP A 86 11.38 -19.19 1.69
CA ASP A 86 12.20 -19.25 0.49
C ASP A 86 11.87 -18.09 -0.44
N GLY A 87 12.87 -17.64 -1.19
CA GLY A 87 12.68 -16.53 -2.11
C GLY A 87 13.97 -15.82 -2.45
N LYS A 88 14.22 -15.63 -3.74
CA LYS A 88 15.42 -14.96 -4.20
C LYS A 88 15.30 -14.54 -5.66
N THR A 89 16.01 -13.48 -6.03
CA THR A 89 15.98 -12.97 -7.40
C THR A 89 17.21 -12.12 -7.70
N SER A 90 17.70 -12.21 -8.93
CA SER A 90 18.87 -11.45 -9.34
C SER A 90 18.52 -10.49 -10.49
N PRO A 91 18.75 -9.19 -10.27
CA PRO A 91 18.47 -8.16 -11.26
C PRO A 91 19.43 -8.22 -12.45
N SER A 92 19.31 -7.26 -13.35
CA SER A 92 20.16 -7.20 -14.53
C SER A 92 21.41 -6.37 -14.26
N GLY A 93 21.20 -5.10 -13.94
CA GLY A 93 22.32 -4.21 -13.66
C GLY A 93 22.20 -2.88 -14.40
N PRO A 94 21.30 -2.01 -13.91
CA PRO A 94 21.08 -0.69 -14.50
C PRO A 94 22.25 0.25 -14.30
N SER A 95 22.10 1.49 -14.75
CA SER A 95 23.15 2.49 -14.60
C SER A 95 24.52 1.89 -14.89
N SER A 96 24.59 1.07 -15.95
CA SER A 96 25.83 0.41 -16.34
C SER A 96 26.72 1.38 -17.11
N GLY A 97 27.64 2.02 -16.40
CA GLY A 97 28.54 2.96 -17.04
C GLY A 97 29.44 3.68 -16.05
ZN ZN B . 11.37 -0.57 6.34
N GLY A 1 -23.02 18.72 -6.15
CA GLY A 1 -24.13 18.36 -5.29
C GLY A 1 -23.76 17.27 -4.30
N SER A 2 -22.79 17.55 -3.44
CA SER A 2 -22.35 16.58 -2.45
C SER A 2 -22.02 17.27 -1.12
N SER A 3 -21.80 16.47 -0.08
CA SER A 3 -21.49 17.02 1.24
C SER A 3 -20.66 16.02 2.04
N GLY A 4 -19.74 16.53 2.85
CA GLY A 4 -18.89 15.67 3.66
C GLY A 4 -17.47 16.18 3.75
N SER A 5 -17.32 17.50 3.91
CA SER A 5 -16.01 18.12 4.01
C SER A 5 -15.09 17.30 4.92
N SER A 6 -13.80 17.30 4.60
CA SER A 6 -12.82 16.56 5.38
C SER A 6 -13.21 15.09 5.50
N GLY A 7 -13.75 14.55 4.41
CA GLY A 7 -14.17 13.15 4.41
C GLY A 7 -13.09 12.23 3.86
N ASN A 8 -12.16 11.83 4.72
CA ASN A 8 -11.07 10.96 4.31
C ASN A 8 -11.24 9.57 4.94
N LEU A 9 -11.80 8.64 4.17
CA LEU A 9 -12.02 7.28 4.65
C LEU A 9 -10.81 6.40 4.34
N LEU A 10 -10.53 6.22 3.05
CA LEU A 10 -9.41 5.40 2.62
C LEU A 10 -8.10 5.90 3.24
N ASP A 11 -7.78 7.17 3.00
CA ASP A 11 -6.57 7.76 3.54
C ASP A 11 -6.30 7.29 4.96
N ASP A 12 -7.27 7.53 5.85
CA ASP A 12 -7.14 7.12 7.24
C ASP A 12 -6.56 5.72 7.34
N ALA A 13 -7.05 4.81 6.51
CA ALA A 13 -6.58 3.44 6.51
C ALA A 13 -5.14 3.35 6.02
N VAL A 14 -4.93 3.61 4.73
CA VAL A 14 -3.60 3.55 4.16
C VAL A 14 -2.56 4.18 5.08
N LYS A 15 -2.86 5.39 5.54
CA LYS A 15 -1.96 6.10 6.45
C LYS A 15 -1.72 5.30 7.71
N ARG A 16 -2.80 4.85 8.34
CA ARG A 16 -2.70 4.06 9.57
C ARG A 16 -1.85 2.82 9.35
N ILE A 17 -2.01 2.19 8.20
CA ILE A 17 -1.25 0.98 7.87
C ILE A 17 0.23 1.31 7.63
N SER A 18 0.46 2.34 6.82
CA SER A 18 1.83 2.75 6.51
C SER A 18 2.58 3.16 7.78
N GLU A 19 1.86 3.73 8.74
CA GLU A 19 2.45 4.16 10.00
C GLU A 19 2.40 3.04 11.03
N ASP A 20 1.45 2.13 10.85
CA ASP A 20 1.29 1.00 11.77
C ASP A 20 1.04 -0.29 11.01
N PRO A 21 2.01 -1.22 11.08
CA PRO A 21 3.24 -1.02 11.86
C PRO A 21 4.15 0.04 11.23
N PRO A 22 4.80 0.84 12.07
CA PRO A 22 5.72 1.90 11.62
C PRO A 22 7.00 1.34 11.02
N CYS A 23 7.41 1.90 9.89
CA CYS A 23 8.62 1.46 9.21
C CYS A 23 9.86 1.71 10.08
N LYS A 24 10.51 0.62 10.49
CA LYS A 24 11.71 0.72 11.33
C LYS A 24 12.83 1.43 10.59
N CYS A 25 13.11 0.98 9.36
CA CYS A 25 14.16 1.57 8.55
C CYS A 25 14.22 3.08 8.74
N PRO A 26 15.43 3.64 8.65
CA PRO A 26 15.65 5.08 8.81
C PRO A 26 15.08 5.89 7.65
N THR A 27 14.43 5.21 6.72
CA THR A 27 13.83 5.86 5.57
C THR A 27 12.39 5.40 5.36
N LYS A 28 11.44 6.29 5.65
CA LYS A 28 10.03 5.98 5.49
C LYS A 28 9.68 5.78 4.03
N PHE A 29 8.88 4.75 3.76
CA PHE A 29 8.46 4.44 2.39
C PHE A 29 7.87 5.67 1.71
N CYS A 30 7.76 5.61 0.39
CA CYS A 30 7.19 6.73 -0.37
C CYS A 30 5.70 6.55 -0.58
N VAL A 31 4.92 7.39 0.08
CA VAL A 31 3.46 7.32 -0.02
C VAL A 31 2.86 8.72 -0.12
N GLU A 32 2.40 9.08 -1.31
CA GLU A 32 1.81 10.40 -1.54
C GLU A 32 0.56 10.29 -2.42
N ARG A 33 -0.52 10.93 -1.99
CA ARG A 33 -1.77 10.90 -2.74
C ARG A 33 -1.65 11.69 -4.03
N LEU A 34 -2.18 11.13 -5.11
CA LEU A 34 -2.13 11.79 -6.42
C LEU A 34 -3.53 12.19 -6.87
N SER A 35 -4.48 11.27 -6.75
CA SER A 35 -5.86 11.53 -7.14
C SER A 35 -6.83 10.66 -6.36
N GLN A 36 -8.13 10.87 -6.60
CA GLN A 36 -9.16 10.10 -5.91
C GLN A 36 -8.95 8.60 -6.14
N GLY A 37 -8.35 7.94 -5.16
CA GLY A 37 -8.11 6.51 -5.26
C GLY A 37 -6.80 6.19 -5.95
N ARG A 38 -5.79 7.04 -5.73
CA ARG A 38 -4.48 6.85 -6.33
C ARG A 38 -3.38 7.34 -5.40
N TYR A 39 -2.36 6.52 -5.19
CA TYR A 39 -1.24 6.88 -4.33
C TYR A 39 0.08 6.38 -4.91
N ARG A 40 1.16 7.10 -4.62
CA ARG A 40 2.48 6.73 -5.11
C ARG A 40 3.16 5.76 -4.15
N VAL A 41 3.26 4.50 -4.57
CA VAL A 41 3.89 3.47 -3.76
C VAL A 41 5.31 3.18 -4.23
N GLY A 42 6.30 3.57 -3.43
CA GLY A 42 7.68 3.34 -3.80
C GLY A 42 8.05 4.00 -5.10
N GLU A 43 8.22 3.19 -6.15
CA GLU A 43 8.58 3.70 -7.46
C GLU A 43 7.56 3.28 -8.51
N LYS A 44 6.31 3.10 -8.08
CA LYS A 44 5.23 2.69 -8.98
C LYS A 44 3.92 3.33 -8.58
N ILE A 45 3.03 3.51 -9.56
CA ILE A 45 1.73 4.11 -9.30
C ILE A 45 0.63 3.06 -9.30
N LEU A 46 -0.11 2.98 -8.19
CA LEU A 46 -1.19 2.02 -8.06
C LEU A 46 -2.45 2.69 -7.48
N PHE A 47 -3.59 2.08 -7.71
CA PHE A 47 -4.86 2.61 -7.22
C PHE A 47 -5.31 1.85 -5.97
N ILE A 48 -5.20 2.50 -4.82
CA ILE A 48 -5.60 1.88 -3.56
C ILE A 48 -7.02 2.29 -3.18
N ARG A 49 -7.84 1.30 -2.86
CA ARG A 49 -9.23 1.55 -2.48
C ARG A 49 -9.55 0.90 -1.13
N MET A 50 -10.41 1.54 -0.36
CA MET A 50 -10.79 1.03 0.96
C MET A 50 -12.21 0.47 0.92
N LEU A 51 -12.36 -0.78 1.34
CA LEU A 51 -13.67 -1.43 1.35
C LEU A 51 -14.37 -1.20 2.68
N HIS A 52 -15.40 -0.36 2.68
CA HIS A 52 -16.15 -0.06 3.89
C HIS A 52 -15.22 0.30 5.03
N ASN A 53 -14.12 0.98 4.71
CA ASN A 53 -13.15 1.38 5.72
C ASN A 53 -12.82 0.22 6.66
N LYS A 54 -12.76 -0.98 6.10
CA LYS A 54 -12.46 -2.17 6.88
C LYS A 54 -11.33 -2.97 6.25
N HIS A 55 -11.33 -3.04 4.92
CA HIS A 55 -10.30 -3.77 4.18
C HIS A 55 -9.61 -2.87 3.17
N VAL A 56 -8.29 -2.76 3.30
CA VAL A 56 -7.50 -1.92 2.39
C VAL A 56 -6.88 -2.75 1.29
N MET A 57 -7.39 -2.61 0.07
CA MET A 57 -6.88 -3.34 -1.08
C MET A 57 -6.24 -2.40 -2.09
N VAL A 58 -5.50 -2.96 -3.04
CA VAL A 58 -4.84 -2.18 -4.07
C VAL A 58 -5.07 -2.77 -5.45
N ARG A 59 -4.88 -1.95 -6.48
CA ARG A 59 -5.06 -2.41 -7.86
C ARG A 59 -3.73 -2.84 -8.47
N VAL A 60 -3.56 -4.15 -8.62
CA VAL A 60 -2.34 -4.70 -9.19
C VAL A 60 -2.60 -5.33 -10.55
N GLY A 61 -2.71 -4.48 -11.57
CA GLY A 61 -2.96 -4.96 -12.92
C GLY A 61 -4.41 -5.33 -13.15
N GLY A 62 -4.96 -6.14 -12.25
CA GLY A 62 -6.34 -6.56 -12.37
C GLY A 62 -6.90 -7.11 -11.07
N GLY A 63 -6.04 -7.76 -10.28
CA GLY A 63 -6.47 -8.32 -9.02
C GLY A 63 -6.46 -7.30 -7.89
N TRP A 64 -6.79 -7.75 -6.69
CA TRP A 64 -6.81 -6.87 -5.53
C TRP A 64 -6.19 -7.55 -4.31
N GLU A 65 -5.05 -7.04 -3.86
CA GLU A 65 -4.36 -7.60 -2.71
C GLU A 65 -4.39 -6.64 -1.54
N THR A 66 -3.98 -7.12 -0.37
CA THR A 66 -3.96 -6.30 0.84
C THR A 66 -2.81 -5.30 0.80
N PHE A 67 -3.14 -4.02 0.84
CA PHE A 67 -2.14 -2.96 0.81
C PHE A 67 -0.92 -3.36 1.64
N ALA A 68 -1.16 -3.73 2.89
CA ALA A 68 -0.08 -4.14 3.79
C ALA A 68 0.77 -5.24 3.16
N GLY A 69 0.12 -6.14 2.45
CA GLY A 69 0.83 -7.24 1.80
C GLY A 69 1.79 -6.76 0.73
N TYR A 70 1.35 -5.79 -0.05
CA TYR A 70 2.18 -5.24 -1.13
C TYR A 70 3.32 -4.40 -0.56
N LEU A 71 3.04 -3.71 0.55
CA LEU A 71 4.04 -2.87 1.18
C LEU A 71 5.14 -3.71 1.83
N LEU A 72 4.73 -4.86 2.39
CA LEU A 72 5.67 -5.76 3.04
C LEU A 72 6.70 -6.30 2.05
N LYS A 73 6.22 -6.69 0.87
CA LYS A 73 7.09 -7.22 -0.17
C LYS A 73 8.31 -6.33 -0.36
N HIS A 74 8.08 -5.04 -0.58
CA HIS A 74 9.16 -4.08 -0.78
C HIS A 74 9.83 -3.74 0.55
N ASP A 75 9.01 -3.37 1.53
CA ASP A 75 9.51 -3.00 2.85
C ASP A 75 10.25 -4.17 3.49
N PRO A 76 11.54 -3.99 3.74
CA PRO A 76 12.38 -5.03 4.36
C PRO A 76 12.04 -5.26 5.82
N CYS A 77 11.95 -4.16 6.59
CA CYS A 77 11.63 -4.25 8.00
C CYS A 77 10.31 -5.00 8.21
N ARG A 78 9.44 -4.95 7.22
CA ARG A 78 8.15 -5.61 7.30
C ARG A 78 8.29 -7.11 6.99
N MET A 79 9.10 -7.42 5.99
CA MET A 79 9.32 -8.81 5.59
C MET A 79 9.43 -9.72 6.82
N LEU A 80 9.82 -9.13 7.94
CA LEU A 80 9.97 -9.88 9.19
C LEU A 80 8.61 -10.04 9.88
N GLN A 81 7.57 -10.29 9.09
CA GLN A 81 6.23 -10.46 9.64
C GLN A 81 5.58 -11.73 9.08
N ILE A 82 5.89 -12.05 7.83
CA ILE A 82 5.34 -13.22 7.18
C ILE A 82 5.13 -14.36 8.18
N SER A 83 3.90 -14.84 8.29
CA SER A 83 3.57 -15.92 9.21
C SER A 83 2.96 -17.10 8.46
N ARG A 84 2.05 -16.81 7.54
CA ARG A 84 1.38 -17.85 6.76
C ARG A 84 2.29 -18.34 5.63
N VAL A 85 2.21 -19.64 5.35
CA VAL A 85 3.02 -20.23 4.30
C VAL A 85 2.51 -19.86 2.92
N ASP A 86 1.20 -19.70 2.80
CA ASP A 86 0.58 -19.33 1.53
C ASP A 86 1.33 -18.18 0.88
N GLY A 87 1.29 -18.13 -0.46
CA GLY A 87 1.98 -17.08 -1.18
C GLY A 87 1.43 -16.91 -2.59
N LYS A 88 1.50 -17.97 -3.38
CA LYS A 88 1.01 -17.93 -4.75
C LYS A 88 -0.52 -17.84 -4.79
N THR A 89 -1.03 -16.72 -5.29
CA THR A 89 -2.47 -16.51 -5.39
C THR A 89 -2.94 -16.60 -6.83
N SER A 90 -2.23 -15.91 -7.73
CA SER A 90 -2.59 -15.91 -9.13
C SER A 90 -1.38 -16.28 -9.99
N PRO A 91 -1.41 -17.51 -10.54
CA PRO A 91 -0.32 -18.02 -11.38
C PRO A 91 -0.27 -17.32 -12.75
N SER A 92 0.61 -17.79 -13.62
CA SER A 92 0.76 -17.20 -14.94
C SER A 92 0.02 -18.04 -15.99
N GLY A 93 0.03 -17.55 -17.23
CA GLY A 93 -0.65 -18.26 -18.30
C GLY A 93 -0.97 -17.37 -19.48
N PRO A 94 -2.26 -17.02 -19.63
CA PRO A 94 -2.73 -16.16 -20.71
C PRO A 94 -2.26 -14.72 -20.55
N SER A 95 -1.77 -14.13 -21.65
CA SER A 95 -1.29 -12.76 -21.62
C SER A 95 -2.31 -11.81 -22.25
N SER A 96 -2.29 -10.55 -21.80
CA SER A 96 -3.21 -9.55 -22.31
C SER A 96 -2.48 -8.27 -22.69
N GLY A 97 -2.53 -7.92 -23.96
CA GLY A 97 -1.86 -6.71 -24.43
C GLY A 97 -0.46 -6.58 -23.89
ZN ZN B . 11.06 -0.25 6.73
N GLY A 1 -11.70 24.10 4.60
CA GLY A 1 -12.55 23.44 3.63
C GLY A 1 -13.99 23.30 4.11
N SER A 2 -14.30 22.16 4.72
CA SER A 2 -15.65 21.92 5.23
C SER A 2 -16.70 22.45 4.25
N SER A 3 -16.47 22.22 2.96
CA SER A 3 -17.40 22.67 1.94
C SER A 3 -18.19 21.50 1.36
N GLY A 4 -18.64 20.61 2.24
CA GLY A 4 -19.41 19.46 1.81
C GLY A 4 -18.53 18.26 1.48
N SER A 5 -17.70 18.41 0.46
CA SER A 5 -16.81 17.33 0.03
C SER A 5 -15.51 17.37 0.84
N SER A 6 -15.54 16.75 2.02
CA SER A 6 -14.37 16.71 2.88
C SER A 6 -14.52 15.63 3.95
N GLY A 7 -13.69 14.59 3.86
CA GLY A 7 -13.74 13.50 4.81
C GLY A 7 -13.39 12.17 4.19
N ASN A 8 -12.12 12.01 3.80
CA ASN A 8 -11.66 10.78 3.18
C ASN A 8 -11.23 9.77 4.25
N LEU A 9 -11.98 8.68 4.36
CA LEU A 9 -11.68 7.64 5.34
C LEU A 9 -10.47 6.82 4.90
N LEU A 10 -10.49 6.38 3.65
CA LEU A 10 -9.41 5.57 3.10
C LEU A 10 -8.05 6.14 3.52
N ASP A 11 -7.90 7.46 3.41
CA ASP A 11 -6.66 8.12 3.78
C ASP A 11 -6.24 7.74 5.19
N ASP A 12 -7.13 7.95 6.15
CA ASP A 12 -6.86 7.63 7.54
C ASP A 12 -6.23 6.25 7.67
N ALA A 13 -6.86 5.27 7.03
CA ALA A 13 -6.37 3.89 7.06
C ALA A 13 -4.98 3.79 6.44
N VAL A 14 -4.88 4.13 5.15
CA VAL A 14 -3.62 4.07 4.44
C VAL A 14 -2.50 4.68 5.27
N LYS A 15 -2.74 5.86 5.82
CA LYS A 15 -1.74 6.54 6.64
C LYS A 15 -1.32 5.68 7.82
N ARG A 16 -2.30 5.11 8.52
CA ARG A 16 -2.02 4.26 9.67
C ARG A 16 -1.23 3.03 9.25
N ILE A 17 -1.84 2.20 8.40
CA ILE A 17 -1.19 0.98 7.93
C ILE A 17 0.26 1.24 7.56
N SER A 18 0.50 2.34 6.84
CA SER A 18 1.84 2.71 6.42
C SER A 18 2.71 3.08 7.63
N GLU A 19 2.08 3.64 8.65
CA GLU A 19 2.79 4.04 9.86
C GLU A 19 2.50 3.08 11.00
N ASP A 20 2.14 1.85 10.66
CA ASP A 20 1.85 0.83 11.66
C ASP A 20 1.71 -0.54 11.02
N PRO A 21 2.73 -1.39 11.19
CA PRO A 21 3.92 -1.03 11.98
C PRO A 21 4.78 0.01 11.27
N PRO A 22 5.42 0.89 12.05
CA PRO A 22 6.28 1.95 11.52
C PRO A 22 7.57 1.41 10.93
N CYS A 23 7.87 1.83 9.70
CA CYS A 23 9.08 1.38 9.01
C CYS A 23 10.32 1.64 9.87
N LYS A 24 10.95 0.56 10.31
CA LYS A 24 12.15 0.65 11.13
C LYS A 24 13.26 1.37 10.39
N CYS A 25 13.53 0.94 9.16
CA CYS A 25 14.57 1.53 8.33
C CYS A 25 14.63 3.04 8.55
N PRO A 26 15.84 3.61 8.36
CA PRO A 26 16.06 5.05 8.53
C PRO A 26 15.37 5.88 7.44
N THR A 27 14.67 5.19 6.54
CA THR A 27 13.97 5.86 5.46
C THR A 27 12.62 5.22 5.19
N LYS A 28 11.55 5.92 5.55
CA LYS A 28 10.20 5.41 5.35
C LYS A 28 9.92 5.16 3.86
N PHE A 29 8.83 4.45 3.58
CA PHE A 29 8.46 4.15 2.21
C PHE A 29 7.94 5.40 1.49
N CYS A 30 7.69 5.27 0.20
CA CYS A 30 7.19 6.38 -0.60
C CYS A 30 5.68 6.29 -0.78
N VAL A 31 4.95 7.17 -0.09
CA VAL A 31 3.49 7.19 -0.17
C VAL A 31 2.97 8.61 -0.25
N GLU A 32 2.49 9.00 -1.43
CA GLU A 32 1.96 10.34 -1.63
C GLU A 32 0.59 10.28 -2.30
N ARG A 33 -0.41 10.86 -1.64
CA ARG A 33 -1.77 10.88 -2.17
C ARG A 33 -1.87 11.78 -3.40
N LEU A 34 -2.08 11.17 -4.56
CA LEU A 34 -2.19 11.92 -5.81
C LEU A 34 -3.62 12.41 -6.02
N SER A 35 -4.59 11.53 -5.78
CA SER A 35 -6.00 11.87 -5.95
C SER A 35 -6.89 10.77 -5.41
N GLN A 36 -8.20 10.96 -5.55
CA GLN A 36 -9.17 9.98 -5.07
C GLN A 36 -8.74 8.56 -5.45
N GLY A 37 -8.45 7.74 -4.44
CA GLY A 37 -8.04 6.38 -4.69
C GLY A 37 -6.76 6.30 -5.50
N ARG A 38 -5.80 7.15 -5.16
CA ARG A 38 -4.52 7.18 -5.86
C ARG A 38 -3.39 7.56 -4.92
N TYR A 39 -2.38 6.71 -4.85
CA TYR A 39 -1.22 6.96 -3.98
C TYR A 39 0.06 6.48 -4.63
N ARG A 40 1.09 7.33 -4.58
CA ARG A 40 2.39 6.99 -5.18
C ARG A 40 3.17 6.06 -4.26
N VAL A 41 3.09 4.76 -4.54
CA VAL A 41 3.79 3.75 -3.75
C VAL A 41 5.16 3.43 -4.35
N GLY A 42 6.20 3.73 -3.61
CA GLY A 42 7.55 3.47 -4.08
C GLY A 42 7.90 4.28 -5.32
N GLU A 43 8.00 3.61 -6.46
CA GLU A 43 8.33 4.28 -7.71
C GLU A 43 7.28 3.98 -8.78
N LYS A 44 6.07 3.69 -8.34
CA LYS A 44 4.97 3.39 -9.26
C LYS A 44 3.65 3.95 -8.74
N ILE A 45 2.66 4.04 -9.61
CA ILE A 45 1.35 4.55 -9.24
C ILE A 45 0.31 3.44 -9.22
N LEU A 46 -0.29 3.22 -8.05
CA LEU A 46 -1.32 2.19 -7.90
C LEU A 46 -2.61 2.78 -7.36
N PHE A 47 -3.72 2.14 -7.68
CA PHE A 47 -5.03 2.60 -7.22
C PHE A 47 -5.48 1.82 -5.99
N ILE A 48 -5.44 2.48 -4.84
CA ILE A 48 -5.84 1.85 -3.58
C ILE A 48 -7.30 2.13 -3.28
N ARG A 49 -8.12 1.09 -3.29
CA ARG A 49 -9.54 1.23 -3.00
C ARG A 49 -9.90 0.57 -1.67
N MET A 50 -10.94 1.08 -1.03
CA MET A 50 -11.39 0.54 0.25
C MET A 50 -12.76 -0.11 0.12
N LEU A 51 -12.84 -1.38 0.50
CA LEU A 51 -14.10 -2.12 0.43
C LEU A 51 -15.03 -1.73 1.57
N HIS A 52 -16.12 -1.04 1.22
CA HIS A 52 -17.10 -0.61 2.22
C HIS A 52 -16.40 0.10 3.37
N ASN A 53 -15.25 0.71 3.10
CA ASN A 53 -14.50 1.42 4.11
C ASN A 53 -14.14 0.51 5.27
N LYS A 54 -13.91 -0.76 4.96
CA LYS A 54 -13.56 -1.74 5.98
C LYS A 54 -12.23 -2.41 5.66
N HIS A 55 -12.01 -2.71 4.38
CA HIS A 55 -10.78 -3.36 3.95
C HIS A 55 -10.04 -2.47 2.93
N VAL A 56 -8.72 -2.41 3.06
CA VAL A 56 -7.90 -1.61 2.15
C VAL A 56 -7.17 -2.49 1.15
N MET A 57 -7.54 -2.38 -0.12
CA MET A 57 -6.92 -3.16 -1.17
C MET A 57 -6.33 -2.26 -2.24
N VAL A 58 -5.48 -2.83 -3.11
CA VAL A 58 -4.85 -2.07 -4.17
C VAL A 58 -5.04 -2.76 -5.52
N ARG A 59 -4.94 -1.98 -6.60
CA ARG A 59 -5.10 -2.51 -7.94
C ARG A 59 -3.75 -2.82 -8.57
N VAL A 60 -3.40 -4.11 -8.61
CA VAL A 60 -2.13 -4.54 -9.19
C VAL A 60 -2.36 -5.37 -10.44
N GLY A 61 -3.32 -4.96 -11.26
CA GLY A 61 -3.62 -5.68 -12.48
C GLY A 61 -4.19 -7.06 -12.23
N GLY A 62 -3.30 -8.03 -11.98
CA GLY A 62 -3.75 -9.38 -11.72
C GLY A 62 -5.03 -9.43 -10.91
N GLY A 63 -5.08 -8.62 -9.86
CA GLY A 63 -6.27 -8.58 -9.01
C GLY A 63 -6.13 -7.59 -7.87
N TRP A 64 -6.80 -7.88 -6.76
CA TRP A 64 -6.75 -7.00 -5.60
C TRP A 64 -6.04 -7.68 -4.44
N GLU A 65 -5.17 -6.93 -3.76
CA GLU A 65 -4.42 -7.46 -2.63
C GLU A 65 -4.48 -6.50 -1.45
N THR A 66 -4.05 -6.99 -0.28
CA THR A 66 -4.05 -6.17 0.93
C THR A 66 -2.92 -5.15 0.91
N PHE A 67 -3.28 -3.88 0.91
CA PHE A 67 -2.30 -2.80 0.89
C PHE A 67 -1.10 -3.14 1.77
N ALA A 68 -1.37 -3.40 3.05
CA ALA A 68 -0.32 -3.74 4.00
C ALA A 68 0.55 -4.88 3.47
N GLY A 69 -0.06 -5.77 2.70
CA GLY A 69 0.68 -6.89 2.14
C GLY A 69 1.67 -6.47 1.07
N TYR A 70 1.18 -5.72 0.08
CA TYR A 70 2.01 -5.25 -1.01
C TYR A 70 3.17 -4.41 -0.48
N LEU A 71 2.96 -3.78 0.68
CA LEU A 71 3.98 -2.94 1.29
C LEU A 71 5.08 -3.80 1.91
N LEU A 72 4.69 -4.79 2.68
CA LEU A 72 5.64 -5.68 3.34
C LEU A 72 6.57 -6.33 2.32
N LYS A 73 6.01 -6.73 1.18
CA LYS A 73 6.79 -7.36 0.12
C LYS A 73 8.05 -6.55 -0.17
N HIS A 74 7.87 -5.27 -0.48
CA HIS A 74 9.00 -4.39 -0.78
C HIS A 74 9.76 -4.02 0.49
N ASP A 75 9.04 -3.55 1.49
CA ASP A 75 9.64 -3.16 2.76
C ASP A 75 10.34 -4.36 3.41
N PRO A 76 11.66 -4.24 3.58
CA PRO A 76 12.48 -5.30 4.20
C PRO A 76 12.19 -5.45 5.68
N CYS A 77 12.24 -4.34 6.41
CA CYS A 77 11.98 -4.36 7.85
C CYS A 77 10.64 -5.02 8.16
N ARG A 78 9.69 -4.88 7.24
CA ARG A 78 8.37 -5.45 7.41
C ARG A 78 8.40 -6.96 7.21
N MET A 79 9.03 -7.40 6.12
CA MET A 79 9.13 -8.81 5.80
C MET A 79 9.44 -9.63 7.05
N LEU A 80 10.05 -8.98 8.05
CA LEU A 80 10.39 -9.64 9.29
C LEU A 80 9.20 -9.69 10.24
N GLN A 81 8.01 -9.92 9.68
CA GLN A 81 6.79 -10.00 10.47
C GLN A 81 6.28 -11.43 10.54
N ILE A 82 5.75 -11.91 9.41
CA ILE A 82 5.22 -13.27 9.35
C ILE A 82 6.35 -14.30 9.29
N SER A 83 6.05 -15.52 9.71
CA SER A 83 7.04 -16.60 9.70
C SER A 83 6.95 -17.40 8.42
N ARG A 84 8.07 -17.52 7.72
CA ARG A 84 8.13 -18.27 6.46
C ARG A 84 9.24 -19.31 6.50
N VAL A 85 9.03 -20.42 5.80
CA VAL A 85 10.02 -21.49 5.75
C VAL A 85 10.93 -21.33 4.53
N ASP A 86 10.35 -21.01 3.39
CA ASP A 86 11.10 -20.83 2.16
C ASP A 86 11.01 -19.39 1.67
N GLY A 87 12.02 -18.96 0.91
CA GLY A 87 12.02 -17.61 0.39
C GLY A 87 12.98 -17.44 -0.78
N LYS A 88 12.69 -16.47 -1.63
CA LYS A 88 13.53 -16.20 -2.79
C LYS A 88 13.82 -14.71 -2.93
N THR A 89 14.61 -14.36 -3.94
CA THR A 89 14.98 -12.97 -4.18
C THR A 89 15.15 -12.70 -5.66
N SER A 90 14.83 -11.47 -6.08
CA SER A 90 14.95 -11.08 -7.47
C SER A 90 15.56 -9.68 -7.60
N PRO A 91 16.76 -9.62 -8.19
CA PRO A 91 17.48 -8.36 -8.38
C PRO A 91 16.81 -7.46 -9.42
N SER A 92 17.19 -6.19 -9.43
CA SER A 92 16.62 -5.22 -10.37
C SER A 92 17.72 -4.50 -11.13
N GLY A 93 17.41 -4.05 -12.35
CA GLY A 93 18.38 -3.35 -13.16
C GLY A 93 18.41 -1.86 -12.86
N PRO A 94 19.63 -1.32 -12.67
CA PRO A 94 19.81 0.10 -12.37
C PRO A 94 19.49 1.00 -13.56
N SER A 95 19.19 0.38 -14.70
CA SER A 95 18.87 1.12 -15.91
C SER A 95 17.66 2.02 -15.69
N SER A 96 17.90 3.21 -15.14
CA SER A 96 16.83 4.16 -14.88
C SER A 96 17.40 5.49 -14.39
N GLY A 97 16.53 6.49 -14.27
CA GLY A 97 16.96 7.80 -13.82
C GLY A 97 17.82 7.72 -12.56
ZN ZN B . 11.49 -0.33 6.54
N GLY A 1 -12.50 16.59 -2.39
CA GLY A 1 -12.91 17.98 -2.36
C GLY A 1 -13.41 18.40 -1.00
N SER A 2 -14.62 17.99 -0.65
CA SER A 2 -15.22 18.34 0.63
C SER A 2 -14.38 17.78 1.79
N SER A 3 -14.06 18.64 2.74
CA SER A 3 -13.26 18.24 3.90
C SER A 3 -14.03 18.49 5.19
N GLY A 4 -14.89 17.53 5.55
CA GLY A 4 -15.67 17.67 6.77
C GLY A 4 -16.30 16.36 7.20
N SER A 5 -17.62 16.29 7.12
CA SER A 5 -18.35 15.08 7.52
C SER A 5 -17.63 13.83 7.03
N SER A 6 -17.57 13.66 5.71
CA SER A 6 -16.91 12.51 5.12
C SER A 6 -15.39 12.70 5.09
N GLY A 7 -14.96 13.87 4.62
CA GLY A 7 -13.54 14.16 4.55
C GLY A 7 -12.77 13.07 3.82
N ASN A 8 -11.66 12.63 4.41
CA ASN A 8 -10.83 11.59 3.81
C ASN A 8 -10.64 10.42 4.76
N LEU A 9 -11.49 9.40 4.61
CA LEU A 9 -11.41 8.21 5.45
C LEU A 9 -10.33 7.25 4.95
N LEU A 10 -10.40 6.92 3.66
CA LEU A 10 -9.43 6.01 3.06
C LEU A 10 -8.01 6.41 3.44
N ASP A 11 -7.71 7.70 3.32
CA ASP A 11 -6.38 8.21 3.65
C ASP A 11 -5.97 7.78 5.06
N ASP A 12 -6.68 8.28 6.06
CA ASP A 12 -6.38 7.95 7.45
C ASP A 12 -5.90 6.52 7.57
N ALA A 13 -6.55 5.61 6.85
CA ALA A 13 -6.19 4.20 6.88
C ALA A 13 -4.83 3.97 6.23
N VAL A 14 -4.72 4.34 4.95
CA VAL A 14 -3.47 4.18 4.22
C VAL A 14 -2.29 4.77 4.99
N LYS A 15 -2.46 6.00 5.48
CA LYS A 15 -1.42 6.67 6.23
C LYS A 15 -1.07 5.89 7.50
N ARG A 16 -2.10 5.48 8.23
CA ARG A 16 -1.90 4.73 9.47
C ARG A 16 -1.16 3.43 9.19
N ILE A 17 -1.74 2.58 8.35
CA ILE A 17 -1.14 1.30 8.00
C ILE A 17 0.34 1.48 7.63
N SER A 18 0.62 2.49 6.81
CA SER A 18 1.98 2.76 6.36
C SER A 18 2.86 3.16 7.55
N GLU A 19 2.25 3.86 8.51
CA GLU A 19 2.99 4.30 9.69
C GLU A 19 2.68 3.41 10.88
N ASP A 20 2.35 2.16 10.62
CA ASP A 20 2.03 1.20 11.67
C ASP A 20 1.87 -0.21 11.10
N PRO A 21 2.89 -1.06 11.34
CA PRO A 21 4.08 -0.66 12.09
C PRO A 21 4.95 0.33 11.33
N PRO A 22 5.61 1.24 12.08
CA PRO A 22 6.48 2.26 11.49
C PRO A 22 7.76 1.66 10.92
N CYS A 23 8.08 2.02 9.69
CA CYS A 23 9.28 1.53 9.03
C CYS A 23 10.51 1.72 9.92
N LYS A 24 11.16 0.61 10.28
CA LYS A 24 12.34 0.66 11.12
C LYS A 24 13.53 1.26 10.37
N CYS A 25 13.71 0.82 9.12
CA CYS A 25 14.80 1.31 8.29
C CYS A 25 14.95 2.83 8.44
N PRO A 26 16.18 3.32 8.20
CA PRO A 26 16.49 4.76 8.29
C PRO A 26 15.83 5.56 7.18
N THR A 27 15.04 4.88 6.35
CA THR A 27 14.36 5.54 5.24
C THR A 27 12.92 5.04 5.10
N LYS A 28 11.97 5.95 5.16
CA LYS A 28 10.56 5.62 5.05
C LYS A 28 10.18 5.36 3.59
N PHE A 29 9.19 4.51 3.38
CA PHE A 29 8.74 4.18 2.03
C PHE A 29 8.20 5.42 1.32
N CYS A 30 7.79 5.24 0.07
CA CYS A 30 7.26 6.35 -0.72
C CYS A 30 5.75 6.24 -0.85
N VAL A 31 5.04 7.12 -0.14
CA VAL A 31 3.58 7.13 -0.17
C VAL A 31 3.04 8.56 -0.24
N GLU A 32 2.48 8.92 -1.40
CA GLU A 32 1.93 10.26 -1.59
C GLU A 32 0.58 10.19 -2.30
N ARG A 33 -0.45 10.67 -1.63
CA ARG A 33 -1.80 10.67 -2.18
C ARG A 33 -1.89 11.61 -3.39
N LEU A 34 -2.23 11.04 -4.54
CA LEU A 34 -2.34 11.82 -5.77
C LEU A 34 -3.79 12.21 -6.03
N SER A 35 -4.71 11.26 -5.82
CA SER A 35 -6.13 11.50 -6.03
C SER A 35 -6.97 10.79 -4.97
N GLN A 36 -8.28 10.97 -5.04
CA GLN A 36 -9.19 10.34 -4.09
C GLN A 36 -8.81 8.88 -3.85
N GLY A 37 -8.59 8.15 -4.93
CA GLY A 37 -8.22 6.75 -4.81
C GLY A 37 -6.92 6.43 -5.51
N ARG A 38 -5.92 7.28 -5.31
CA ARG A 38 -4.61 7.08 -5.92
C ARG A 38 -3.49 7.48 -4.96
N TYR A 39 -2.47 6.64 -4.88
CA TYR A 39 -1.33 6.90 -3.99
C TYR A 39 -0.04 6.39 -4.60
N ARG A 40 1.01 7.22 -4.55
CA ARG A 40 2.30 6.85 -5.09
C ARG A 40 3.04 5.91 -4.14
N VAL A 41 2.93 4.60 -4.40
CA VAL A 41 3.59 3.61 -3.58
C VAL A 41 4.86 3.09 -4.24
N GLY A 42 5.92 2.95 -3.46
CA GLY A 42 7.18 2.48 -4.00
C GLY A 42 7.43 2.96 -5.41
N GLU A 43 7.55 4.27 -5.57
CA GLU A 43 7.79 4.85 -6.89
C GLU A 43 6.89 4.23 -7.94
N LYS A 44 5.65 3.93 -7.54
CA LYS A 44 4.69 3.33 -8.45
C LYS A 44 3.28 3.88 -8.21
N ILE A 45 2.48 3.92 -9.26
CA ILE A 45 1.11 4.42 -9.16
C ILE A 45 0.10 3.27 -9.09
N LEU A 46 -0.44 3.05 -7.89
CA LEU A 46 -1.42 2.00 -7.68
C LEU A 46 -2.75 2.57 -7.20
N PHE A 47 -3.85 2.00 -7.69
CA PHE A 47 -5.18 2.45 -7.31
C PHE A 47 -5.68 1.69 -6.08
N ILE A 48 -5.63 2.34 -4.93
CA ILE A 48 -6.07 1.73 -3.68
C ILE A 48 -7.54 2.03 -3.43
N ARG A 49 -8.30 0.98 -3.11
CA ARG A 49 -9.73 1.12 -2.84
C ARG A 49 -10.07 0.62 -1.45
N MET A 50 -11.31 0.85 -1.03
CA MET A 50 -11.77 0.43 0.29
C MET A 50 -13.07 -0.38 0.18
N LEU A 51 -12.96 -1.68 0.40
CA LEU A 51 -14.13 -2.56 0.33
C LEU A 51 -15.06 -2.32 1.52
N HIS A 52 -16.25 -1.79 1.24
CA HIS A 52 -17.23 -1.52 2.28
C HIS A 52 -16.59 -0.75 3.44
N ASN A 53 -15.65 0.13 3.11
CA ASN A 53 -14.96 0.92 4.13
C ASN A 53 -14.51 0.04 5.28
N LYS A 54 -14.12 -1.19 4.98
CA LYS A 54 -13.66 -2.12 6.00
C LYS A 54 -12.30 -2.71 5.62
N HIS A 55 -12.11 -2.99 4.33
CA HIS A 55 -10.86 -3.56 3.85
C HIS A 55 -10.16 -2.59 2.90
N VAL A 56 -8.83 -2.64 2.89
CA VAL A 56 -8.05 -1.77 2.02
C VAL A 56 -7.23 -2.58 1.02
N MET A 57 -7.74 -2.67 -0.21
CA MET A 57 -7.06 -3.42 -1.27
C MET A 57 -6.48 -2.47 -2.30
N VAL A 58 -5.59 -3.00 -3.15
CA VAL A 58 -4.96 -2.21 -4.20
C VAL A 58 -5.21 -2.81 -5.57
N ARG A 59 -4.97 -2.02 -6.61
CA ARG A 59 -5.17 -2.47 -7.99
C ARG A 59 -3.83 -2.68 -8.69
N VAL A 60 -3.48 -3.95 -8.91
CA VAL A 60 -2.23 -4.30 -9.56
C VAL A 60 -2.47 -4.80 -10.98
N GLY A 61 -1.40 -5.20 -11.66
CA GLY A 61 -1.52 -5.70 -13.02
C GLY A 61 -2.81 -6.47 -13.24
N GLY A 62 -3.04 -7.48 -12.40
CA GLY A 62 -4.24 -8.29 -12.53
C GLY A 62 -4.67 -8.89 -11.21
N GLY A 63 -5.45 -8.14 -10.45
CA GLY A 63 -5.93 -8.63 -9.16
C GLY A 63 -5.89 -7.56 -8.08
N TRP A 64 -6.36 -7.91 -6.90
CA TRP A 64 -6.38 -6.96 -5.78
C TRP A 64 -5.85 -7.62 -4.51
N GLU A 65 -4.85 -6.98 -3.89
CA GLU A 65 -4.25 -7.51 -2.67
C GLU A 65 -4.40 -6.51 -1.52
N THR A 66 -4.04 -6.94 -0.32
CA THR A 66 -4.13 -6.08 0.86
C THR A 66 -3.01 -5.06 0.88
N PHE A 67 -3.37 -3.79 0.81
CA PHE A 67 -2.38 -2.71 0.83
C PHE A 67 -1.23 -3.05 1.77
N ALA A 68 -1.56 -3.56 2.95
CA ALA A 68 -0.56 -3.92 3.94
C ALA A 68 0.37 -5.01 3.41
N GLY A 69 -0.22 -6.03 2.80
CA GLY A 69 0.56 -7.12 2.26
C GLY A 69 1.53 -6.66 1.18
N TYR A 70 1.06 -5.77 0.32
CA TYR A 70 1.89 -5.26 -0.77
C TYR A 70 3.05 -4.44 -0.23
N LEU A 71 2.82 -3.74 0.88
CA LEU A 71 3.85 -2.92 1.50
C LEU A 71 4.93 -3.79 2.13
N LEU A 72 4.51 -4.81 2.86
CA LEU A 72 5.43 -5.72 3.52
C LEU A 72 6.41 -6.33 2.52
N LYS A 73 5.90 -6.66 1.34
CA LYS A 73 6.72 -7.25 0.28
C LYS A 73 7.92 -6.37 -0.02
N HIS A 74 7.66 -5.12 -0.41
CA HIS A 74 8.71 -4.18 -0.74
C HIS A 74 9.53 -3.84 0.50
N ASP A 75 8.84 -3.46 1.58
CA ASP A 75 9.49 -3.11 2.83
C ASP A 75 10.10 -4.35 3.49
N PRO A 76 11.44 -4.33 3.66
CA PRO A 76 12.16 -5.44 4.28
C PRO A 76 11.89 -5.57 5.78
N CYS A 77 12.01 -4.46 6.49
CA CYS A 77 11.77 -4.44 7.93
C CYS A 77 10.37 -4.95 8.25
N ARG A 78 9.48 -4.91 7.26
CA ARG A 78 8.11 -5.37 7.43
C ARG A 78 8.04 -6.89 7.35
N MET A 79 8.88 -7.47 6.51
CA MET A 79 8.92 -8.93 6.33
C MET A 79 9.01 -9.63 7.68
N LEU A 80 9.42 -8.89 8.71
CA LEU A 80 9.54 -9.44 10.04
C LEU A 80 8.18 -9.57 10.72
N GLN A 81 7.22 -10.11 9.97
CA GLN A 81 5.87 -10.30 10.50
C GLN A 81 5.38 -11.72 10.26
N ILE A 82 5.80 -12.31 9.15
CA ILE A 82 5.42 -13.67 8.80
C ILE A 82 6.57 -14.43 8.16
N SER A 83 6.56 -15.75 8.32
CA SER A 83 7.61 -16.59 7.76
C SER A 83 7.39 -16.84 6.28
N ARG A 84 7.03 -15.77 5.56
CA ARG A 84 6.78 -15.88 4.13
C ARG A 84 6.21 -17.24 3.76
N VAL A 85 5.14 -17.63 4.46
CA VAL A 85 4.50 -18.92 4.20
C VAL A 85 3.51 -18.82 3.05
N ASP A 86 4.03 -18.92 1.84
CA ASP A 86 3.19 -18.85 0.64
C ASP A 86 3.90 -19.46 -0.56
N GLY A 87 3.16 -19.63 -1.65
CA GLY A 87 3.74 -20.21 -2.85
C GLY A 87 2.97 -19.84 -4.11
N LYS A 88 3.55 -18.96 -4.92
CA LYS A 88 2.91 -18.53 -6.15
C LYS A 88 3.89 -17.70 -7.00
N THR A 89 3.74 -17.79 -8.32
CA THR A 89 4.59 -17.05 -9.23
C THR A 89 3.76 -16.22 -10.21
N SER A 90 4.31 -15.09 -10.65
CA SER A 90 3.63 -14.21 -11.58
C SER A 90 4.62 -13.43 -12.42
N PRO A 91 4.68 -13.75 -13.73
CA PRO A 91 5.59 -13.08 -14.67
C PRO A 91 5.19 -11.63 -14.93
N SER A 92 5.98 -10.94 -15.75
CA SER A 92 5.70 -9.55 -16.08
C SER A 92 5.32 -9.41 -17.55
N GLY A 93 4.72 -8.26 -17.88
CA GLY A 93 4.30 -8.02 -19.25
C GLY A 93 4.40 -6.56 -19.63
N PRO A 94 5.44 -6.23 -20.43
CA PRO A 94 5.68 -4.85 -20.88
C PRO A 94 4.63 -4.39 -21.89
N SER A 95 4.54 -3.08 -22.08
CA SER A 95 3.57 -2.52 -23.01
C SER A 95 4.27 -1.62 -24.03
N SER A 96 3.56 -1.29 -25.11
CA SER A 96 4.11 -0.44 -26.15
C SER A 96 3.29 0.83 -26.32
N GLY A 97 3.87 1.83 -26.97
CA GLY A 97 3.18 3.09 -27.19
C GLY A 97 3.44 3.67 -28.57
ZN ZN B . 11.57 -0.39 6.62
N GLY A 1 -7.90 25.32 -8.76
CA GLY A 1 -8.69 25.35 -7.55
C GLY A 1 -8.51 24.09 -6.72
N SER A 2 -8.07 24.26 -5.47
CA SER A 2 -7.85 23.14 -4.58
C SER A 2 -9.16 22.70 -3.92
N SER A 3 -9.79 21.67 -4.49
CA SER A 3 -11.05 21.16 -3.97
C SER A 3 -11.01 19.64 -3.86
N GLY A 4 -10.40 19.14 -2.79
CA GLY A 4 -10.30 17.71 -2.58
C GLY A 4 -11.54 17.14 -1.91
N SER A 5 -11.38 15.97 -1.30
CA SER A 5 -12.50 15.31 -0.62
C SER A 5 -12.40 15.52 0.89
N SER A 6 -13.54 15.72 1.53
CA SER A 6 -13.60 15.93 2.97
C SER A 6 -14.03 14.66 3.69
N GLY A 7 -13.28 14.30 4.73
CA GLY A 7 -13.60 13.10 5.50
C GLY A 7 -12.37 12.32 5.89
N ASN A 8 -11.48 12.09 4.93
CA ASN A 8 -10.25 11.35 5.19
C ASN A 8 -10.55 10.02 5.87
N LEU A 9 -11.44 9.24 5.26
CA LEU A 9 -11.82 7.95 5.80
C LEU A 9 -10.86 6.85 5.32
N LEU A 10 -10.52 6.90 4.04
CA LEU A 10 -9.60 5.92 3.46
C LEU A 10 -8.15 6.29 3.75
N ASP A 11 -7.82 7.56 3.60
CA ASP A 11 -6.47 8.04 3.85
C ASP A 11 -6.00 7.62 5.24
N ASP A 12 -6.85 7.82 6.23
CA ASP A 12 -6.53 7.46 7.60
C ASP A 12 -5.93 6.07 7.68
N ALA A 13 -6.57 5.12 7.02
CA ALA A 13 -6.10 3.74 7.00
C ALA A 13 -4.74 3.63 6.31
N VAL A 14 -4.65 4.17 5.09
CA VAL A 14 -3.42 4.13 4.33
C VAL A 14 -2.25 4.67 5.14
N LYS A 15 -2.44 5.83 5.75
CA LYS A 15 -1.40 6.46 6.56
C LYS A 15 -1.15 5.64 7.82
N ARG A 16 -2.22 5.22 8.49
CA ARG A 16 -2.10 4.43 9.71
C ARG A 16 -1.30 3.15 9.46
N ILE A 17 -1.54 2.53 8.31
CA ILE A 17 -0.85 1.30 7.95
C ILE A 17 0.63 1.57 7.66
N SER A 18 0.89 2.56 6.82
CA SER A 18 2.25 2.91 6.45
C SER A 18 3.05 3.35 7.68
N GLU A 19 2.36 3.99 8.62
CA GLU A 19 3.00 4.46 9.84
C GLU A 19 3.02 3.36 10.90
N ASP A 20 2.04 2.47 10.84
CA ASP A 20 1.93 1.37 11.79
C ASP A 20 1.65 0.05 11.08
N PRO A 21 2.61 -0.88 11.15
CA PRO A 21 3.87 -0.67 11.88
C PRO A 21 4.77 0.35 11.20
N PRO A 22 5.44 1.20 11.99
CA PRO A 22 6.35 2.23 11.47
C PRO A 22 7.62 1.64 10.89
N CYS A 23 7.94 2.03 9.66
CA CYS A 23 9.13 1.54 8.98
C CYS A 23 10.38 1.84 9.81
N LYS A 24 11.05 0.78 10.26
CA LYS A 24 12.27 0.93 11.06
C LYS A 24 13.36 1.61 10.25
N CYS A 25 13.61 1.10 9.06
CA CYS A 25 14.64 1.66 8.17
C CYS A 25 14.68 3.17 8.30
N PRO A 26 15.88 3.75 8.05
CA PRO A 26 16.08 5.19 8.12
C PRO A 26 15.36 5.94 7.01
N THR A 27 14.67 5.20 6.15
CA THR A 27 13.94 5.79 5.04
C THR A 27 12.62 5.07 4.80
N LYS A 28 11.52 5.71 5.18
CA LYS A 28 10.19 5.12 5.01
C LYS A 28 9.89 4.91 3.53
N PHE A 29 8.92 4.03 3.25
CA PHE A 29 8.53 3.75 1.87
C PHE A 29 7.98 4.99 1.19
N CYS A 30 7.85 4.92 -0.14
CA CYS A 30 7.34 6.04 -0.91
C CYS A 30 5.82 6.03 -0.94
N VAL A 31 5.21 7.00 -0.25
CA VAL A 31 3.76 7.10 -0.20
C VAL A 31 3.30 8.54 -0.40
N GLU A 32 2.77 8.83 -1.58
CA GLU A 32 2.29 10.16 -1.90
C GLU A 32 0.85 10.12 -2.38
N ARG A 33 -0.03 10.83 -1.67
CA ARG A 33 -1.44 10.88 -2.01
C ARG A 33 -1.64 11.55 -3.37
N LEU A 34 -2.35 10.86 -4.26
CA LEU A 34 -2.62 11.38 -5.60
C LEU A 34 -4.10 11.69 -5.78
N SER A 35 -4.95 10.77 -5.35
CA SER A 35 -6.39 10.94 -5.47
C SER A 35 -7.13 10.12 -4.41
N GLN A 36 -8.45 10.28 -4.36
CA GLN A 36 -9.27 9.54 -3.40
C GLN A 36 -8.78 8.11 -3.26
N GLY A 37 -8.64 7.42 -4.39
CA GLY A 37 -8.19 6.04 -4.36
C GLY A 37 -6.93 5.83 -5.17
N ARG A 38 -5.99 6.76 -5.05
CA ARG A 38 -4.73 6.69 -5.77
C ARG A 38 -3.58 7.24 -4.93
N TYR A 39 -2.46 6.50 -4.91
CA TYR A 39 -1.30 6.92 -4.14
C TYR A 39 -0.01 6.44 -4.80
N ARG A 40 1.10 7.08 -4.46
CA ARG A 40 2.40 6.71 -5.02
C ARG A 40 3.06 5.62 -4.20
N VAL A 41 3.17 4.44 -4.78
CA VAL A 41 3.79 3.31 -4.10
C VAL A 41 5.07 2.86 -4.80
N GLY A 42 6.16 2.78 -4.04
CA GLY A 42 7.43 2.38 -4.61
C GLY A 42 7.68 2.97 -5.98
N GLU A 43 7.57 4.29 -6.08
CA GLU A 43 7.77 4.98 -7.35
C GLU A 43 6.83 4.42 -8.42
N LYS A 44 5.61 4.10 -8.02
CA LYS A 44 4.62 3.57 -8.95
C LYS A 44 3.22 4.10 -8.63
N ILE A 45 2.41 4.28 -9.67
CA ILE A 45 1.06 4.79 -9.49
C ILE A 45 0.04 3.65 -9.47
N LEU A 46 -0.41 3.29 -8.27
CA LEU A 46 -1.39 2.22 -8.11
C LEU A 46 -2.68 2.75 -7.49
N PHE A 47 -3.80 2.23 -7.97
CA PHE A 47 -5.10 2.65 -7.47
C PHE A 47 -5.48 1.87 -6.21
N ILE A 48 -5.69 2.60 -5.13
CA ILE A 48 -6.06 1.99 -3.85
C ILE A 48 -7.52 2.25 -3.51
N ARG A 49 -8.30 1.17 -3.42
CA ARG A 49 -9.71 1.27 -3.10
C ARG A 49 -10.00 0.76 -1.70
N MET A 50 -11.23 0.95 -1.24
CA MET A 50 -11.64 0.50 0.09
C MET A 50 -12.90 -0.34 0.02
N LEU A 51 -12.81 -1.58 0.50
CA LEU A 51 -13.94 -2.49 0.49
C LEU A 51 -14.89 -2.19 1.65
N HIS A 52 -16.05 -1.61 1.33
CA HIS A 52 -17.04 -1.27 2.34
C HIS A 52 -16.40 -0.48 3.48
N ASN A 53 -15.40 0.33 3.15
CA ASN A 53 -14.70 1.14 4.13
C ASN A 53 -14.21 0.27 5.30
N LYS A 54 -13.79 -0.94 4.98
CA LYS A 54 -13.30 -1.87 5.99
C LYS A 54 -11.90 -2.38 5.63
N HIS A 55 -11.70 -2.69 4.36
CA HIS A 55 -10.42 -3.18 3.88
C HIS A 55 -9.86 -2.28 2.78
N VAL A 56 -8.54 -2.21 2.68
CA VAL A 56 -7.88 -1.37 1.69
C VAL A 56 -7.09 -2.23 0.71
N MET A 57 -7.54 -2.28 -0.54
CA MET A 57 -6.87 -3.05 -1.57
C MET A 57 -6.25 -2.15 -2.63
N VAL A 58 -5.37 -2.71 -3.44
CA VAL A 58 -4.70 -1.95 -4.50
C VAL A 58 -4.88 -2.61 -5.85
N ARG A 59 -4.86 -1.82 -6.91
CA ARG A 59 -5.02 -2.33 -8.27
C ARG A 59 -3.65 -2.54 -8.92
N VAL A 60 -3.26 -3.81 -9.05
CA VAL A 60 -1.98 -4.15 -9.66
C VAL A 60 -2.10 -5.41 -10.51
N GLY A 61 -1.56 -5.35 -11.73
CA GLY A 61 -1.62 -6.50 -12.62
C GLY A 61 -2.89 -7.31 -12.46
N GLY A 62 -3.98 -6.81 -13.04
CA GLY A 62 -5.26 -7.50 -12.93
C GLY A 62 -5.39 -8.28 -11.65
N GLY A 63 -4.93 -7.69 -10.54
CA GLY A 63 -5.01 -8.36 -9.25
C GLY A 63 -5.12 -7.37 -8.11
N TRP A 64 -6.02 -7.66 -7.17
CA TRP A 64 -6.22 -6.79 -6.01
C TRP A 64 -5.74 -7.47 -4.74
N GLU A 65 -4.80 -6.82 -4.04
CA GLU A 65 -4.26 -7.37 -2.80
C GLU A 65 -4.38 -6.35 -1.67
N THR A 66 -4.04 -6.79 -0.46
CA THR A 66 -4.13 -5.93 0.72
C THR A 66 -2.98 -4.92 0.73
N PHE A 67 -3.33 -3.64 0.68
CA PHE A 67 -2.33 -2.58 0.70
C PHE A 67 -1.15 -2.94 1.61
N ALA A 68 -1.46 -3.22 2.87
CA ALA A 68 -0.42 -3.59 3.84
C ALA A 68 0.40 -4.77 3.33
N GLY A 69 -0.25 -5.69 2.63
CA GLY A 69 0.45 -6.84 2.10
C GLY A 69 1.47 -6.48 1.04
N TYR A 70 1.15 -5.46 0.25
CA TYR A 70 2.05 -5.02 -0.81
C TYR A 70 3.18 -4.16 -0.24
N LEU A 71 2.93 -3.56 0.91
CA LEU A 71 3.94 -2.71 1.56
C LEU A 71 4.90 -3.54 2.39
N LEU A 72 4.36 -4.51 3.12
CA LEU A 72 5.18 -5.39 3.96
C LEU A 72 6.03 -6.32 3.11
N LYS A 73 5.44 -6.85 2.05
CA LYS A 73 6.15 -7.75 1.14
C LYS A 73 7.36 -7.06 0.52
N HIS A 74 7.22 -5.78 0.22
CA HIS A 74 8.29 -5.00 -0.37
C HIS A 74 9.29 -4.55 0.69
N ASP A 75 8.76 -3.98 1.77
CA ASP A 75 9.60 -3.51 2.87
C ASP A 75 10.19 -4.67 3.65
N PRO A 76 11.51 -4.64 3.86
CA PRO A 76 12.22 -5.70 4.60
C PRO A 76 11.88 -5.69 6.10
N CYS A 77 12.09 -4.54 6.73
CA CYS A 77 11.80 -4.41 8.15
C CYS A 77 10.38 -4.85 8.47
N ARG A 78 9.50 -4.73 7.49
CA ARG A 78 8.11 -5.12 7.66
C ARG A 78 7.96 -6.64 7.66
N MET A 79 8.65 -7.29 6.74
CA MET A 79 8.60 -8.75 6.62
C MET A 79 8.75 -9.40 7.99
N LEU A 80 9.42 -8.72 8.91
CA LEU A 80 9.62 -9.23 10.25
C LEU A 80 8.42 -8.91 11.14
N GLN A 81 7.35 -9.68 10.99
CA GLN A 81 6.15 -9.48 11.78
C GLN A 81 5.83 -10.72 12.61
N ILE A 82 5.41 -11.78 11.93
CA ILE A 82 5.08 -13.04 12.61
C ILE A 82 5.71 -14.23 11.91
N SER A 83 5.27 -14.50 10.68
CA SER A 83 5.80 -15.62 9.91
C SER A 83 5.25 -15.59 8.49
N ARG A 84 6.15 -15.64 7.51
CA ARG A 84 5.76 -15.62 6.11
C ARG A 84 6.95 -15.93 5.20
N VAL A 85 6.72 -16.76 4.19
CA VAL A 85 7.78 -17.15 3.26
C VAL A 85 7.23 -17.26 1.84
N ASP A 86 7.73 -16.41 0.95
CA ASP A 86 7.31 -16.42 -0.44
C ASP A 86 8.49 -16.28 -1.38
N GLY A 87 8.25 -16.48 -2.68
CA GLY A 87 9.31 -16.37 -3.66
C GLY A 87 8.79 -16.20 -5.06
N LYS A 88 9.09 -15.05 -5.66
CA LYS A 88 8.64 -14.76 -7.02
C LYS A 88 9.54 -13.71 -7.67
N THR A 89 9.60 -13.73 -9.01
CA THR A 89 10.42 -12.78 -9.75
C THR A 89 9.55 -11.80 -10.54
N SER A 90 10.19 -10.81 -11.14
CA SER A 90 9.47 -9.80 -11.92
C SER A 90 8.38 -10.44 -12.76
N PRO A 91 7.19 -9.83 -12.74
CA PRO A 91 6.03 -10.33 -13.50
C PRO A 91 6.20 -10.16 -15.01
N SER A 92 6.56 -8.94 -15.42
CA SER A 92 6.75 -8.65 -16.83
C SER A 92 7.28 -7.23 -17.02
N GLY A 93 8.36 -7.09 -17.78
CA GLY A 93 8.93 -5.78 -18.03
C GLY A 93 7.99 -4.86 -18.78
N PRO A 94 7.86 -3.62 -18.30
CA PRO A 94 7.00 -2.61 -18.91
C PRO A 94 7.51 -2.15 -20.27
N SER A 95 6.67 -1.40 -20.99
CA SER A 95 7.04 -0.91 -22.31
C SER A 95 7.26 0.61 -22.26
N SER A 96 6.51 1.29 -21.41
CA SER A 96 6.62 2.74 -21.28
C SER A 96 7.24 3.12 -19.94
N GLY A 97 8.30 3.91 -19.98
CA GLY A 97 8.98 4.34 -18.76
C GLY A 97 10.08 3.38 -18.35
ZN ZN B . 11.56 -0.36 6.75
N GLY A 1 -3.98 21.55 -7.44
CA GLY A 1 -4.65 22.11 -6.28
C GLY A 1 -6.08 22.52 -6.58
N SER A 2 -6.56 23.56 -5.90
CA SER A 2 -7.91 24.05 -6.10
C SER A 2 -8.93 23.03 -5.62
N SER A 3 -8.65 22.42 -4.47
CA SER A 3 -9.54 21.43 -3.89
C SER A 3 -9.28 21.25 -2.41
N GLY A 4 -10.35 21.03 -1.64
CA GLY A 4 -10.22 20.85 -0.21
C GLY A 4 -10.76 19.51 0.26
N SER A 5 -10.62 19.24 1.56
CA SER A 5 -11.10 17.99 2.12
C SER A 5 -11.33 18.13 3.63
N SER A 6 -12.54 17.78 4.07
CA SER A 6 -12.89 17.87 5.48
C SER A 6 -12.29 16.71 6.27
N GLY A 7 -12.41 15.51 5.74
CA GLY A 7 -11.88 14.34 6.40
C GLY A 7 -12.06 13.07 5.60
N ASN A 8 -10.96 12.51 5.11
CA ASN A 8 -11.01 11.29 4.31
C ASN A 8 -10.77 10.06 5.19
N LEU A 9 -11.58 9.02 4.99
CA LEU A 9 -11.46 7.80 5.76
C LEU A 9 -10.32 6.93 5.22
N LEU A 10 -10.33 6.70 3.91
CA LEU A 10 -9.29 5.89 3.27
C LEU A 10 -7.91 6.44 3.57
N ASP A 11 -7.67 7.69 3.18
CA ASP A 11 -6.38 8.33 3.41
C ASP A 11 -5.83 7.97 4.79
N ASP A 12 -6.63 8.20 5.82
CA ASP A 12 -6.23 7.90 7.19
C ASP A 12 -5.85 6.43 7.32
N ALA A 13 -6.74 5.54 6.91
CA ALA A 13 -6.50 4.11 6.98
C ALA A 13 -5.27 3.72 6.17
N VAL A 14 -4.92 4.55 5.19
CA VAL A 14 -3.76 4.29 4.35
C VAL A 14 -2.47 4.73 5.03
N LYS A 15 -2.57 5.77 5.84
CA LYS A 15 -1.40 6.29 6.55
C LYS A 15 -1.11 5.45 7.80
N ARG A 16 -2.17 5.06 8.50
CA ARG A 16 -2.03 4.26 9.71
C ARG A 16 -1.25 2.98 9.42
N ILE A 17 -1.63 2.29 8.34
CA ILE A 17 -0.96 1.05 7.97
C ILE A 17 0.51 1.29 7.65
N SER A 18 0.78 2.33 6.87
CA SER A 18 2.15 2.66 6.49
C SER A 18 2.97 3.07 7.71
N GLU A 19 2.28 3.56 8.74
CA GLU A 19 2.94 3.97 9.96
C GLU A 19 2.68 2.98 11.10
N ASP A 20 2.43 1.73 10.73
CA ASP A 20 2.16 0.68 11.70
C ASP A 20 2.02 -0.67 11.02
N PRO A 21 3.06 -1.51 11.15
CA PRO A 21 4.27 -1.16 11.90
C PRO A 21 5.10 -0.09 11.20
N PRO A 22 5.75 0.76 12.00
CA PRO A 22 6.59 1.85 11.47
C PRO A 22 7.86 1.33 10.81
N CYS A 23 8.12 1.79 9.59
CA CYS A 23 9.30 1.37 8.85
C CYS A 23 10.56 1.56 9.69
N LYS A 24 11.15 0.44 10.11
CA LYS A 24 12.37 0.48 10.92
C LYS A 24 13.51 1.16 10.16
N CYS A 25 13.66 0.81 8.89
CA CYS A 25 14.71 1.39 8.06
C CYS A 25 14.83 2.89 8.29
N PRO A 26 16.03 3.43 8.07
CA PRO A 26 16.31 4.85 8.25
C PRO A 26 15.62 5.73 7.21
N THR A 27 14.82 5.08 6.34
CA THR A 27 14.09 5.80 5.30
C THR A 27 12.72 5.18 5.07
N LYS A 28 11.68 5.92 5.44
CA LYS A 28 10.31 5.45 5.27
C LYS A 28 9.96 5.31 3.81
N PHE A 29 9.01 4.42 3.52
CA PHE A 29 8.58 4.18 2.14
C PHE A 29 8.03 5.46 1.51
N CYS A 30 7.77 5.41 0.21
CA CYS A 30 7.24 6.56 -0.51
C CYS A 30 5.73 6.41 -0.71
N VAL A 31 4.96 7.24 0.01
CA VAL A 31 3.51 7.21 -0.10
C VAL A 31 2.94 8.62 -0.20
N GLU A 32 2.50 8.97 -1.41
CA GLU A 32 1.92 10.29 -1.65
C GLU A 32 0.51 10.18 -2.19
N ARG A 33 -0.37 11.08 -1.75
CA ARG A 33 -1.76 11.08 -2.19
C ARG A 33 -1.93 11.92 -3.44
N LEU A 34 -2.52 11.32 -4.47
CA LEU A 34 -2.74 12.03 -5.74
C LEU A 34 -4.20 12.45 -5.87
N SER A 35 -5.11 11.50 -5.63
CA SER A 35 -6.54 11.78 -5.73
C SER A 35 -7.35 10.68 -5.05
N GLN A 36 -8.67 10.82 -5.09
CA GLN A 36 -9.55 9.84 -4.47
C GLN A 36 -9.33 8.45 -5.06
N GLY A 37 -8.51 7.65 -4.39
CA GLY A 37 -8.22 6.31 -4.87
C GLY A 37 -6.96 6.25 -5.71
N ARG A 38 -5.94 7.00 -5.29
CA ARG A 38 -4.68 7.03 -6.02
C ARG A 38 -3.55 7.52 -5.11
N TYR A 39 -2.45 6.77 -5.09
CA TYR A 39 -1.30 7.13 -4.26
C TYR A 39 -0.01 6.59 -4.87
N ARG A 40 1.09 7.29 -4.61
CA ARG A 40 2.39 6.89 -5.13
C ARG A 40 3.10 5.94 -4.16
N VAL A 41 3.11 4.65 -4.50
CA VAL A 41 3.75 3.65 -3.66
C VAL A 41 5.10 3.23 -4.24
N GLY A 42 6.18 3.61 -3.56
CA GLY A 42 7.51 3.28 -4.02
C GLY A 42 7.76 3.72 -5.45
N GLU A 43 7.57 5.01 -5.72
CA GLU A 43 7.77 5.55 -7.05
C GLU A 43 6.90 4.82 -8.08
N LYS A 44 5.69 4.46 -7.66
CA LYS A 44 4.76 3.76 -8.54
C LYS A 44 3.34 4.22 -8.29
N ILE A 45 2.55 4.30 -9.36
CA ILE A 45 1.16 4.73 -9.25
C ILE A 45 0.22 3.52 -9.23
N LEU A 46 -0.30 3.19 -8.05
CA LEU A 46 -1.20 2.07 -7.88
C LEU A 46 -2.56 2.53 -7.37
N PHE A 47 -3.62 1.98 -7.94
CA PHE A 47 -4.98 2.34 -7.54
C PHE A 47 -5.36 1.64 -6.25
N ILE A 48 -5.71 2.42 -5.24
CA ILE A 48 -6.10 1.89 -3.94
C ILE A 48 -7.57 2.16 -3.65
N ARG A 49 -8.33 1.09 -3.40
CA ARG A 49 -9.75 1.22 -3.11
C ARG A 49 -10.05 0.77 -1.68
N MET A 50 -11.28 0.98 -1.25
CA MET A 50 -11.70 0.59 0.10
C MET A 50 -13.01 -0.18 0.06
N LEU A 51 -13.00 -1.39 0.63
CA LEU A 51 -14.19 -2.23 0.67
C LEU A 51 -15.03 -1.94 1.90
N HIS A 52 -16.20 -1.34 1.68
CA HIS A 52 -17.09 -1.01 2.78
C HIS A 52 -16.38 -0.21 3.86
N ASN A 53 -15.42 0.62 3.44
CA ASN A 53 -14.65 1.45 4.36
C ASN A 53 -14.12 0.61 5.52
N LYS A 54 -13.72 -0.63 5.23
CA LYS A 54 -13.20 -1.53 6.24
C LYS A 54 -11.87 -2.14 5.79
N HIS A 55 -11.79 -2.47 4.51
CA HIS A 55 -10.57 -3.07 3.94
C HIS A 55 -9.99 -2.17 2.87
N VAL A 56 -8.66 -2.12 2.82
CA VAL A 56 -7.96 -1.29 1.83
C VAL A 56 -7.18 -2.16 0.86
N MET A 57 -7.74 -2.37 -0.33
CA MET A 57 -7.10 -3.17 -1.36
C MET A 57 -6.45 -2.28 -2.42
N VAL A 58 -5.60 -2.88 -3.25
CA VAL A 58 -4.92 -2.15 -4.31
C VAL A 58 -5.10 -2.84 -5.66
N ARG A 59 -4.85 -2.10 -6.73
CA ARG A 59 -4.98 -2.65 -8.07
C ARG A 59 -3.60 -2.92 -8.69
N VAL A 60 -3.21 -4.19 -8.74
CA VAL A 60 -1.92 -4.57 -9.29
C VAL A 60 -2.10 -5.57 -10.43
N GLY A 61 -1.09 -5.66 -11.29
CA GLY A 61 -1.15 -6.58 -12.41
C GLY A 61 -1.46 -8.00 -11.98
N GLY A 62 -2.72 -8.39 -12.13
CA GLY A 62 -3.12 -9.73 -11.75
C GLY A 62 -4.42 -9.75 -10.98
N GLY A 63 -4.59 -8.78 -10.07
CA GLY A 63 -5.80 -8.71 -9.28
C GLY A 63 -5.69 -7.71 -8.15
N TRP A 64 -6.53 -7.86 -7.15
CA TRP A 64 -6.53 -6.96 -6.00
C TRP A 64 -5.93 -7.64 -4.77
N GLU A 65 -5.16 -6.87 -3.99
CA GLU A 65 -4.53 -7.40 -2.80
C GLU A 65 -4.64 -6.42 -1.63
N THR A 66 -4.27 -6.88 -0.43
CA THR A 66 -4.33 -6.04 0.75
C THR A 66 -3.18 -5.02 0.76
N PHE A 67 -3.54 -3.74 0.81
CA PHE A 67 -2.54 -2.68 0.83
C PHE A 67 -1.38 -3.04 1.75
N ALA A 68 -1.71 -3.48 2.96
CA ALA A 68 -0.70 -3.86 3.94
C ALA A 68 0.19 -4.97 3.41
N GLY A 69 -0.39 -5.85 2.60
CA GLY A 69 0.36 -6.95 2.03
C GLY A 69 1.39 -6.49 1.01
N TYR A 70 0.96 -5.62 0.09
CA TYR A 70 1.84 -5.11 -0.94
C TYR A 70 2.99 -4.32 -0.33
N LEU A 71 2.71 -3.63 0.76
CA LEU A 71 3.72 -2.82 1.44
C LEU A 71 4.77 -3.71 2.10
N LEU A 72 4.31 -4.74 2.82
CA LEU A 72 5.21 -5.67 3.49
C LEU A 72 6.09 -6.39 2.49
N LYS A 73 5.51 -6.74 1.34
CA LYS A 73 6.26 -7.45 0.29
C LYS A 73 7.53 -6.69 -0.08
N HIS A 74 7.37 -5.41 -0.39
CA HIS A 74 8.51 -4.57 -0.76
C HIS A 74 9.34 -4.21 0.47
N ASP A 75 8.68 -3.68 1.49
CA ASP A 75 9.36 -3.30 2.71
C ASP A 75 10.01 -4.51 3.38
N PRO A 76 11.35 -4.47 3.50
CA PRO A 76 12.12 -5.55 4.12
C PRO A 76 11.90 -5.65 5.62
N CYS A 77 11.98 -4.50 6.29
CA CYS A 77 11.79 -4.45 7.74
C CYS A 77 10.42 -5.01 8.12
N ARG A 78 9.43 -4.76 7.27
CA ARG A 78 8.07 -5.24 7.53
C ARG A 78 8.02 -6.77 7.53
N MET A 79 8.65 -7.37 6.52
CA MET A 79 8.68 -8.83 6.41
C MET A 79 8.87 -9.48 7.77
N LEU A 80 9.55 -8.78 8.67
CA LEU A 80 9.80 -9.29 10.00
C LEU A 80 8.57 -9.13 10.89
N GLN A 81 7.53 -9.88 10.58
CA GLN A 81 6.29 -9.82 11.35
C GLN A 81 5.90 -11.20 11.86
N ILE A 82 6.50 -11.60 12.98
CA ILE A 82 6.22 -12.90 13.57
C ILE A 82 5.97 -13.96 12.50
N SER A 83 6.91 -14.09 11.58
CA SER A 83 6.79 -15.06 10.49
C SER A 83 8.16 -15.49 9.98
N ARG A 84 8.18 -16.43 9.05
CA ARG A 84 9.43 -16.93 8.49
C ARG A 84 9.64 -16.36 7.08
N VAL A 85 10.90 -16.32 6.65
CA VAL A 85 11.25 -15.81 5.33
C VAL A 85 10.88 -16.81 4.24
N ASP A 86 10.99 -16.38 2.99
CA ASP A 86 10.68 -17.24 1.86
C ASP A 86 11.68 -17.03 0.73
N GLY A 87 11.79 -18.03 -0.15
CA GLY A 87 12.72 -17.93 -1.27
C GLY A 87 12.43 -16.74 -2.17
N LYS A 88 13.03 -16.74 -3.36
CA LYS A 88 12.83 -15.66 -4.31
C LYS A 88 11.38 -15.60 -4.77
N THR A 89 10.88 -14.38 -4.99
CA THR A 89 9.51 -14.18 -5.44
C THR A 89 9.48 -13.42 -6.76
N SER A 90 9.60 -14.14 -7.86
CA SER A 90 9.57 -13.54 -9.18
C SER A 90 8.38 -12.60 -9.33
N PRO A 91 8.65 -11.37 -9.82
CA PRO A 91 7.60 -10.36 -10.02
C PRO A 91 6.66 -10.71 -11.16
N SER A 92 5.50 -10.06 -11.19
CA SER A 92 4.50 -10.31 -12.23
C SER A 92 4.88 -9.60 -13.53
N GLY A 93 5.32 -8.35 -13.40
CA GLY A 93 5.70 -7.56 -14.57
C GLY A 93 4.57 -7.42 -15.56
N PRO A 94 3.79 -6.33 -15.43
CA PRO A 94 2.66 -6.06 -16.32
C PRO A 94 3.10 -5.69 -17.72
N SER A 95 2.90 -6.60 -18.67
CA SER A 95 3.28 -6.36 -20.05
C SER A 95 2.06 -6.40 -20.97
N SER A 96 2.15 -5.68 -22.08
CA SER A 96 1.04 -5.61 -23.03
C SER A 96 1.47 -4.88 -24.30
N GLY A 97 0.85 -5.24 -25.42
CA GLY A 97 1.17 -4.62 -26.69
C GLY A 97 1.52 -5.63 -27.77
ZN ZN B . 11.47 -0.42 6.34
N GLY A 1 3.60 21.09 -1.99
CA GLY A 1 2.22 20.65 -2.06
C GLY A 1 1.49 20.81 -0.74
N SER A 2 0.26 21.29 -0.81
CA SER A 2 -0.54 21.50 0.38
C SER A 2 -2.03 21.44 0.06
N SER A 3 -2.81 20.85 0.96
CA SER A 3 -4.25 20.72 0.77
C SER A 3 -5.00 20.97 2.08
N GLY A 4 -6.22 21.48 1.96
CA GLY A 4 -7.02 21.77 3.14
C GLY A 4 -7.45 20.50 3.86
N SER A 5 -8.53 20.60 4.63
CA SER A 5 -9.05 19.46 5.38
C SER A 5 -10.46 19.11 4.92
N SER A 6 -10.61 17.96 4.27
CA SER A 6 -11.91 17.52 3.78
C SER A 6 -12.49 16.45 4.70
N GLY A 7 -11.72 15.38 4.91
CA GLY A 7 -12.18 14.30 5.78
C GLY A 7 -12.40 13.01 5.02
N ASN A 8 -11.33 12.24 4.84
CA ASN A 8 -11.41 10.97 4.12
C ASN A 8 -10.84 9.84 4.95
N LEU A 9 -11.61 8.77 5.11
CA LEU A 9 -11.18 7.62 5.89
C LEU A 9 -10.06 6.86 5.16
N LEU A 10 -10.28 6.58 3.88
CA LEU A 10 -9.30 5.87 3.08
C LEU A 10 -7.89 6.38 3.35
N ASP A 11 -7.63 7.62 2.93
CA ASP A 11 -6.32 8.23 3.14
C ASP A 11 -5.79 7.91 4.53
N ASP A 12 -6.48 8.38 5.55
CA ASP A 12 -6.08 8.15 6.94
C ASP A 12 -5.68 6.68 7.14
N ALA A 13 -6.61 5.78 6.86
CA ALA A 13 -6.36 4.34 7.02
C ALA A 13 -5.04 3.95 6.36
N VAL A 14 -4.92 4.23 5.06
CA VAL A 14 -3.71 3.91 4.31
C VAL A 14 -2.47 4.32 5.08
N LYS A 15 -2.54 5.48 5.73
CA LYS A 15 -1.41 5.99 6.51
C LYS A 15 -1.14 5.12 7.73
N ARG A 16 -2.21 4.77 8.44
CA ARG A 16 -2.09 3.94 9.63
C ARG A 16 -1.21 2.72 9.36
N ILE A 17 -1.60 1.91 8.39
CA ILE A 17 -0.85 0.72 8.03
C ILE A 17 0.60 1.06 7.72
N SER A 18 0.79 2.13 6.95
CA SER A 18 2.15 2.56 6.58
C SER A 18 2.93 3.00 7.80
N GLU A 19 2.21 3.44 8.84
CA GLU A 19 2.84 3.90 10.07
C GLU A 19 2.58 2.93 11.21
N ASP A 20 2.34 1.67 10.86
CA ASP A 20 2.08 0.63 11.85
C ASP A 20 1.95 -0.74 11.19
N PRO A 21 3.00 -1.57 11.35
CA PRO A 21 4.21 -1.19 12.10
C PRO A 21 5.03 -0.12 11.40
N PRO A 22 5.66 0.75 12.18
CA PRO A 22 6.50 1.83 11.65
C PRO A 22 7.78 1.32 11.01
N CYS A 23 8.04 1.74 9.78
CA CYS A 23 9.24 1.33 9.06
C CYS A 23 10.48 1.53 9.91
N LYS A 24 11.10 0.42 10.32
CA LYS A 24 12.31 0.47 11.15
C LYS A 24 13.42 1.24 10.43
N CYS A 25 13.70 0.85 9.19
CA CYS A 25 14.74 1.49 8.40
C CYS A 25 14.77 3.00 8.68
N PRO A 26 15.95 3.60 8.49
CA PRO A 26 16.14 5.05 8.71
C PRO A 26 15.43 5.90 7.66
N THR A 27 14.75 5.23 6.72
CA THR A 27 14.03 5.92 5.67
C THR A 27 12.60 5.42 5.57
N LYS A 28 11.66 6.34 5.36
CA LYS A 28 10.25 6.00 5.24
C LYS A 28 9.88 5.70 3.79
N PHE A 29 8.88 4.85 3.60
CA PHE A 29 8.44 4.48 2.26
C PHE A 29 7.83 5.68 1.55
N CYS A 30 7.58 5.53 0.25
CA CYS A 30 7.00 6.60 -0.55
C CYS A 30 5.48 6.45 -0.65
N VAL A 31 4.76 7.34 0.02
CA VAL A 31 3.30 7.30 0.02
C VAL A 31 2.71 8.71 -0.09
N GLU A 32 2.20 9.03 -1.27
CA GLU A 32 1.61 10.35 -1.50
C GLU A 32 0.31 10.23 -2.31
N ARG A 33 -0.70 10.98 -1.91
CA ARG A 33 -2.00 10.95 -2.59
C ARG A 33 -1.93 11.77 -3.88
N LEU A 34 -2.25 11.11 -5.00
CA LEU A 34 -2.22 11.77 -6.31
C LEU A 34 -3.63 12.23 -6.70
N SER A 35 -4.59 11.32 -6.59
CA SER A 35 -5.97 11.64 -6.94
C SER A 35 -6.93 10.67 -6.25
N GLN A 36 -8.22 10.87 -6.47
CA GLN A 36 -9.25 10.02 -5.88
C GLN A 36 -8.93 8.54 -6.13
N GLY A 37 -8.61 7.83 -5.06
CA GLY A 37 -8.29 6.42 -5.18
C GLY A 37 -6.97 6.17 -5.90
N ARG A 38 -5.99 7.03 -5.63
CA ARG A 38 -4.68 6.90 -6.25
C ARG A 38 -3.58 7.37 -5.30
N TYR A 39 -2.58 6.51 -5.08
CA TYR A 39 -1.48 6.83 -4.19
C TYR A 39 -0.16 6.33 -4.76
N ARG A 40 0.91 7.09 -4.53
CA ARG A 40 2.23 6.72 -5.03
C ARG A 40 2.91 5.73 -4.08
N VAL A 41 2.90 4.46 -4.47
CA VAL A 41 3.52 3.41 -3.67
C VAL A 41 4.91 3.06 -4.18
N GLY A 42 5.92 3.31 -3.37
CA GLY A 42 7.29 3.02 -3.76
C GLY A 42 7.70 3.75 -5.02
N GLU A 43 7.96 3.00 -6.08
CA GLU A 43 8.36 3.59 -7.36
C GLU A 43 7.35 3.27 -8.45
N LYS A 44 6.10 3.09 -8.06
CA LYS A 44 5.03 2.77 -9.01
C LYS A 44 3.72 3.42 -8.58
N ILE A 45 2.80 3.54 -9.53
CA ILE A 45 1.49 4.15 -9.25
C ILE A 45 0.39 3.08 -9.24
N LEU A 46 -0.37 3.05 -8.15
CA LEU A 46 -1.46 2.08 -8.01
C LEU A 46 -2.73 2.77 -7.52
N PHE A 47 -3.85 2.07 -7.63
CA PHE A 47 -5.13 2.61 -7.19
C PHE A 47 -5.63 1.88 -5.93
N ILE A 48 -5.41 2.51 -4.78
CA ILE A 48 -5.84 1.92 -3.52
C ILE A 48 -7.26 2.34 -3.16
N ARG A 49 -8.09 1.37 -2.84
CA ARG A 49 -9.49 1.63 -2.48
C ARG A 49 -9.86 0.94 -1.18
N MET A 50 -11.00 1.32 -0.61
CA MET A 50 -11.46 0.73 0.64
C MET A 50 -12.79 -0.01 0.44
N LEU A 51 -12.70 -1.32 0.22
CA LEU A 51 -13.89 -2.14 0.01
C LEU A 51 -14.72 -2.22 1.28
N HIS A 52 -15.95 -1.71 1.21
CA HIS A 52 -16.85 -1.72 2.35
C HIS A 52 -16.26 -0.96 3.54
N ASN A 53 -15.41 0.03 3.22
CA ASN A 53 -14.77 0.83 4.25
C ASN A 53 -14.31 -0.04 5.43
N LYS A 54 -13.97 -1.29 5.12
CA LYS A 54 -13.52 -2.23 6.14
C LYS A 54 -12.18 -2.85 5.74
N HIS A 55 -11.99 -3.05 4.45
CA HIS A 55 -10.76 -3.65 3.95
C HIS A 55 -10.07 -2.71 2.95
N VAL A 56 -8.76 -2.57 3.09
CA VAL A 56 -7.98 -1.71 2.21
C VAL A 56 -7.19 -2.52 1.20
N MET A 57 -7.68 -2.54 -0.04
CA MET A 57 -7.02 -3.28 -1.11
C MET A 57 -6.41 -2.33 -2.13
N VAL A 58 -5.53 -2.86 -2.99
CA VAL A 58 -4.89 -2.06 -4.02
C VAL A 58 -5.15 -2.63 -5.40
N ARG A 59 -4.92 -1.81 -6.43
CA ARG A 59 -5.13 -2.25 -7.81
C ARG A 59 -3.81 -2.54 -8.50
N VAL A 60 -3.48 -3.83 -8.61
CA VAL A 60 -2.24 -4.25 -9.25
C VAL A 60 -2.49 -4.74 -10.68
N GLY A 61 -3.37 -4.03 -11.39
CA GLY A 61 -3.68 -4.41 -12.76
C GLY A 61 -4.64 -5.59 -12.83
N GLY A 62 -4.11 -6.80 -12.65
CA GLY A 62 -4.96 -7.98 -12.70
C GLY A 62 -5.10 -8.64 -11.35
N GLY A 63 -5.65 -7.92 -10.38
CA GLY A 63 -5.83 -8.46 -9.05
C GLY A 63 -5.84 -7.38 -7.98
N TRP A 64 -6.29 -7.74 -6.79
CA TRP A 64 -6.35 -6.80 -5.67
C TRP A 64 -5.85 -7.44 -4.39
N GLU A 65 -4.81 -6.83 -3.80
CA GLU A 65 -4.24 -7.35 -2.56
C GLU A 65 -4.37 -6.33 -1.44
N THR A 66 -4.05 -6.75 -0.22
CA THR A 66 -4.12 -5.88 0.94
C THR A 66 -2.97 -4.88 0.96
N PHE A 67 -3.30 -3.59 0.94
CA PHE A 67 -2.30 -2.54 0.96
C PHE A 67 -1.13 -2.92 1.87
N ALA A 68 -1.45 -3.39 3.07
CA ALA A 68 -0.43 -3.79 4.04
C ALA A 68 0.44 -4.91 3.48
N GLY A 69 -0.18 -5.83 2.76
CA GLY A 69 0.56 -6.93 2.17
C GLY A 69 1.51 -6.50 1.07
N TYR A 70 1.10 -5.50 0.31
CA TYR A 70 1.91 -4.99 -0.79
C TYR A 70 3.10 -4.19 -0.26
N LEU A 71 2.87 -3.47 0.83
CA LEU A 71 3.92 -2.66 1.45
C LEU A 71 4.98 -3.55 2.10
N LEU A 72 4.54 -4.50 2.92
CA LEU A 72 5.44 -5.41 3.59
C LEU A 72 6.32 -6.15 2.60
N LYS A 73 5.74 -6.53 1.46
CA LYS A 73 6.48 -7.23 0.42
C LYS A 73 7.76 -6.50 0.07
N HIS A 74 7.63 -5.22 -0.28
CA HIS A 74 8.79 -4.40 -0.64
C HIS A 74 9.61 -4.06 0.60
N ASP A 75 8.96 -3.50 1.61
CA ASP A 75 9.65 -3.13 2.84
C ASP A 75 10.33 -4.34 3.47
N PRO A 76 11.66 -4.27 3.59
CA PRO A 76 12.47 -5.35 4.17
C PRO A 76 12.25 -5.49 5.67
N CYS A 77 12.28 -4.37 6.38
CA CYS A 77 12.08 -4.37 7.82
C CYS A 77 10.73 -4.98 8.18
N ARG A 78 9.74 -4.73 7.35
CA ARG A 78 8.39 -5.26 7.58
C ARG A 78 8.38 -6.78 7.47
N MET A 79 9.07 -7.30 6.46
CA MET A 79 9.14 -8.74 6.24
C MET A 79 9.27 -9.48 7.56
N LEU A 80 9.90 -8.84 8.54
CA LEU A 80 10.10 -9.44 9.85
C LEU A 80 8.81 -10.07 10.36
N GLN A 81 7.71 -9.34 10.23
CA GLN A 81 6.40 -9.84 10.67
C GLN A 81 5.98 -11.05 9.86
N ILE A 82 4.91 -11.71 10.30
CA ILE A 82 4.40 -12.89 9.61
C ILE A 82 3.29 -12.52 8.63
N SER A 83 3.37 -13.05 7.42
CA SER A 83 2.38 -12.78 6.39
C SER A 83 2.48 -13.79 5.26
N ARG A 84 1.35 -14.08 4.62
CA ARG A 84 1.32 -15.03 3.52
C ARG A 84 1.85 -14.40 2.24
N VAL A 85 2.83 -15.06 1.63
CA VAL A 85 3.44 -14.56 0.40
C VAL A 85 3.40 -15.63 -0.69
N ASP A 86 2.79 -15.29 -1.82
CA ASP A 86 2.69 -16.22 -2.94
C ASP A 86 2.14 -15.52 -4.18
N GLY A 87 2.65 -15.91 -5.35
CA GLY A 87 2.19 -15.31 -6.59
C GLY A 87 3.03 -15.72 -7.78
N LYS A 88 2.46 -15.62 -8.97
CA LYS A 88 3.16 -16.00 -10.19
C LYS A 88 3.74 -14.76 -10.89
N THR A 89 5.03 -14.81 -11.18
CA THR A 89 5.70 -13.70 -11.84
C THR A 89 5.02 -13.34 -13.15
N SER A 90 4.67 -12.08 -13.31
CA SER A 90 3.99 -11.60 -14.52
C SER A 90 4.28 -10.12 -14.76
N PRO A 91 4.24 -9.71 -16.03
CA PRO A 91 4.49 -8.32 -16.42
C PRO A 91 3.36 -7.39 -16.00
N SER A 92 3.58 -6.09 -16.15
CA SER A 92 2.58 -5.10 -15.77
C SER A 92 2.69 -3.86 -16.66
N GLY A 93 1.55 -3.22 -16.91
CA GLY A 93 1.54 -2.03 -17.75
C GLY A 93 0.13 -1.62 -18.13
N PRO A 94 -0.61 -1.03 -17.18
CA PRO A 94 -1.98 -0.57 -17.42
C PRO A 94 -2.04 0.63 -18.35
N SER A 95 -3.12 0.72 -19.13
CA SER A 95 -3.30 1.82 -20.06
C SER A 95 -4.72 1.82 -20.62
N SER A 96 -5.50 2.83 -20.23
CA SER A 96 -6.88 2.96 -20.68
C SER A 96 -7.44 4.34 -20.37
N GLY A 97 -8.63 4.62 -20.89
CA GLY A 97 -9.25 5.91 -20.66
C GLY A 97 -10.54 5.79 -19.87
ZN ZN B . 11.66 -0.29 6.60
N GLY A 1 -14.27 15.78 -12.61
CA GLY A 1 -14.95 16.13 -11.38
C GLY A 1 -14.29 17.30 -10.67
N SER A 2 -14.20 18.44 -11.36
CA SER A 2 -13.58 19.63 -10.79
C SER A 2 -13.94 19.78 -9.32
N SER A 3 -15.24 19.75 -9.03
CA SER A 3 -15.72 19.89 -7.66
C SER A 3 -15.55 18.58 -6.90
N GLY A 4 -15.51 18.67 -5.57
CA GLY A 4 -15.36 17.50 -4.74
C GLY A 4 -14.63 17.78 -3.45
N SER A 5 -14.98 18.88 -2.80
CA SER A 5 -14.34 19.26 -1.54
C SER A 5 -14.99 18.56 -0.36
N SER A 6 -14.58 17.32 -0.12
CA SER A 6 -15.12 16.53 0.98
C SER A 6 -14.02 15.73 1.68
N GLY A 7 -14.37 15.08 2.78
CA GLY A 7 -13.41 14.28 3.51
C GLY A 7 -13.23 12.90 2.92
N ASN A 8 -12.07 12.30 3.17
CA ASN A 8 -11.77 10.96 2.65
C ASN A 8 -11.31 10.04 3.78
N LEU A 9 -11.76 8.79 3.73
CA LEU A 9 -11.39 7.81 4.74
C LEU A 9 -10.24 6.93 4.25
N LEU A 10 -10.36 6.42 3.03
CA LEU A 10 -9.33 5.57 2.45
C LEU A 10 -7.94 6.04 2.86
N ASP A 11 -7.60 7.26 2.48
CA ASP A 11 -6.29 7.85 2.81
C ASP A 11 -5.91 7.51 4.25
N ASP A 12 -6.79 7.83 5.19
CA ASP A 12 -6.55 7.56 6.60
C ASP A 12 -6.19 6.10 6.81
N ALA A 13 -6.99 5.20 6.26
CA ALA A 13 -6.76 3.77 6.39
C ALA A 13 -5.48 3.35 5.68
N VAL A 14 -5.05 4.17 4.71
CA VAL A 14 -3.84 3.88 3.95
C VAL A 14 -2.60 4.35 4.70
N LYS A 15 -2.73 5.47 5.41
CA LYS A 15 -1.63 6.02 6.18
C LYS A 15 -1.39 5.23 7.46
N ARG A 16 -2.48 4.80 8.09
CA ARG A 16 -2.40 4.03 9.32
C ARG A 16 -1.54 2.78 9.12
N ILE A 17 -1.82 2.05 8.05
CA ILE A 17 -1.08 0.82 7.75
C ILE A 17 0.40 1.12 7.52
N SER A 18 0.68 2.10 6.67
CA SER A 18 2.06 2.48 6.36
C SER A 18 2.79 2.92 7.63
N GLU A 19 2.05 3.52 8.56
CA GLU A 19 2.62 3.99 9.81
C GLU A 19 2.61 2.89 10.87
N ASP A 20 1.69 1.95 10.72
CA ASP A 20 1.57 0.83 11.66
C ASP A 20 1.37 -0.48 10.92
N PRO A 21 2.36 -1.38 11.02
CA PRO A 21 3.58 -1.12 11.79
C PRO A 21 4.47 -0.06 11.15
N PRO A 22 5.06 0.80 11.99
CA PRO A 22 5.95 1.87 11.52
C PRO A 22 7.27 1.34 10.99
N CYS A 23 7.67 1.83 9.82
CA CYS A 23 8.91 1.40 9.19
C CYS A 23 10.10 1.67 10.11
N LYS A 24 10.77 0.60 10.53
CA LYS A 24 11.93 0.73 11.41
C LYS A 24 13.08 1.43 10.70
N CYS A 25 13.41 0.95 9.50
CA CYS A 25 14.49 1.53 8.72
C CYS A 25 14.56 3.05 8.92
N PRO A 26 15.76 3.61 8.76
CA PRO A 26 16.00 5.04 8.92
C PRO A 26 15.35 5.86 7.80
N THR A 27 14.63 5.18 6.91
CA THR A 27 13.96 5.85 5.80
C THR A 27 12.57 5.29 5.58
N LYS A 28 11.58 6.17 5.54
CA LYS A 28 10.20 5.77 5.33
C LYS A 28 9.91 5.52 3.85
N PHE A 29 8.95 4.65 3.58
CA PHE A 29 8.58 4.31 2.21
C PHE A 29 8.01 5.54 1.50
N CYS A 30 7.85 5.43 0.18
CA CYS A 30 7.31 6.52 -0.62
C CYS A 30 5.80 6.38 -0.78
N VAL A 31 5.05 7.24 -0.10
CA VAL A 31 3.60 7.21 -0.18
C VAL A 31 3.02 8.62 -0.27
N GLU A 32 2.57 8.99 -1.46
CA GLU A 32 1.99 10.31 -1.69
C GLU A 32 0.59 10.19 -2.28
N ARG A 33 -0.26 11.16 -1.95
CA ARG A 33 -1.63 11.18 -2.44
C ARG A 33 -1.72 11.85 -3.81
N LEU A 34 -2.20 11.12 -4.80
CA LEU A 34 -2.32 11.65 -6.15
C LEU A 34 -3.79 11.99 -6.47
N SER A 35 -4.68 11.05 -6.16
CA SER A 35 -6.10 11.24 -6.41
C SER A 35 -6.95 10.50 -5.38
N GLN A 36 -8.26 10.67 -5.47
CA GLN A 36 -9.18 10.03 -4.54
C GLN A 36 -8.75 8.59 -4.26
N GLY A 37 -8.50 7.84 -5.32
CA GLY A 37 -8.08 6.45 -5.17
C GLY A 37 -6.75 6.17 -5.85
N ARG A 38 -5.83 7.11 -5.74
CA ARG A 38 -4.50 6.96 -6.34
C ARG A 38 -3.40 7.44 -5.40
N TYR A 39 -2.33 6.67 -5.30
CA TYR A 39 -1.21 7.03 -4.43
C TYR A 39 0.11 6.52 -5.01
N ARG A 40 1.18 7.25 -4.72
CA ARG A 40 2.50 6.87 -5.23
C ARG A 40 3.20 5.93 -4.25
N VAL A 41 3.25 4.66 -4.59
CA VAL A 41 3.89 3.65 -3.75
C VAL A 41 5.18 3.14 -4.38
N GLY A 42 6.27 3.23 -3.62
CA GLY A 42 7.55 2.78 -4.12
C GLY A 42 7.82 3.24 -5.55
N GLU A 43 7.68 4.54 -5.79
CA GLU A 43 7.91 5.10 -7.11
C GLU A 43 7.00 4.43 -8.14
N LYS A 44 5.75 4.20 -7.76
CA LYS A 44 4.79 3.56 -8.65
C LYS A 44 3.39 4.14 -8.45
N ILE A 45 2.58 4.11 -9.51
CA ILE A 45 1.22 4.64 -9.44
C ILE A 45 0.20 3.51 -9.37
N LEU A 46 -0.38 3.32 -8.20
CA LEU A 46 -1.38 2.27 -8.00
C LEU A 46 -2.69 2.85 -7.47
N PHE A 47 -3.79 2.18 -7.77
CA PHE A 47 -5.11 2.64 -7.33
C PHE A 47 -5.56 1.85 -6.10
N ILE A 48 -5.46 2.48 -4.94
CA ILE A 48 -5.86 1.85 -3.69
C ILE A 48 -7.32 2.15 -3.37
N ARG A 49 -8.07 1.12 -2.99
CA ARG A 49 -9.47 1.27 -2.64
C ARG A 49 -9.76 0.74 -1.24
N MET A 50 -10.79 1.28 -0.60
CA MET A 50 -11.16 0.87 0.74
C MET A 50 -12.56 0.23 0.74
N LEU A 51 -12.63 -1.04 1.12
CA LEU A 51 -13.89 -1.75 1.16
C LEU A 51 -14.51 -1.67 2.55
N HIS A 52 -15.77 -1.24 2.61
CA HIS A 52 -16.48 -1.11 3.88
C HIS A 52 -15.63 -0.40 4.92
N ASN A 53 -14.75 0.49 4.44
CA ASN A 53 -13.86 1.24 5.33
C ASN A 53 -13.21 0.31 6.35
N LYS A 54 -12.94 -0.92 5.94
CA LYS A 54 -12.32 -1.90 6.82
C LYS A 54 -11.20 -2.65 6.08
N HIS A 55 -11.44 -2.95 4.82
CA HIS A 55 -10.44 -3.66 4.01
C HIS A 55 -9.73 -2.71 3.06
N VAL A 56 -8.40 -2.69 3.15
CA VAL A 56 -7.59 -1.82 2.30
C VAL A 56 -6.85 -2.62 1.23
N MET A 57 -7.40 -2.63 0.02
CA MET A 57 -6.80 -3.35 -1.09
C MET A 57 -6.24 -2.39 -2.14
N VAL A 58 -5.43 -2.92 -3.03
CA VAL A 58 -4.82 -2.10 -4.09
C VAL A 58 -5.08 -2.71 -5.47
N ARG A 59 -5.11 -1.85 -6.48
CA ARG A 59 -5.35 -2.31 -7.85
C ARG A 59 -4.03 -2.56 -8.57
N VAL A 60 -3.80 -3.82 -8.93
CA VAL A 60 -2.57 -4.20 -9.63
C VAL A 60 -2.88 -4.92 -10.93
N GLY A 61 -3.72 -4.32 -11.76
CA GLY A 61 -4.08 -4.91 -13.03
C GLY A 61 -5.26 -5.87 -12.90
N GLY A 62 -4.97 -7.17 -12.96
CA GLY A 62 -6.01 -8.17 -12.85
C GLY A 62 -5.98 -8.89 -11.51
N GLY A 63 -5.95 -8.13 -10.44
CA GLY A 63 -5.91 -8.72 -9.10
C GLY A 63 -5.86 -7.67 -8.01
N TRP A 64 -6.49 -7.97 -6.88
CA TRP A 64 -6.51 -7.06 -5.75
C TRP A 64 -5.82 -7.66 -4.54
N GLU A 65 -4.89 -6.92 -3.94
CA GLU A 65 -4.16 -7.39 -2.77
C GLU A 65 -4.23 -6.37 -1.64
N THR A 66 -3.88 -6.81 -0.43
CA THR A 66 -3.91 -5.93 0.74
C THR A 66 -2.73 -4.97 0.72
N PHE A 67 -3.03 -3.68 0.78
CA PHE A 67 -2.00 -2.64 0.77
C PHE A 67 -0.80 -3.08 1.60
N ALA A 68 -1.06 -3.57 2.81
CA ALA A 68 0.00 -4.02 3.70
C ALA A 68 0.85 -5.10 3.04
N GLY A 69 0.20 -5.98 2.29
CA GLY A 69 0.91 -7.05 1.61
C GLY A 69 1.93 -6.53 0.61
N TYR A 70 1.53 -5.52 -0.16
CA TYR A 70 2.42 -4.94 -1.16
C TYR A 70 3.51 -4.09 -0.49
N LEU A 71 3.22 -3.62 0.71
CA LEU A 71 4.18 -2.79 1.46
C LEU A 71 5.16 -3.67 2.24
N LEU A 72 4.66 -4.82 2.70
CA LEU A 72 5.49 -5.75 3.46
C LEU A 72 6.49 -6.46 2.56
N LYS A 73 6.04 -6.81 1.35
CA LYS A 73 6.89 -7.49 0.39
C LYS A 73 8.13 -6.65 0.05
N HIS A 74 7.90 -5.35 -0.13
CA HIS A 74 8.99 -4.43 -0.46
C HIS A 74 9.77 -4.04 0.80
N ASP A 75 9.04 -3.66 1.84
CA ASP A 75 9.66 -3.26 3.10
C ASP A 75 10.27 -4.47 3.82
N PRO A 76 11.59 -4.42 4.03
CA PRO A 76 12.33 -5.49 4.69
C PRO A 76 11.99 -5.58 6.18
N CYS A 77 12.00 -4.44 6.86
CA CYS A 77 11.70 -4.39 8.29
C CYS A 77 10.31 -4.96 8.56
N ARG A 78 9.40 -4.77 7.61
CA ARG A 78 8.03 -5.25 7.76
C ARG A 78 8.00 -6.78 7.76
N MET A 79 8.71 -7.39 6.82
CA MET A 79 8.76 -8.84 6.72
C MET A 79 8.97 -9.48 8.09
N LEU A 80 9.88 -8.90 8.88
CA LEU A 80 10.17 -9.41 10.21
C LEU A 80 8.91 -9.99 10.86
N GLN A 81 7.78 -9.32 10.64
CA GLN A 81 6.52 -9.76 11.20
C GLN A 81 6.44 -11.29 11.25
N ILE A 82 6.43 -11.84 12.45
CA ILE A 82 6.36 -13.28 12.64
C ILE A 82 5.32 -13.91 11.71
N SER A 83 5.48 -15.20 11.43
CA SER A 83 4.56 -15.91 10.55
C SER A 83 4.54 -15.29 9.16
N ARG A 84 5.72 -15.00 8.63
CA ARG A 84 5.84 -14.40 7.30
C ARG A 84 5.85 -15.47 6.22
N VAL A 85 4.98 -16.48 6.36
CA VAL A 85 4.90 -17.56 5.40
C VAL A 85 3.66 -17.42 4.53
N ASP A 86 3.37 -16.19 4.10
CA ASP A 86 2.20 -15.94 3.26
C ASP A 86 2.62 -15.29 1.93
N GLY A 87 2.72 -16.12 0.90
CA GLY A 87 3.11 -15.62 -0.41
C GLY A 87 2.36 -16.30 -1.53
N LYS A 88 2.02 -15.52 -2.56
CA LYS A 88 1.28 -16.04 -3.71
C LYS A 88 1.61 -15.25 -4.97
N THR A 89 1.36 -15.85 -6.13
CA THR A 89 1.62 -15.20 -7.40
C THR A 89 0.64 -15.66 -8.47
N SER A 90 0.15 -14.73 -9.27
CA SER A 90 -0.80 -15.05 -10.33
C SER A 90 -0.10 -15.69 -11.51
N PRO A 91 -0.72 -16.75 -12.07
CA PRO A 91 -0.17 -17.48 -13.21
C PRO A 91 -0.21 -16.66 -14.50
N SER A 92 0.30 -17.24 -15.58
CA SER A 92 0.32 -16.56 -16.87
C SER A 92 -0.74 -17.14 -17.80
N GLY A 93 -1.96 -16.61 -17.70
CA GLY A 93 -3.04 -17.09 -18.54
C GLY A 93 -2.95 -18.57 -18.83
N PRO A 94 -3.57 -19.39 -17.96
CA PRO A 94 -3.57 -20.84 -18.10
C PRO A 94 -4.41 -21.32 -19.29
N SER A 95 -5.28 -20.45 -19.76
CA SER A 95 -6.16 -20.78 -20.89
C SER A 95 -6.83 -19.52 -21.43
N SER A 96 -6.70 -19.30 -22.74
CA SER A 96 -7.30 -18.14 -23.38
C SER A 96 -6.84 -16.85 -22.71
N GLY A 97 -5.55 -16.78 -22.40
CA GLY A 97 -5.01 -15.59 -21.75
C GLY A 97 -5.53 -15.42 -20.33
ZN ZN B . 11.45 -0.34 6.94
N GLY A 1 -4.16 25.79 -6.32
CA GLY A 1 -3.45 25.18 -5.22
C GLY A 1 -4.22 24.02 -4.61
N SER A 2 -3.51 22.97 -4.23
CA SER A 2 -4.12 21.79 -3.64
C SER A 2 -4.47 22.03 -2.17
N SER A 3 -5.63 22.62 -1.93
CA SER A 3 -6.08 22.92 -0.58
C SER A 3 -7.28 22.06 -0.20
N GLY A 4 -7.72 22.20 1.05
CA GLY A 4 -8.87 21.42 1.51
C GLY A 4 -8.76 19.96 1.15
N SER A 5 -9.91 19.30 1.06
CA SER A 5 -9.94 17.87 0.73
C SER A 5 -9.20 17.05 1.77
N SER A 6 -9.39 17.39 3.05
CA SER A 6 -8.73 16.69 4.13
C SER A 6 -9.75 16.09 5.09
N GLY A 7 -10.23 14.90 4.77
CA GLY A 7 -11.21 14.23 5.62
C GLY A 7 -11.79 12.99 4.96
N ASN A 8 -10.97 11.95 4.84
CA ASN A 8 -11.42 10.70 4.23
C ASN A 8 -10.96 9.50 5.05
N LEU A 9 -11.86 8.53 5.22
CA LEU A 9 -11.55 7.33 5.99
C LEU A 9 -10.38 6.57 5.37
N LEU A 10 -10.49 6.30 4.07
CA LEU A 10 -9.44 5.58 3.36
C LEU A 10 -8.05 6.12 3.73
N ASP A 11 -7.85 7.42 3.52
CA ASP A 11 -6.58 8.05 3.83
C ASP A 11 -6.16 7.74 5.27
N ASP A 12 -7.02 8.11 6.23
CA ASP A 12 -6.73 7.88 7.64
C ASP A 12 -6.12 6.49 7.84
N ALA A 13 -6.65 5.51 7.12
CA ALA A 13 -6.15 4.14 7.23
C ALA A 13 -4.79 3.99 6.56
N VAL A 14 -4.72 4.40 5.29
CA VAL A 14 -3.47 4.31 4.53
C VAL A 14 -2.31 4.91 5.32
N LYS A 15 -2.50 6.13 5.81
CA LYS A 15 -1.47 6.82 6.57
C LYS A 15 -1.02 5.97 7.76
N ARG A 16 -1.99 5.43 8.51
CA ARG A 16 -1.68 4.60 9.66
C ARG A 16 -0.91 3.35 9.25
N ILE A 17 -1.50 2.57 8.35
CA ILE A 17 -0.86 1.35 7.87
C ILE A 17 0.60 1.60 7.49
N SER A 18 0.83 2.66 6.73
CA SER A 18 2.18 3.01 6.30
C SER A 18 3.03 3.44 7.49
N GLU A 19 2.38 4.01 8.50
CA GLU A 19 3.09 4.47 9.69
C GLU A 19 2.75 3.59 10.90
N ASP A 20 2.46 2.32 10.62
CA ASP A 20 2.12 1.37 11.68
C ASP A 20 1.94 -0.04 11.11
N PRO A 21 2.94 -0.90 11.35
CA PRO A 21 4.14 -0.53 12.10
C PRO A 21 5.03 0.44 11.34
N PRO A 22 5.68 1.35 12.08
CA PRO A 22 6.57 2.36 11.49
C PRO A 22 7.86 1.74 10.95
N CYS A 23 8.19 2.08 9.70
CA CYS A 23 9.39 1.55 9.07
C CYS A 23 10.63 1.87 9.91
N LYS A 24 11.38 0.83 10.24
CA LYS A 24 12.59 1.00 11.04
C LYS A 24 13.75 1.51 10.19
N CYS A 25 13.93 0.90 9.02
CA CYS A 25 14.99 1.29 8.11
C CYS A 25 15.18 2.81 8.11
N PRO A 26 16.40 3.26 7.79
CA PRO A 26 16.73 4.68 7.75
C PRO A 26 16.06 5.40 6.58
N THR A 27 15.22 4.67 5.84
CA THR A 27 14.52 5.23 4.70
C THR A 27 13.03 4.90 4.75
N LYS A 28 12.20 5.93 4.81
CA LYS A 28 10.76 5.75 4.87
C LYS A 28 10.21 5.38 3.49
N PHE A 29 9.11 4.62 3.47
CA PHE A 29 8.50 4.21 2.22
C PHE A 29 7.91 5.40 1.47
N CYS A 30 7.73 5.25 0.18
CA CYS A 30 7.17 6.32 -0.65
C CYS A 30 5.64 6.25 -0.70
N VAL A 31 4.99 7.17 0.00
CA VAL A 31 3.54 7.20 0.05
C VAL A 31 3.02 8.63 -0.11
N GLU A 32 2.49 8.93 -1.30
CA GLU A 32 1.96 10.26 -1.58
C GLU A 32 0.53 10.18 -2.13
N ARG A 33 -0.35 11.01 -1.60
CA ARG A 33 -1.74 11.03 -2.03
C ARG A 33 -1.90 11.83 -3.32
N LEU A 34 -2.55 11.24 -4.31
CA LEU A 34 -2.77 11.91 -5.58
C LEU A 34 -4.25 12.17 -5.82
N SER A 35 -5.07 11.13 -5.66
CA SER A 35 -6.50 11.24 -5.85
C SER A 35 -7.26 10.27 -4.95
N GLN A 36 -8.58 10.36 -4.96
CA GLN A 36 -9.42 9.48 -4.15
C GLN A 36 -9.14 8.02 -4.46
N GLY A 37 -8.19 7.43 -3.72
CA GLY A 37 -7.85 6.04 -3.94
C GLY A 37 -6.46 5.87 -4.53
N ARG A 38 -6.06 6.83 -5.36
CA ARG A 38 -4.74 6.78 -5.99
C ARG A 38 -3.65 7.23 -5.03
N TYR A 39 -2.57 6.47 -4.96
CA TYR A 39 -1.46 6.80 -4.08
C TYR A 39 -0.12 6.34 -4.67
N ARG A 40 0.94 7.08 -4.39
CA ARG A 40 2.26 6.76 -4.90
C ARG A 40 2.96 5.74 -3.99
N VAL A 41 3.07 4.51 -4.47
CA VAL A 41 3.72 3.46 -3.70
C VAL A 41 4.98 2.96 -4.40
N GLY A 42 6.11 3.05 -3.70
CA GLY A 42 7.37 2.61 -4.27
C GLY A 42 7.61 3.17 -5.66
N GLU A 43 7.64 4.50 -5.76
CA GLU A 43 7.87 5.16 -7.04
C GLU A 43 6.98 4.56 -8.12
N LYS A 44 5.75 4.23 -7.75
CA LYS A 44 4.80 3.64 -8.70
C LYS A 44 3.38 4.11 -8.41
N ILE A 45 2.57 4.24 -9.46
CA ILE A 45 1.20 4.68 -9.32
C ILE A 45 0.24 3.49 -9.29
N LEU A 46 -0.43 3.32 -8.16
CA LEU A 46 -1.39 2.23 -8.00
C LEU A 46 -2.74 2.75 -7.52
N PHE A 47 -3.81 2.14 -8.04
CA PHE A 47 -5.16 2.53 -7.67
C PHE A 47 -5.65 1.76 -6.45
N ILE A 48 -5.53 2.39 -5.28
CA ILE A 48 -5.96 1.76 -4.03
C ILE A 48 -7.44 2.00 -3.77
N ARG A 49 -8.15 0.95 -3.41
CA ARG A 49 -9.58 1.04 -3.13
C ARG A 49 -9.89 0.63 -1.69
N MET A 50 -11.13 0.82 -1.28
CA MET A 50 -11.55 0.47 0.07
C MET A 50 -12.87 -0.27 0.06
N LEU A 51 -12.82 -1.59 0.23
CA LEU A 51 -14.02 -2.42 0.24
C LEU A 51 -14.92 -2.06 1.40
N HIS A 52 -16.11 -1.53 1.10
CA HIS A 52 -17.06 -1.15 2.13
C HIS A 52 -16.37 -0.38 3.26
N ASN A 53 -15.37 0.42 2.89
CA ASN A 53 -14.63 1.21 3.87
C ASN A 53 -14.22 0.35 5.06
N LYS A 54 -13.87 -0.89 4.79
CA LYS A 54 -13.46 -1.81 5.85
C LYS A 54 -12.11 -2.44 5.52
N HIS A 55 -11.89 -2.74 4.25
CA HIS A 55 -10.64 -3.34 3.80
C HIS A 55 -9.94 -2.44 2.79
N VAL A 56 -8.61 -2.50 2.77
CA VAL A 56 -7.82 -1.70 1.85
C VAL A 56 -7.05 -2.58 0.86
N MET A 57 -7.38 -2.46 -0.41
CA MET A 57 -6.72 -3.25 -1.45
C MET A 57 -6.16 -2.35 -2.55
N VAL A 58 -5.15 -2.84 -3.26
CA VAL A 58 -4.53 -2.09 -4.32
C VAL A 58 -4.70 -2.78 -5.67
N ARG A 59 -4.74 -1.99 -6.74
CA ARG A 59 -4.90 -2.54 -8.09
C ARG A 59 -3.55 -2.89 -8.69
N VAL A 60 -3.48 -4.07 -9.30
CA VAL A 60 -2.24 -4.52 -9.93
C VAL A 60 -2.53 -5.39 -11.15
N GLY A 61 -1.88 -5.06 -12.27
CA GLY A 61 -2.07 -5.82 -13.49
C GLY A 61 -3.50 -6.31 -13.63
N GLY A 62 -3.76 -7.51 -13.15
CA GLY A 62 -5.10 -8.08 -13.24
C GLY A 62 -5.54 -8.72 -11.94
N GLY A 63 -5.45 -7.98 -10.85
CA GLY A 63 -5.85 -8.49 -9.55
C GLY A 63 -5.82 -7.44 -8.47
N TRP A 64 -6.25 -7.82 -7.27
CA TRP A 64 -6.27 -6.90 -6.14
C TRP A 64 -5.76 -7.56 -4.87
N GLU A 65 -4.74 -6.96 -4.26
CA GLU A 65 -4.16 -7.50 -3.04
C GLU A 65 -4.44 -6.59 -1.85
N THR A 66 -3.86 -6.92 -0.70
CA THR A 66 -4.04 -6.13 0.50
C THR A 66 -2.94 -5.10 0.68
N PHE A 67 -3.29 -3.83 0.54
CA PHE A 67 -2.32 -2.75 0.68
C PHE A 67 -1.29 -3.08 1.75
N ALA A 68 -1.77 -3.34 2.97
CA ALA A 68 -0.89 -3.68 4.08
C ALA A 68 0.08 -4.79 3.71
N GLY A 69 -0.48 -5.88 3.16
CA GLY A 69 0.35 -7.01 2.79
C GLY A 69 1.35 -6.65 1.71
N TYR A 70 0.93 -5.83 0.75
CA TYR A 70 1.79 -5.42 -0.35
C TYR A 70 2.96 -4.58 0.17
N LEU A 71 2.73 -3.85 1.26
CA LEU A 71 3.76 -3.01 1.84
C LEU A 71 4.85 -3.86 2.50
N LEU A 72 4.43 -4.97 3.11
CA LEU A 72 5.36 -5.87 3.78
C LEU A 72 6.32 -6.51 2.77
N LYS A 73 5.75 -7.04 1.69
CA LYS A 73 6.54 -7.68 0.65
C LYS A 73 7.73 -6.81 0.26
N HIS A 74 7.47 -5.54 -0.03
CA HIS A 74 8.51 -4.60 -0.42
C HIS A 74 9.38 -4.23 0.78
N ASP A 75 8.75 -3.71 1.83
CA ASP A 75 9.47 -3.32 3.04
C ASP A 75 9.98 -4.54 3.78
N PRO A 76 11.31 -4.63 3.95
CA PRO A 76 11.95 -5.75 4.65
C PRO A 76 11.67 -5.74 6.15
N CYS A 77 11.91 -4.59 6.78
CA CYS A 77 11.70 -4.45 8.21
C CYS A 77 10.26 -4.84 8.58
N ARG A 78 9.33 -4.54 7.68
CA ARG A 78 7.92 -4.85 7.92
C ARG A 78 7.70 -6.36 7.98
N MET A 79 8.14 -7.06 6.95
CA MET A 79 8.00 -8.51 6.88
C MET A 79 8.27 -9.13 8.25
N LEU A 80 9.25 -8.59 8.97
CA LEU A 80 9.61 -9.09 10.29
C LEU A 80 8.38 -9.61 11.02
N GLN A 81 7.24 -8.95 10.81
CA GLN A 81 5.99 -9.35 11.45
C GLN A 81 5.93 -10.86 11.64
N ILE A 82 6.24 -11.60 10.58
CA ILE A 82 6.22 -13.05 10.62
C ILE A 82 7.25 -13.65 9.67
N SER A 83 7.95 -14.68 10.13
CA SER A 83 8.97 -15.34 9.32
C SER A 83 8.55 -15.35 7.85
N ARG A 84 9.43 -14.83 6.99
CA ARG A 84 9.16 -14.77 5.56
C ARG A 84 8.75 -16.14 5.03
N VAL A 85 8.46 -16.21 3.74
CA VAL A 85 8.05 -17.46 3.11
C VAL A 85 8.48 -17.50 1.65
N ASP A 86 8.43 -18.69 1.05
CA ASP A 86 8.81 -18.87 -0.34
C ASP A 86 7.57 -19.00 -1.23
N GLY A 87 7.30 -17.94 -2.00
CA GLY A 87 6.15 -17.95 -2.89
C GLY A 87 6.23 -16.86 -3.94
N LYS A 88 6.28 -17.27 -5.20
CA LYS A 88 6.35 -16.31 -6.31
C LYS A 88 5.43 -16.73 -7.44
N THR A 89 4.95 -15.75 -8.21
CA THR A 89 4.07 -16.02 -9.33
C THR A 89 4.47 -15.21 -10.56
N SER A 90 4.44 -15.86 -11.72
CA SER A 90 4.82 -15.20 -12.97
C SER A 90 3.60 -15.03 -13.87
N PRO A 91 3.08 -13.79 -13.95
CA PRO A 91 1.92 -13.47 -14.77
C PRO A 91 2.23 -13.54 -16.26
N SER A 92 3.48 -13.81 -16.60
CA SER A 92 3.91 -13.91 -17.99
C SER A 92 3.48 -12.67 -18.77
N GLY A 93 3.67 -11.51 -18.16
CA GLY A 93 3.30 -10.26 -18.81
C GLY A 93 3.78 -9.05 -18.05
N PRO A 94 4.97 -8.56 -18.40
CA PRO A 94 5.57 -7.37 -17.76
C PRO A 94 4.83 -6.09 -18.10
N SER A 95 3.76 -6.21 -18.88
CA SER A 95 2.97 -5.06 -19.28
C SER A 95 2.88 -4.03 -18.15
N SER A 96 2.79 -2.77 -18.51
CA SER A 96 2.72 -1.68 -17.53
C SER A 96 1.34 -1.03 -17.56
N GLY A 97 0.43 -1.55 -16.76
CA GLY A 97 -0.92 -1.00 -16.70
C GLY A 97 -1.97 -2.06 -16.41
ZN ZN B . 11.71 -0.46 6.70
N GLY A 1 -4.23 24.11 -6.18
CA GLY A 1 -5.43 24.84 -5.87
C GLY A 1 -6.66 23.95 -5.86
N SER A 2 -6.78 23.10 -4.84
CA SER A 2 -7.91 22.19 -4.72
C SER A 2 -8.99 22.79 -3.84
N SER A 3 -10.23 22.39 -4.08
CA SER A 3 -11.37 22.88 -3.30
C SER A 3 -11.05 22.86 -1.82
N GLY A 4 -10.48 21.75 -1.35
CA GLY A 4 -10.14 21.63 0.05
C GLY A 4 -11.22 20.90 0.85
N SER A 5 -11.19 19.57 0.78
CA SER A 5 -12.17 18.75 1.49
C SER A 5 -11.48 17.73 2.38
N SER A 6 -12.14 17.36 3.47
CA SER A 6 -11.59 16.39 4.41
C SER A 6 -12.68 15.50 4.98
N GLY A 7 -12.28 14.37 5.57
CA GLY A 7 -13.24 13.45 6.14
C GLY A 7 -12.98 12.01 5.72
N ASN A 8 -12.61 11.82 4.46
CA ASN A 8 -12.34 10.48 3.94
C ASN A 8 -11.69 9.61 5.00
N LEU A 9 -12.09 8.34 5.04
CA LEU A 9 -11.54 7.40 6.01
C LEU A 9 -10.34 6.66 5.43
N LEU A 10 -10.46 6.24 4.17
CA LEU A 10 -9.38 5.52 3.51
C LEU A 10 -8.03 6.20 3.76
N ASP A 11 -7.89 7.43 3.29
CA ASP A 11 -6.66 8.18 3.47
C ASP A 11 -6.01 7.85 4.82
N ASP A 12 -6.78 8.02 5.89
CA ASP A 12 -6.28 7.74 7.24
C ASP A 12 -5.87 6.28 7.37
N ALA A 13 -6.73 5.38 6.90
CA ALA A 13 -6.46 3.95 6.97
C ALA A 13 -5.23 3.58 6.13
N VAL A 14 -4.94 4.42 5.13
CA VAL A 14 -3.80 4.19 4.26
C VAL A 14 -2.50 4.66 4.91
N LYS A 15 -2.59 5.75 5.65
CA LYS A 15 -1.41 6.30 6.33
C LYS A 15 -1.05 5.47 7.55
N ARG A 16 -2.06 5.02 8.28
CA ARG A 16 -1.85 4.21 9.48
C ARG A 16 -1.03 2.96 9.15
N ILE A 17 -1.43 2.27 8.09
CA ILE A 17 -0.74 1.05 7.67
C ILE A 17 0.72 1.33 7.36
N SER A 18 0.98 2.48 6.73
CA SER A 18 2.34 2.86 6.39
C SER A 18 3.13 3.28 7.62
N GLU A 19 2.40 3.66 8.67
CA GLU A 19 3.03 4.09 9.91
C GLU A 19 2.77 3.08 11.03
N ASP A 20 2.50 1.84 10.64
CA ASP A 20 2.23 0.78 11.60
C ASP A 20 2.10 -0.57 10.91
N PRO A 21 3.14 -1.41 11.04
CA PRO A 21 4.34 -1.07 11.82
C PRO A 21 5.17 0.01 11.14
N PRO A 22 5.79 0.88 11.95
CA PRO A 22 6.63 1.97 11.46
C PRO A 22 7.94 1.47 10.85
N CYS A 23 8.23 1.92 9.63
CA CYS A 23 9.45 1.52 8.95
C CYS A 23 10.68 1.83 9.79
N LYS A 24 11.37 0.79 10.23
CA LYS A 24 12.57 0.94 11.05
C LYS A 24 13.73 1.49 10.21
N CYS A 25 13.93 0.91 9.03
CA CYS A 25 15.00 1.35 8.15
C CYS A 25 15.20 2.86 8.22
N PRO A 26 16.42 3.31 7.93
CA PRO A 26 16.78 4.73 7.96
C PRO A 26 16.10 5.52 6.84
N THR A 27 15.26 4.84 6.06
CA THR A 27 14.56 5.47 4.96
C THR A 27 13.12 4.98 4.87
N LYS A 28 12.17 5.91 4.97
CA LYS A 28 10.76 5.58 4.89
C LYS A 28 10.33 5.29 3.45
N PHE A 29 9.19 4.63 3.30
CA PHE A 29 8.68 4.29 1.98
C PHE A 29 8.09 5.52 1.29
N CYS A 30 7.69 5.36 0.03
CA CYS A 30 7.11 6.45 -0.73
C CYS A 30 5.60 6.35 -0.77
N VAL A 31 4.92 7.24 -0.03
CA VAL A 31 3.48 7.25 0.02
C VAL A 31 2.93 8.67 -0.06
N GLU A 32 2.37 9.03 -1.21
CA GLU A 32 1.82 10.36 -1.41
C GLU A 32 0.41 10.28 -1.99
N ARG A 33 -0.39 11.32 -1.74
CA ARG A 33 -1.76 11.36 -2.24
C ARG A 33 -1.83 12.12 -3.56
N LEU A 34 -2.45 11.51 -4.55
CA LEU A 34 -2.61 12.13 -5.87
C LEU A 34 -4.07 12.38 -6.20
N SER A 35 -4.91 11.39 -5.92
CA SER A 35 -6.34 11.50 -6.18
C SER A 35 -7.13 10.56 -5.29
N GLN A 36 -8.45 10.73 -5.28
CA GLN A 36 -9.33 9.89 -4.47
C GLN A 36 -9.09 8.41 -4.75
N GLY A 37 -8.34 7.76 -3.87
CA GLY A 37 -8.05 6.34 -4.05
C GLY A 37 -6.71 6.11 -4.69
N ARG A 38 -6.15 7.15 -5.29
CA ARG A 38 -4.84 7.04 -5.95
C ARG A 38 -3.72 7.51 -5.02
N TYR A 39 -2.66 6.72 -4.96
CA TYR A 39 -1.52 7.05 -4.11
C TYR A 39 -0.23 6.48 -4.68
N ARG A 40 0.87 7.20 -4.48
CA ARG A 40 2.17 6.77 -4.97
C ARG A 40 2.78 5.70 -4.07
N VAL A 41 3.10 4.55 -4.65
CA VAL A 41 3.70 3.46 -3.89
C VAL A 41 4.99 2.97 -4.54
N GLY A 42 6.09 3.08 -3.81
CA GLY A 42 7.37 2.65 -4.33
C GLY A 42 7.63 3.15 -5.75
N GLU A 43 7.40 4.44 -5.96
CA GLU A 43 7.60 5.04 -7.28
C GLU A 43 6.67 4.40 -8.31
N LYS A 44 5.44 4.13 -7.90
CA LYS A 44 4.45 3.53 -8.79
C LYS A 44 3.07 4.08 -8.52
N ILE A 45 2.27 4.22 -9.58
CA ILE A 45 0.91 4.73 -9.45
C ILE A 45 -0.11 3.60 -9.42
N LEU A 46 -0.64 3.34 -8.23
CA LEU A 46 -1.63 2.28 -8.05
C LEU A 46 -2.96 2.85 -7.55
N PHE A 47 -4.03 2.10 -7.76
CA PHE A 47 -5.36 2.53 -7.34
C PHE A 47 -5.78 1.80 -6.06
N ILE A 48 -5.68 2.50 -4.93
CA ILE A 48 -6.05 1.92 -3.64
C ILE A 48 -7.52 2.16 -3.32
N ARG A 49 -8.30 1.08 -3.28
CA ARG A 49 -9.72 1.19 -2.99
C ARG A 49 -10.03 0.67 -1.59
N MET A 50 -11.26 0.89 -1.14
CA MET A 50 -11.68 0.44 0.19
C MET A 50 -13.02 -0.30 0.11
N LEU A 51 -13.00 -1.57 0.49
CA LEU A 51 -14.21 -2.39 0.47
C LEU A 51 -15.09 -2.10 1.68
N HIS A 52 -16.23 -1.46 1.45
CA HIS A 52 -17.16 -1.11 2.52
C HIS A 52 -16.45 -0.33 3.62
N ASN A 53 -15.44 0.44 3.24
CA ASN A 53 -14.68 1.23 4.19
C ASN A 53 -14.20 0.37 5.36
N LYS A 54 -13.83 -0.87 5.05
CA LYS A 54 -13.34 -1.80 6.08
C LYS A 54 -12.01 -2.40 5.67
N HIS A 55 -11.89 -2.77 4.39
CA HIS A 55 -10.66 -3.36 3.88
C HIS A 55 -10.02 -2.45 2.82
N VAL A 56 -8.70 -2.34 2.87
CA VAL A 56 -7.97 -1.51 1.93
C VAL A 56 -7.21 -2.36 0.92
N MET A 57 -7.65 -2.32 -0.33
CA MET A 57 -7.01 -3.09 -1.40
C MET A 57 -6.39 -2.17 -2.43
N VAL A 58 -5.53 -2.74 -3.29
CA VAL A 58 -4.88 -1.96 -4.33
C VAL A 58 -5.06 -2.61 -5.70
N ARG A 59 -4.96 -1.80 -6.75
CA ARG A 59 -5.12 -2.30 -8.11
C ARG A 59 -3.77 -2.46 -8.79
N VAL A 60 -3.33 -3.71 -8.92
CA VAL A 60 -2.05 -4.02 -9.54
C VAL A 60 -2.23 -4.97 -10.73
N GLY A 61 -1.18 -5.09 -11.53
CA GLY A 61 -1.25 -5.97 -12.69
C GLY A 61 -1.49 -7.42 -12.31
N GLY A 62 -2.73 -7.88 -12.48
CA GLY A 62 -3.06 -9.24 -12.14
C GLY A 62 -4.34 -9.34 -11.32
N GLY A 63 -4.54 -8.36 -10.44
CA GLY A 63 -5.72 -8.36 -9.60
C GLY A 63 -5.65 -7.32 -8.50
N TRP A 64 -6.21 -7.64 -7.34
CA TRP A 64 -6.22 -6.73 -6.21
C TRP A 64 -5.71 -7.41 -4.95
N GLU A 65 -4.85 -6.73 -4.20
CA GLU A 65 -4.30 -7.28 -2.97
C GLU A 65 -4.47 -6.30 -1.81
N THR A 66 -4.04 -6.71 -0.63
CA THR A 66 -4.14 -5.88 0.56
C THR A 66 -2.99 -4.89 0.65
N PHE A 67 -3.31 -3.61 0.65
CA PHE A 67 -2.29 -2.57 0.73
C PHE A 67 -1.18 -2.96 1.69
N ALA A 68 -1.57 -3.33 2.91
CA ALA A 68 -0.61 -3.72 3.94
C ALA A 68 0.25 -4.90 3.46
N GLY A 69 -0.35 -5.76 2.65
CA GLY A 69 0.38 -6.92 2.13
C GLY A 69 1.37 -6.53 1.06
N TYR A 70 1.01 -5.55 0.25
CA TYR A 70 1.89 -5.10 -0.83
C TYR A 70 3.04 -4.26 -0.28
N LEU A 71 2.81 -3.64 0.86
CA LEU A 71 3.83 -2.80 1.50
C LEU A 71 4.78 -3.66 2.34
N LEU A 72 4.22 -4.59 3.09
CA LEU A 72 5.01 -5.47 3.93
C LEU A 72 5.90 -6.39 3.09
N LYS A 73 5.34 -6.90 2.00
CA LYS A 73 6.08 -7.79 1.11
C LYS A 73 7.27 -7.06 0.49
N HIS A 74 7.12 -5.77 0.25
CA HIS A 74 8.18 -4.96 -0.33
C HIS A 74 9.18 -4.53 0.73
N ASP A 75 8.67 -4.02 1.85
CA ASP A 75 9.52 -3.57 2.94
C ASP A 75 10.04 -4.76 3.75
N PRO A 76 11.37 -4.81 3.94
CA PRO A 76 12.02 -5.89 4.69
C PRO A 76 11.72 -5.81 6.18
N CYS A 77 11.99 -4.66 6.78
CA CYS A 77 11.74 -4.46 8.20
C CYS A 77 10.31 -4.83 8.57
N ARG A 78 9.39 -4.54 7.66
CA ARG A 78 7.97 -4.84 7.89
C ARG A 78 7.75 -6.34 8.02
N MET A 79 8.32 -7.11 7.10
CA MET A 79 8.19 -8.56 7.12
C MET A 79 8.32 -9.09 8.54
N LEU A 80 9.06 -8.38 9.37
CA LEU A 80 9.28 -8.78 10.76
C LEU A 80 7.98 -9.29 11.38
N GLN A 81 6.86 -8.69 10.96
CA GLN A 81 5.55 -9.08 11.49
C GLN A 81 5.01 -10.29 10.74
N ILE A 82 5.91 -11.21 10.38
CA ILE A 82 5.52 -12.42 9.67
C ILE A 82 6.14 -13.66 10.31
N SER A 83 5.32 -14.41 11.02
CA SER A 83 5.78 -15.63 11.69
C SER A 83 6.29 -16.64 10.67
N ARG A 84 5.53 -16.81 9.59
CA ARG A 84 5.91 -17.76 8.54
C ARG A 84 5.37 -17.30 7.18
N VAL A 85 6.24 -17.28 6.18
CA VAL A 85 5.85 -16.88 4.84
C VAL A 85 5.88 -18.05 3.87
N ASP A 86 5.06 -17.97 2.82
CA ASP A 86 5.00 -19.03 1.83
C ASP A 86 6.13 -18.91 0.82
N GLY A 87 6.33 -17.70 0.31
CA GLY A 87 7.39 -17.47 -0.65
C GLY A 87 7.11 -18.13 -1.99
N LYS A 88 7.15 -17.32 -3.05
CA LYS A 88 6.89 -17.83 -4.40
C LYS A 88 7.63 -17.00 -5.44
N THR A 89 8.03 -17.64 -6.53
CA THR A 89 8.75 -16.97 -7.60
C THR A 89 7.82 -16.07 -8.40
N SER A 90 8.27 -14.85 -8.68
CA SER A 90 7.48 -13.89 -9.44
C SER A 90 8.22 -13.44 -10.69
N PRO A 91 8.03 -14.19 -11.79
CA PRO A 91 8.67 -13.88 -13.08
C PRO A 91 8.11 -12.62 -13.71
N SER A 92 8.88 -11.55 -13.69
CA SER A 92 8.47 -10.28 -14.27
C SER A 92 9.67 -9.43 -14.66
N GLY A 93 9.52 -8.66 -15.73
CA GLY A 93 10.60 -7.81 -16.18
C GLY A 93 10.13 -6.73 -17.14
N PRO A 94 10.77 -5.55 -17.05
CA PRO A 94 10.42 -4.41 -17.90
C PRO A 94 10.81 -4.62 -19.36
N SER A 95 10.21 -3.84 -20.25
CA SER A 95 10.50 -3.95 -21.68
C SER A 95 11.89 -3.43 -22.00
N SER A 96 12.86 -4.34 -22.03
CA SER A 96 14.25 -3.97 -22.32
C SER A 96 14.90 -5.00 -23.24
N GLY A 97 16.15 -4.74 -23.61
CA GLY A 97 16.86 -5.65 -24.48
C GLY A 97 16.59 -7.10 -24.15
ZN ZN B . 11.68 -0.44 6.68
N GLY A 1 -17.20 16.13 -3.67
CA GLY A 1 -16.33 16.48 -2.57
C GLY A 1 -17.03 16.42 -1.23
N SER A 2 -18.11 17.18 -1.09
CA SER A 2 -18.87 17.22 0.15
C SER A 2 -19.87 16.06 0.21
N SER A 3 -19.40 14.86 -0.11
CA SER A 3 -20.26 13.68 -0.11
C SER A 3 -20.51 13.21 1.32
N GLY A 4 -19.44 13.01 2.07
CA GLY A 4 -19.57 12.56 3.45
C GLY A 4 -18.61 13.26 4.38
N SER A 5 -19.12 13.77 5.49
CA SER A 5 -18.30 14.48 6.47
C SER A 5 -17.66 13.50 7.45
N SER A 6 -16.50 13.86 7.96
CA SER A 6 -15.77 13.01 8.90
C SER A 6 -15.56 11.62 8.33
N GLY A 7 -15.22 11.55 7.05
CA GLY A 7 -14.99 10.27 6.40
C GLY A 7 -13.54 10.06 6.03
N ASN A 8 -13.26 9.98 4.73
CA ASN A 8 -11.90 9.78 4.26
C ASN A 8 -11.21 8.66 5.04
N LEU A 9 -11.93 7.55 5.24
CA LEU A 9 -11.39 6.41 5.96
C LEU A 9 -10.15 5.86 5.27
N LEU A 10 -10.18 5.83 3.94
CA LEU A 10 -9.06 5.32 3.16
C LEU A 10 -7.77 6.05 3.54
N ASP A 11 -7.81 7.37 3.51
CA ASP A 11 -6.64 8.17 3.87
C ASP A 11 -6.11 7.81 5.24
N ASP A 12 -7.01 7.75 6.22
CA ASP A 12 -6.64 7.40 7.58
C ASP A 12 -6.03 6.00 7.64
N ALA A 13 -6.66 5.05 6.94
CA ALA A 13 -6.19 3.68 6.92
C ALA A 13 -4.79 3.59 6.31
N VAL A 14 -4.64 4.13 5.11
CA VAL A 14 -3.35 4.12 4.42
C VAL A 14 -2.27 4.82 5.26
N LYS A 15 -2.64 5.96 5.83
CA LYS A 15 -1.70 6.72 6.65
C LYS A 15 -1.30 5.94 7.89
N ARG A 16 -2.28 5.34 8.56
CA ARG A 16 -2.02 4.56 9.77
C ARG A 16 -1.20 3.32 9.44
N ILE A 17 -1.73 2.49 8.55
CA ILE A 17 -1.03 1.27 8.15
C ILE A 17 0.43 1.54 7.80
N SER A 18 0.64 2.54 6.94
CA SER A 18 1.99 2.91 6.52
C SER A 18 2.84 3.28 7.72
N GLU A 19 2.22 3.85 8.74
CA GLU A 19 2.93 4.26 9.95
C GLU A 19 2.64 3.29 11.09
N ASP A 20 2.35 2.04 10.75
CA ASP A 20 2.08 1.02 11.75
C ASP A 20 1.93 -0.35 11.10
N PRO A 21 2.96 -1.20 11.26
CA PRO A 21 4.16 -0.85 12.03
C PRO A 21 5.01 0.20 11.32
N PRO A 22 5.65 1.08 12.09
CA PRO A 22 6.51 2.14 11.56
C PRO A 22 7.79 1.60 10.94
N CYS A 23 8.11 2.06 9.74
CA CYS A 23 9.30 1.62 9.04
C CYS A 23 10.55 1.88 9.88
N LYS A 24 11.13 0.81 10.42
CA LYS A 24 12.32 0.91 11.25
C LYS A 24 13.51 1.42 10.42
N CYS A 25 13.65 0.90 9.22
CA CYS A 25 14.74 1.32 8.33
C CYS A 25 14.98 2.83 8.43
N PRO A 26 16.22 3.24 8.16
CA PRO A 26 16.61 4.65 8.21
C PRO A 26 15.99 5.47 7.08
N THR A 27 15.15 4.81 6.27
CA THR A 27 14.50 5.48 5.15
C THR A 27 13.08 4.94 4.96
N LYS A 28 12.09 5.75 5.30
CA LYS A 28 10.70 5.36 5.15
C LYS A 28 10.34 5.18 3.68
N PHE A 29 9.25 4.45 3.43
CA PHE A 29 8.80 4.19 2.06
C PHE A 29 8.19 5.45 1.45
N CYS A 30 7.89 5.39 0.17
CA CYS A 30 7.30 6.52 -0.54
C CYS A 30 5.78 6.37 -0.65
N VAL A 31 5.05 7.25 0.03
CA VAL A 31 3.60 7.21 0.00
C VAL A 31 3.02 8.62 -0.12
N GLU A 32 2.51 8.94 -1.32
CA GLU A 32 1.92 10.25 -1.56
C GLU A 32 0.49 10.11 -2.09
N ARG A 33 -0.40 10.96 -1.59
CA ARG A 33 -1.80 10.93 -2.01
C ARG A 33 -2.00 11.76 -3.27
N LEU A 34 -2.52 11.13 -4.32
CA LEU A 34 -2.76 11.82 -5.58
C LEU A 34 -4.26 12.03 -5.81
N SER A 35 -5.02 10.94 -5.68
CA SER A 35 -6.46 11.00 -5.87
C SER A 35 -7.18 10.11 -4.86
N GLN A 36 -8.51 10.13 -4.91
CA GLN A 36 -9.32 9.32 -4.01
C GLN A 36 -8.71 7.93 -3.84
N GLY A 37 -8.55 7.22 -4.95
CA GLY A 37 -7.99 5.88 -4.90
C GLY A 37 -6.68 5.78 -5.67
N ARG A 38 -5.84 6.80 -5.53
CA ARG A 38 -4.55 6.81 -6.22
C ARG A 38 -3.44 7.35 -5.30
N TYR A 39 -2.36 6.60 -5.20
CA TYR A 39 -1.24 6.99 -4.35
C TYR A 39 0.09 6.53 -4.96
N ARG A 40 1.18 7.17 -4.51
CA ARG A 40 2.50 6.82 -5.02
C ARG A 40 3.16 5.78 -4.12
N VAL A 41 3.34 4.57 -4.64
CA VAL A 41 3.96 3.49 -3.88
C VAL A 41 5.29 3.08 -4.51
N GLY A 42 6.38 3.31 -3.79
CA GLY A 42 7.69 2.95 -4.28
C GLY A 42 7.95 3.49 -5.68
N GLU A 43 7.74 4.80 -5.84
CA GLU A 43 7.95 5.44 -7.14
C GLU A 43 7.06 4.81 -8.21
N LYS A 44 5.83 4.49 -7.83
CA LYS A 44 4.88 3.89 -8.77
C LYS A 44 3.47 4.41 -8.52
N ILE A 45 2.65 4.40 -9.57
CA ILE A 45 1.28 4.87 -9.47
C ILE A 45 0.30 3.71 -9.46
N LEU A 46 -0.29 3.45 -8.29
CA LEU A 46 -1.26 2.36 -8.15
C LEU A 46 -2.63 2.90 -7.77
N PHE A 47 -3.67 2.10 -8.01
CA PHE A 47 -5.04 2.50 -7.70
C PHE A 47 -5.53 1.79 -6.44
N ILE A 48 -5.49 2.48 -5.32
CA ILE A 48 -5.94 1.91 -4.05
C ILE A 48 -7.40 2.24 -3.79
N ARG A 49 -8.16 1.25 -3.36
CA ARG A 49 -9.58 1.43 -3.05
C ARG A 49 -9.93 0.85 -1.69
N MET A 50 -11.11 1.21 -1.19
CA MET A 50 -11.56 0.73 0.11
C MET A 50 -12.90 0.01 -0.02
N LEU A 51 -12.90 -1.28 0.25
CA LEU A 51 -14.12 -2.08 0.17
C LEU A 51 -15.06 -1.76 1.32
N HIS A 52 -16.14 -1.03 1.01
CA HIS A 52 -17.11 -0.65 2.02
C HIS A 52 -16.45 0.09 3.17
N ASN A 53 -15.41 0.86 2.86
CA ASN A 53 -14.69 1.61 3.87
C ASN A 53 -14.34 0.74 5.07
N LYS A 54 -13.99 -0.51 4.80
CA LYS A 54 -13.63 -1.45 5.85
C LYS A 54 -12.31 -2.15 5.54
N HIS A 55 -12.10 -2.46 4.26
CA HIS A 55 -10.87 -3.12 3.83
C HIS A 55 -10.11 -2.26 2.84
N VAL A 56 -8.79 -2.37 2.86
CA VAL A 56 -7.94 -1.60 1.96
C VAL A 56 -7.23 -2.50 0.96
N MET A 57 -7.59 -2.36 -0.31
CA MET A 57 -6.99 -3.16 -1.37
C MET A 57 -6.38 -2.27 -2.45
N VAL A 58 -5.56 -2.87 -3.31
CA VAL A 58 -4.90 -2.13 -4.39
C VAL A 58 -5.09 -2.84 -5.73
N ARG A 59 -4.83 -2.12 -6.81
CA ARG A 59 -4.96 -2.69 -8.14
C ARG A 59 -3.59 -2.99 -8.74
N VAL A 60 -3.26 -4.27 -8.84
CA VAL A 60 -1.98 -4.70 -9.39
C VAL A 60 -2.17 -5.41 -10.73
N GLY A 61 -3.10 -4.91 -11.54
CA GLY A 61 -3.35 -5.52 -12.83
C GLY A 61 -3.47 -7.03 -12.76
N GLY A 62 -4.69 -7.51 -12.52
CA GLY A 62 -4.90 -8.94 -12.43
C GLY A 62 -5.73 -9.33 -11.22
N GLY A 63 -5.42 -8.73 -10.08
CA GLY A 63 -6.16 -9.03 -8.87
C GLY A 63 -6.00 -7.96 -7.81
N TRP A 64 -6.76 -8.07 -6.72
CA TRP A 64 -6.70 -7.10 -5.64
C TRP A 64 -6.06 -7.72 -4.39
N GLU A 65 -5.09 -7.02 -3.82
CA GLU A 65 -4.41 -7.50 -2.63
C GLU A 65 -4.49 -6.47 -1.50
N THR A 66 -4.12 -6.89 -0.29
CA THR A 66 -4.16 -6.01 0.87
C THR A 66 -3.01 -5.02 0.84
N PHE A 67 -3.34 -3.74 0.76
CA PHE A 67 -2.33 -2.68 0.72
C PHE A 67 -1.14 -3.04 1.60
N ALA A 68 -1.42 -3.32 2.87
CA ALA A 68 -0.37 -3.69 3.82
C ALA A 68 0.48 -4.83 3.28
N GLY A 69 -0.17 -5.79 2.64
CA GLY A 69 0.55 -6.93 2.09
C GLY A 69 1.56 -6.54 1.03
N TYR A 70 1.15 -5.65 0.13
CA TYR A 70 2.03 -5.19 -0.94
C TYR A 70 3.18 -4.36 -0.37
N LEU A 71 2.90 -3.62 0.71
CA LEU A 71 3.91 -2.79 1.35
C LEU A 71 4.98 -3.64 2.02
N LEU A 72 4.54 -4.68 2.73
CA LEU A 72 5.47 -5.57 3.42
C LEU A 72 6.42 -6.24 2.44
N LYS A 73 5.89 -6.63 1.28
CA LYS A 73 6.69 -7.29 0.26
C LYS A 73 7.97 -6.49 -0.02
N HIS A 74 7.82 -5.20 -0.30
CA HIS A 74 8.96 -4.35 -0.57
C HIS A 74 9.67 -3.96 0.72
N ASP A 75 8.91 -3.52 1.71
CA ASP A 75 9.46 -3.13 3.00
C ASP A 75 10.07 -4.33 3.73
N PRO A 76 11.39 -4.29 3.94
CA PRO A 76 12.12 -5.36 4.62
C PRO A 76 11.78 -5.45 6.11
N CYS A 77 11.85 -4.30 6.78
CA CYS A 77 11.55 -4.24 8.21
C CYS A 77 10.16 -4.81 8.50
N ARG A 78 9.28 -4.74 7.51
CA ARG A 78 7.92 -5.24 7.65
C ARG A 78 7.89 -6.76 7.58
N MET A 79 8.68 -7.32 6.66
CA MET A 79 8.74 -8.77 6.49
C MET A 79 8.80 -9.47 7.85
N LEU A 80 9.53 -8.88 8.78
CA LEU A 80 9.65 -9.46 10.12
C LEU A 80 8.34 -10.07 10.58
N GLN A 81 7.23 -9.43 10.22
CA GLN A 81 5.91 -9.93 10.58
C GLN A 81 5.88 -11.45 10.62
N ILE A 82 5.32 -12.00 11.69
CA ILE A 82 5.23 -13.45 11.84
C ILE A 82 4.58 -14.09 10.62
N SER A 83 3.49 -13.51 10.15
CA SER A 83 2.78 -14.02 8.99
C SER A 83 3.76 -14.51 7.93
N ARG A 84 3.63 -15.79 7.56
CA ARG A 84 4.51 -16.38 6.56
C ARG A 84 4.73 -15.42 5.39
N VAL A 85 5.74 -15.71 4.58
CA VAL A 85 6.06 -14.88 3.42
C VAL A 85 5.65 -15.55 2.12
N ASP A 86 5.26 -14.75 1.14
CA ASP A 86 4.85 -15.28 -0.16
C ASP A 86 5.68 -14.67 -1.28
N GLY A 87 5.70 -15.34 -2.43
CA GLY A 87 6.45 -14.84 -3.57
C GLY A 87 5.76 -15.10 -4.89
N LYS A 88 5.79 -14.13 -5.78
CA LYS A 88 5.16 -14.26 -7.09
C LYS A 88 5.90 -13.42 -8.13
N THR A 89 5.49 -13.56 -9.39
CA THR A 89 6.10 -12.82 -10.48
C THR A 89 5.68 -11.35 -10.46
N SER A 90 6.50 -10.52 -9.84
CA SER A 90 6.22 -9.09 -9.74
C SER A 90 6.63 -8.37 -11.02
N PRO A 91 7.94 -8.31 -11.27
CA PRO A 91 8.50 -7.66 -12.46
C PRO A 91 8.19 -8.42 -13.74
N SER A 92 7.60 -7.73 -14.70
CA SER A 92 7.24 -8.34 -15.98
C SER A 92 6.71 -7.29 -16.96
N GLY A 93 7.52 -6.94 -17.95
CA GLY A 93 7.11 -5.96 -18.94
C GLY A 93 8.17 -5.70 -19.97
N PRO A 94 7.85 -6.00 -21.25
CA PRO A 94 8.79 -5.80 -22.36
C PRO A 94 9.02 -4.33 -22.67
N SER A 95 9.82 -4.07 -23.69
CA SER A 95 10.13 -2.69 -24.09
C SER A 95 10.76 -2.66 -25.48
N SER A 96 10.35 -1.69 -26.28
CA SER A 96 10.88 -1.54 -27.64
C SER A 96 10.63 -0.14 -28.16
N GLY A 97 11.47 0.28 -29.12
CA GLY A 97 11.32 1.61 -29.69
C GLY A 97 12.52 2.00 -30.55
ZN ZN B . 11.42 -0.31 6.64
N GLY A 1 -6.10 22.24 1.18
CA GLY A 1 -6.30 23.32 0.24
C GLY A 1 -7.62 23.21 -0.50
N SER A 2 -8.55 24.11 -0.20
CA SER A 2 -9.86 24.10 -0.84
C SER A 2 -10.53 22.74 -0.68
N SER A 3 -10.43 22.18 0.52
CA SER A 3 -11.04 20.88 0.81
C SER A 3 -11.50 20.83 2.27
N GLY A 4 -12.63 20.15 2.49
CA GLY A 4 -13.17 20.02 3.83
C GLY A 4 -14.42 19.18 3.88
N SER A 5 -15.36 19.47 2.98
CA SER A 5 -16.62 18.72 2.92
C SER A 5 -16.37 17.25 2.59
N SER A 6 -15.63 17.02 1.51
CA SER A 6 -15.32 15.66 1.07
C SER A 6 -14.83 14.82 2.25
N GLY A 7 -15.27 13.56 2.29
CA GLY A 7 -14.87 12.67 3.36
C GLY A 7 -13.70 11.78 2.98
N ASN A 8 -12.49 12.22 3.32
CA ASN A 8 -11.28 11.46 3.00
C ASN A 8 -10.99 10.42 4.08
N LEU A 9 -11.55 9.23 3.90
CA LEU A 9 -11.36 8.14 4.86
C LEU A 9 -10.25 7.21 4.40
N LEU A 10 -10.42 6.62 3.23
CA LEU A 10 -9.43 5.71 2.67
C LEU A 10 -8.02 6.15 3.01
N ASP A 11 -7.69 7.38 2.60
CA ASP A 11 -6.37 7.94 2.87
C ASP A 11 -5.90 7.59 4.28
N ASP A 12 -6.72 7.94 5.26
CA ASP A 12 -6.39 7.65 6.66
C ASP A 12 -5.95 6.20 6.84
N ALA A 13 -6.78 5.28 6.37
CA ALA A 13 -6.48 3.85 6.48
C ALA A 13 -5.20 3.51 5.71
N VAL A 14 -4.89 4.32 4.70
CA VAL A 14 -3.70 4.10 3.88
C VAL A 14 -2.45 4.60 4.58
N LYS A 15 -2.60 5.69 5.35
CA LYS A 15 -1.48 6.27 6.07
C LYS A 15 -1.19 5.48 7.35
N ARG A 16 -2.25 5.15 8.08
CA ARG A 16 -2.11 4.40 9.33
C ARG A 16 -1.27 3.15 9.12
N ILE A 17 -1.63 2.36 8.11
CA ILE A 17 -0.92 1.13 7.80
C ILE A 17 0.57 1.41 7.56
N SER A 18 0.84 2.42 6.74
CA SER A 18 2.22 2.79 6.42
C SER A 18 2.97 3.24 7.67
N GLU A 19 2.21 3.66 8.69
CA GLU A 19 2.81 4.11 9.94
C GLU A 19 2.50 3.13 11.07
N ASP A 20 2.26 1.88 10.70
CA ASP A 20 1.96 0.85 11.70
C ASP A 20 1.85 -0.52 11.03
N PRO A 21 2.88 -1.35 11.21
CA PRO A 21 4.06 -0.99 12.02
C PRO A 21 4.91 0.07 11.33
N PRO A 22 5.49 0.97 12.14
CA PRO A 22 6.35 2.05 11.64
C PRO A 22 7.67 1.54 11.09
N CYS A 23 8.02 1.99 9.89
CA CYS A 23 9.27 1.57 9.25
C CYS A 23 10.47 1.92 10.13
N LYS A 24 11.24 0.91 10.50
CA LYS A 24 12.41 1.11 11.34
C LYS A 24 13.55 1.74 10.54
N CYS A 25 13.83 1.18 9.36
CA CYS A 25 14.88 1.69 8.49
C CYS A 25 14.97 3.21 8.58
N PRO A 26 16.18 3.75 8.36
CA PRO A 26 16.42 5.19 8.40
C PRO A 26 15.77 5.93 7.23
N THR A 27 15.05 5.18 6.39
CA THR A 27 14.38 5.76 5.24
C THR A 27 12.98 5.19 5.08
N LYS A 28 11.97 6.00 5.35
CA LYS A 28 10.58 5.58 5.23
C LYS A 28 10.25 5.21 3.78
N PHE A 29 9.09 4.59 3.59
CA PHE A 29 8.65 4.19 2.26
C PHE A 29 8.07 5.37 1.49
N CYS A 30 7.81 5.17 0.21
CA CYS A 30 7.25 6.21 -0.64
C CYS A 30 5.73 6.16 -0.64
N VAL A 31 5.11 7.13 0.03
CA VAL A 31 3.65 7.19 0.10
C VAL A 31 3.15 8.62 -0.05
N GLU A 32 2.59 8.92 -1.21
CA GLU A 32 2.07 10.26 -1.49
C GLU A 32 0.71 10.18 -2.18
N ARG A 33 -0.29 10.81 -1.58
CA ARG A 33 -1.64 10.82 -2.14
C ARG A 33 -1.72 11.73 -3.36
N LEU A 34 -2.31 11.22 -4.43
CA LEU A 34 -2.45 11.99 -5.67
C LEU A 34 -3.92 12.36 -5.91
N SER A 35 -4.80 11.39 -5.73
CA SER A 35 -6.23 11.61 -5.93
C SER A 35 -7.06 10.55 -5.20
N GLN A 36 -8.37 10.60 -5.40
CA GLN A 36 -9.26 9.65 -4.76
C GLN A 36 -8.97 8.22 -5.23
N GLY A 37 -8.37 7.43 -4.35
CA GLY A 37 -8.05 6.06 -4.69
C GLY A 37 -6.75 5.94 -5.47
N ARG A 38 -5.82 6.87 -5.21
CA ARG A 38 -4.53 6.87 -5.89
C ARG A 38 -3.42 7.34 -4.96
N TYR A 39 -2.37 6.55 -4.86
CA TYR A 39 -1.23 6.89 -3.99
C TYR A 39 0.07 6.39 -4.59
N ARG A 40 1.15 7.12 -4.32
CA ARG A 40 2.47 6.74 -4.83
C ARG A 40 3.12 5.68 -3.94
N VAL A 41 3.33 4.49 -4.50
CA VAL A 41 3.94 3.39 -3.77
C VAL A 41 5.26 2.99 -4.40
N GLY A 42 6.31 2.95 -3.58
CA GLY A 42 7.62 2.57 -4.07
C GLY A 42 7.91 3.13 -5.45
N GLU A 43 7.71 4.43 -5.61
CA GLU A 43 7.93 5.08 -6.90
C GLU A 43 7.04 4.49 -7.98
N LYS A 44 5.80 4.19 -7.61
CA LYS A 44 4.84 3.61 -8.54
C LYS A 44 3.45 4.19 -8.32
N ILE A 45 2.63 4.18 -9.36
CA ILE A 45 1.28 4.70 -9.27
C ILE A 45 0.25 3.56 -9.23
N LEU A 46 -0.24 3.25 -8.04
CA LEU A 46 -1.22 2.19 -7.87
C LEU A 46 -2.56 2.74 -7.39
N PHE A 47 -3.63 2.03 -7.69
CA PHE A 47 -4.97 2.46 -7.29
C PHE A 47 -5.45 1.67 -6.07
N ILE A 48 -5.35 2.29 -4.91
CA ILE A 48 -5.77 1.65 -3.67
C ILE A 48 -7.21 2.01 -3.33
N ARG A 49 -8.06 1.00 -3.22
CA ARG A 49 -9.47 1.20 -2.90
C ARG A 49 -9.85 0.47 -1.62
N MET A 50 -10.92 0.92 -0.98
CA MET A 50 -11.39 0.30 0.25
C MET A 50 -12.68 -0.47 0.01
N LEU A 51 -12.75 -1.68 0.56
CA LEU A 51 -13.93 -2.52 0.40
C LEU A 51 -14.91 -2.30 1.55
N HIS A 52 -15.97 -1.56 1.27
CA HIS A 52 -17.00 -1.27 2.27
C HIS A 52 -16.38 -0.59 3.50
N ASN A 53 -15.40 0.27 3.26
CA ASN A 53 -14.72 0.98 4.33
C ASN A 53 -14.36 0.03 5.47
N LYS A 54 -13.91 -1.17 5.11
CA LYS A 54 -13.53 -2.17 6.10
C LYS A 54 -12.19 -2.81 5.75
N HIS A 55 -11.95 -2.96 4.44
CA HIS A 55 -10.70 -3.56 3.97
C HIS A 55 -9.98 -2.62 3.01
N VAL A 56 -8.65 -2.70 2.99
CA VAL A 56 -7.84 -1.86 2.12
C VAL A 56 -7.05 -2.69 1.13
N MET A 57 -7.51 -2.72 -0.12
CA MET A 57 -6.84 -3.47 -1.17
C MET A 57 -6.26 -2.54 -2.23
N VAL A 58 -5.37 -3.08 -3.06
CA VAL A 58 -4.75 -2.30 -4.12
C VAL A 58 -5.02 -2.91 -5.49
N ARG A 59 -5.21 -2.05 -6.49
CA ARG A 59 -5.48 -2.51 -7.84
C ARG A 59 -4.19 -2.58 -8.65
N VAL A 60 -3.83 -3.80 -9.06
CA VAL A 60 -2.62 -4.02 -9.85
C VAL A 60 -2.95 -4.55 -11.23
N GLY A 61 -4.18 -4.31 -11.68
CA GLY A 61 -4.60 -4.78 -12.98
C GLY A 61 -5.30 -6.12 -12.92
N GLY A 62 -6.61 -6.10 -12.67
CA GLY A 62 -7.37 -7.33 -12.58
C GLY A 62 -7.25 -8.00 -11.24
N GLY A 63 -6.05 -7.94 -10.65
CA GLY A 63 -5.81 -8.55 -9.36
C GLY A 63 -5.75 -7.54 -8.24
N TRP A 64 -6.24 -7.92 -7.07
CA TRP A 64 -6.25 -7.03 -5.91
C TRP A 64 -5.60 -7.72 -4.70
N GLU A 65 -4.76 -6.98 -4.00
CA GLU A 65 -4.07 -7.51 -2.81
C GLU A 65 -4.19 -6.55 -1.64
N THR A 66 -3.78 -7.01 -0.46
CA THR A 66 -3.84 -6.20 0.74
C THR A 66 -2.72 -5.17 0.78
N PHE A 67 -3.09 -3.89 0.81
CA PHE A 67 -2.11 -2.81 0.83
C PHE A 67 -0.95 -3.15 1.76
N ALA A 68 -1.28 -3.55 3.00
CA ALA A 68 -0.28 -3.90 3.99
C ALA A 68 0.64 -5.00 3.46
N GLY A 69 0.08 -5.89 2.65
CA GLY A 69 0.85 -6.99 2.10
C GLY A 69 1.84 -6.53 1.06
N TYR A 70 1.38 -5.72 0.11
CA TYR A 70 2.24 -5.20 -0.95
C TYR A 70 3.35 -4.34 -0.38
N LEU A 71 3.12 -3.78 0.80
CA LEU A 71 4.11 -2.93 1.45
C LEU A 71 5.10 -3.76 2.25
N LEU A 72 4.59 -4.65 3.09
CA LEU A 72 5.44 -5.52 3.90
C LEU A 72 6.39 -6.32 3.02
N LYS A 73 5.92 -6.69 1.84
CA LYS A 73 6.73 -7.47 0.90
C LYS A 73 7.89 -6.64 0.37
N HIS A 74 7.63 -5.36 0.09
CA HIS A 74 8.65 -4.45 -0.42
C HIS A 74 9.63 -4.04 0.69
N ASP A 75 9.07 -3.64 1.83
CA ASP A 75 9.89 -3.22 2.97
C ASP A 75 10.41 -4.44 3.73
N PRO A 76 11.73 -4.46 3.98
CA PRO A 76 12.38 -5.55 4.71
C PRO A 76 12.00 -5.57 6.19
N CYS A 77 12.24 -4.45 6.86
CA CYS A 77 11.93 -4.34 8.28
C CYS A 77 10.48 -4.75 8.56
N ARG A 78 9.63 -4.58 7.56
CA ARG A 78 8.22 -4.93 7.69
C ARG A 78 8.04 -6.45 7.71
N MET A 79 8.83 -7.14 6.89
CA MET A 79 8.76 -8.60 6.82
C MET A 79 8.68 -9.22 8.21
N LEU A 80 9.41 -8.64 9.15
CA LEU A 80 9.43 -9.12 10.53
C LEU A 80 8.02 -9.52 10.98
N GLN A 81 7.04 -8.69 10.63
CA GLN A 81 5.65 -8.95 11.00
C GLN A 81 5.34 -10.44 10.91
N ILE A 82 4.48 -10.92 11.80
CA ILE A 82 4.09 -12.32 11.82
C ILE A 82 2.64 -12.49 11.39
N SER A 83 2.44 -12.73 10.09
CA SER A 83 1.09 -12.92 9.56
C SER A 83 1.14 -13.47 8.14
N ARG A 84 0.06 -14.10 7.71
CA ARG A 84 -0.02 -14.67 6.37
C ARG A 84 -0.73 -13.72 5.41
N VAL A 85 -0.65 -14.04 4.12
CA VAL A 85 -1.29 -13.21 3.10
C VAL A 85 -2.73 -13.66 2.84
N ASP A 86 -2.90 -14.95 2.55
CA ASP A 86 -4.21 -15.51 2.29
C ASP A 86 -4.89 -14.80 1.13
N GLY A 87 -4.11 -14.56 0.07
CA GLY A 87 -4.65 -13.88 -1.11
C GLY A 87 -4.62 -14.76 -2.34
N LYS A 88 -5.79 -15.04 -2.90
CA LYS A 88 -5.90 -15.87 -4.09
C LYS A 88 -7.31 -15.85 -4.65
N THR A 89 -7.44 -15.37 -5.90
CA THR A 89 -8.74 -15.30 -6.55
C THR A 89 -8.59 -15.12 -8.05
N SER A 90 -9.43 -15.80 -8.81
CA SER A 90 -9.39 -15.72 -10.27
C SER A 90 -9.37 -14.25 -10.73
N PRO A 91 -8.56 -13.98 -11.75
CA PRO A 91 -8.42 -12.62 -12.31
C PRO A 91 -9.68 -12.17 -13.04
N SER A 92 -9.67 -10.91 -13.48
CA SER A 92 -10.81 -10.35 -14.19
C SER A 92 -10.45 -9.02 -14.85
N GLY A 93 -11.08 -8.73 -15.99
CA GLY A 93 -10.82 -7.49 -16.69
C GLY A 93 -11.65 -7.35 -17.94
N PRO A 94 -12.95 -7.07 -17.76
CA PRO A 94 -13.89 -6.89 -18.88
C PRO A 94 -13.62 -5.61 -19.66
N SER A 95 -14.50 -5.31 -20.61
CA SER A 95 -14.37 -4.12 -21.43
C SER A 95 -15.19 -2.96 -20.86
N SER A 96 -14.49 -1.91 -20.45
CA SER A 96 -15.16 -0.74 -19.87
C SER A 96 -14.77 0.53 -20.64
N GLY A 97 -15.60 1.56 -20.52
CA GLY A 97 -15.33 2.81 -21.20
C GLY A 97 -16.38 3.14 -22.24
ZN ZN B . 11.76 -0.23 7.01
N GLY A 1 -11.65 27.09 -1.34
CA GLY A 1 -12.47 26.15 -0.58
C GLY A 1 -12.85 26.70 0.78
N SER A 2 -12.80 25.82 1.79
CA SER A 2 -13.15 26.22 3.15
C SER A 2 -12.60 25.21 4.16
N SER A 3 -12.40 25.67 5.38
CA SER A 3 -11.87 24.81 6.44
C SER A 3 -13.00 24.29 7.32
N GLY A 4 -13.63 23.21 6.88
CA GLY A 4 -14.72 22.63 7.63
C GLY A 4 -14.43 21.20 8.06
N SER A 5 -15.30 20.27 7.64
CA SER A 5 -15.13 18.87 7.99
C SER A 5 -14.55 18.09 6.82
N SER A 6 -13.23 18.16 6.66
CA SER A 6 -12.55 17.45 5.58
C SER A 6 -11.74 16.28 6.12
N GLY A 7 -12.41 15.13 6.29
CA GLY A 7 -11.75 13.96 6.79
C GLY A 7 -12.24 12.68 6.12
N ASN A 8 -11.31 11.90 5.59
CA ASN A 8 -11.65 10.66 4.91
C ASN A 8 -11.22 9.45 5.74
N LEU A 9 -11.78 8.29 5.42
CA LEU A 9 -11.46 7.06 6.14
C LEU A 9 -10.31 6.33 5.48
N LEU A 10 -10.34 6.25 4.15
CA LEU A 10 -9.29 5.58 3.39
C LEU A 10 -7.93 6.19 3.69
N ASP A 11 -7.81 7.50 3.49
CA ASP A 11 -6.55 8.20 3.75
C ASP A 11 -5.99 7.82 5.11
N ASP A 12 -6.83 7.92 6.14
CA ASP A 12 -6.42 7.59 7.49
C ASP A 12 -6.03 6.11 7.61
N ALA A 13 -6.85 5.24 7.01
CA ALA A 13 -6.60 3.82 7.04
C ALA A 13 -5.35 3.46 6.25
N VAL A 14 -4.98 4.31 5.31
CA VAL A 14 -3.80 4.09 4.49
C VAL A 14 -2.54 4.56 5.19
N LYS A 15 -2.64 5.69 5.89
CA LYS A 15 -1.50 6.24 6.61
C LYS A 15 -1.20 5.42 7.86
N ARG A 16 -2.25 4.91 8.50
CA ARG A 16 -2.09 4.11 9.70
C ARG A 16 -1.27 2.85 9.42
N ILE A 17 -1.60 2.17 8.32
CA ILE A 17 -0.90 0.96 7.93
C ILE A 17 0.57 1.25 7.64
N SER A 18 0.82 2.35 6.93
CA SER A 18 2.18 2.74 6.57
C SER A 18 2.94 3.20 7.80
N GLU A 19 2.22 3.49 8.88
CA GLU A 19 2.83 3.94 10.12
C GLU A 19 2.61 2.93 11.24
N ASP A 20 2.40 1.68 10.87
CA ASP A 20 2.18 0.62 11.84
C ASP A 20 2.10 -0.74 11.16
N PRO A 21 3.18 -1.54 11.29
CA PRO A 21 4.37 -1.14 12.05
C PRO A 21 5.15 -0.03 11.35
N PRO A 22 5.75 0.86 12.16
CA PRO A 22 6.54 2.00 11.64
C PRO A 22 7.85 1.53 11.00
N CYS A 23 8.07 1.97 9.76
CA CYS A 23 9.28 1.60 9.04
C CYS A 23 10.53 1.92 9.86
N LYS A 24 11.33 0.89 10.13
CA LYS A 24 12.55 1.06 10.91
C LYS A 24 13.68 1.59 10.04
N CYS A 25 13.80 1.06 8.83
CA CYS A 25 14.84 1.49 7.90
C CYS A 25 15.06 3.00 7.99
N PRO A 26 16.28 3.44 7.64
CA PRO A 26 16.65 4.86 7.67
C PRO A 26 15.94 5.66 6.59
N THR A 27 15.06 5.00 5.85
CA THR A 27 14.31 5.66 4.78
C THR A 27 12.87 5.19 4.75
N LYS A 28 11.94 6.11 4.96
CA LYS A 28 10.52 5.79 4.95
C LYS A 28 10.04 5.49 3.54
N PHE A 29 9.15 4.50 3.42
CA PHE A 29 8.62 4.12 2.13
C PHE A 29 8.03 5.32 1.39
N CYS A 30 7.78 5.16 0.09
CA CYS A 30 7.23 6.23 -0.72
C CYS A 30 5.71 6.15 -0.76
N VAL A 31 5.05 7.09 -0.08
CA VAL A 31 3.60 7.12 -0.04
C VAL A 31 3.08 8.55 -0.23
N GLU A 32 2.54 8.83 -1.40
CA GLU A 32 2.00 10.15 -1.70
C GLU A 32 0.56 10.05 -2.21
N ARG A 33 -0.31 10.90 -1.65
CA ARG A 33 -1.71 10.90 -2.04
C ARG A 33 -1.93 11.74 -3.30
N LEU A 34 -2.48 11.12 -4.34
CA LEU A 34 -2.73 11.81 -5.59
C LEU A 34 -4.22 12.06 -5.79
N SER A 35 -5.02 11.03 -5.53
CA SER A 35 -6.47 11.13 -5.68
C SER A 35 -7.18 10.31 -4.61
N GLN A 36 -8.51 10.42 -4.58
CA GLN A 36 -9.31 9.69 -3.60
C GLN A 36 -8.85 8.25 -3.49
N GLY A 37 -8.69 7.60 -4.64
CA GLY A 37 -8.26 6.21 -4.66
C GLY A 37 -6.96 6.02 -5.42
N ARG A 38 -6.03 6.95 -5.24
CA ARG A 38 -4.75 6.88 -5.92
C ARG A 38 -3.62 7.34 -5.00
N TYR A 39 -2.52 6.60 -5.01
CA TYR A 39 -1.37 6.93 -4.17
C TYR A 39 -0.08 6.37 -4.76
N ARG A 40 1.03 7.04 -4.47
CA ARG A 40 2.33 6.61 -4.97
C ARG A 40 2.94 5.53 -4.08
N VAL A 41 3.33 4.42 -4.68
CA VAL A 41 3.93 3.31 -3.94
C VAL A 41 5.22 2.84 -4.59
N GLY A 42 6.31 2.93 -3.86
CA GLY A 42 7.60 2.51 -4.39
C GLY A 42 7.88 3.05 -5.77
N GLU A 43 7.73 4.36 -5.92
CA GLU A 43 7.96 5.02 -7.20
C GLU A 43 7.02 4.45 -8.28
N LYS A 44 5.77 4.21 -7.89
CA LYS A 44 4.78 3.67 -8.80
C LYS A 44 3.40 4.26 -8.53
N ILE A 45 2.54 4.26 -9.54
CA ILE A 45 1.19 4.79 -9.40
C ILE A 45 0.15 3.68 -9.38
N LEU A 46 -0.28 3.31 -8.19
CA LEU A 46 -1.28 2.25 -8.03
C LEU A 46 -2.62 2.83 -7.57
N PHE A 47 -3.71 2.20 -8.01
CA PHE A 47 -5.05 2.65 -7.65
C PHE A 47 -5.56 1.88 -6.44
N ILE A 48 -5.54 2.53 -5.28
CA ILE A 48 -6.02 1.91 -4.05
C ILE A 48 -7.46 2.30 -3.75
N ARG A 49 -8.27 1.31 -3.39
CA ARG A 49 -9.67 1.55 -3.07
C ARG A 49 -10.04 0.94 -1.73
N MET A 50 -11.21 1.31 -1.21
CA MET A 50 -11.68 0.80 0.07
C MET A 50 -13.05 0.15 -0.07
N LEU A 51 -13.14 -1.13 0.29
CA LEU A 51 -14.40 -1.86 0.20
C LEU A 51 -15.31 -1.51 1.38
N HIS A 52 -16.32 -0.69 1.11
CA HIS A 52 -17.27 -0.28 2.14
C HIS A 52 -16.55 0.33 3.34
N ASN A 53 -15.43 1.01 3.07
CA ASN A 53 -14.65 1.64 4.11
C ASN A 53 -14.33 0.66 5.23
N LYS A 54 -14.05 -0.59 4.85
CA LYS A 54 -13.73 -1.63 5.82
C LYS A 54 -12.41 -2.32 5.47
N HIS A 55 -12.17 -2.48 4.17
CA HIS A 55 -10.94 -3.12 3.70
C HIS A 55 -10.17 -2.20 2.75
N VAL A 56 -8.86 -2.34 2.73
CA VAL A 56 -8.01 -1.53 1.87
C VAL A 56 -7.27 -2.38 0.85
N MET A 57 -7.76 -2.39 -0.39
CA MET A 57 -7.14 -3.18 -1.45
C MET A 57 -6.51 -2.27 -2.50
N VAL A 58 -5.66 -2.84 -3.35
CA VAL A 58 -5.00 -2.08 -4.40
C VAL A 58 -5.20 -2.73 -5.76
N ARG A 59 -4.95 -1.97 -6.81
CA ARG A 59 -5.10 -2.47 -8.18
C ARG A 59 -3.73 -2.69 -8.83
N VAL A 60 -3.34 -3.95 -8.95
CA VAL A 60 -2.06 -4.29 -9.55
C VAL A 60 -2.23 -5.37 -10.63
N GLY A 61 -1.51 -5.21 -11.73
CA GLY A 61 -1.60 -6.17 -12.81
C GLY A 61 -1.77 -7.60 -12.31
N GLY A 62 -2.98 -8.13 -12.44
CA GLY A 62 -3.25 -9.49 -11.98
C GLY A 62 -4.50 -9.57 -11.13
N GLY A 63 -4.68 -8.61 -10.23
CA GLY A 63 -5.84 -8.61 -9.36
C GLY A 63 -5.75 -7.54 -8.29
N TRP A 64 -6.37 -7.81 -7.14
CA TRP A 64 -6.36 -6.86 -6.03
C TRP A 64 -5.87 -7.53 -4.76
N GLU A 65 -4.94 -6.87 -4.07
CA GLU A 65 -4.38 -7.41 -2.83
C GLU A 65 -4.52 -6.40 -1.70
N THR A 66 -4.15 -6.81 -0.50
CA THR A 66 -4.23 -5.94 0.68
C THR A 66 -3.08 -4.96 0.72
N PHE A 67 -3.39 -3.67 0.57
CA PHE A 67 -2.38 -2.63 0.61
C PHE A 67 -1.26 -2.97 1.58
N ALA A 68 -1.64 -3.20 2.84
CA ALA A 68 -0.67 -3.54 3.87
C ALA A 68 0.20 -4.71 3.45
N GLY A 69 -0.42 -5.69 2.79
CA GLY A 69 0.32 -6.85 2.33
C GLY A 69 1.37 -6.51 1.29
N TYR A 70 1.02 -5.63 0.37
CA TYR A 70 1.95 -5.22 -0.68
C TYR A 70 3.10 -4.40 -0.11
N LEU A 71 2.80 -3.62 0.93
CA LEU A 71 3.80 -2.79 1.57
C LEU A 71 4.78 -3.63 2.37
N LEU A 72 4.26 -4.55 3.15
CA LEU A 72 5.09 -5.43 3.98
C LEU A 72 6.09 -6.19 3.11
N LYS A 73 5.65 -6.63 1.95
CA LYS A 73 6.52 -7.36 1.03
C LYS A 73 7.68 -6.50 0.57
N HIS A 74 7.36 -5.41 -0.13
CA HIS A 74 8.39 -4.50 -0.62
C HIS A 74 9.29 -4.03 0.51
N ASP A 75 8.70 -3.70 1.64
CA ASP A 75 9.45 -3.24 2.81
C ASP A 75 10.10 -4.41 3.53
N PRO A 76 11.43 -4.34 3.71
CA PRO A 76 12.20 -5.40 4.37
C PRO A 76 11.91 -5.46 5.87
N CYS A 77 12.08 -4.33 6.55
CA CYS A 77 11.85 -4.25 7.99
C CYS A 77 10.46 -4.78 8.33
N ARG A 78 9.49 -4.52 7.46
CA ARG A 78 8.12 -4.98 7.67
C ARG A 78 8.04 -6.51 7.63
N MET A 79 8.76 -7.10 6.67
CA MET A 79 8.77 -8.55 6.52
C MET A 79 9.01 -9.24 7.86
N LEU A 80 9.95 -8.70 8.64
CA LEU A 80 10.28 -9.26 9.94
C LEU A 80 9.03 -9.81 10.63
N GLN A 81 7.89 -9.18 10.35
CA GLN A 81 6.63 -9.61 10.95
C GLN A 81 6.61 -11.13 11.16
N ILE A 82 6.52 -11.87 10.07
CA ILE A 82 6.49 -13.33 10.13
C ILE A 82 7.48 -13.94 9.14
N SER A 83 7.51 -13.40 7.93
CA SER A 83 8.41 -13.90 6.90
C SER A 83 8.49 -15.43 6.93
N ARG A 84 7.32 -16.07 6.87
CA ARG A 84 7.25 -17.52 6.89
C ARG A 84 7.84 -18.12 5.60
N VAL A 85 7.35 -17.63 4.46
CA VAL A 85 7.82 -18.11 3.17
C VAL A 85 8.53 -17.01 2.40
N ASP A 86 9.04 -17.35 1.22
CA ASP A 86 9.75 -16.38 0.39
C ASP A 86 8.77 -15.51 -0.39
N GLY A 87 7.74 -15.03 0.29
CA GLY A 87 6.74 -14.20 -0.35
C GLY A 87 6.12 -14.86 -1.56
N LYS A 88 6.44 -14.35 -2.74
CA LYS A 88 5.91 -14.91 -3.98
C LYS A 88 6.72 -14.42 -5.19
N THR A 89 6.83 -15.27 -6.20
CA THR A 89 7.57 -14.93 -7.40
C THR A 89 7.45 -13.44 -7.73
N SER A 90 8.55 -12.85 -8.18
CA SER A 90 8.56 -11.43 -8.52
C SER A 90 8.79 -11.23 -10.01
N PRO A 91 7.68 -11.13 -10.76
CA PRO A 91 7.72 -10.95 -12.22
C PRO A 91 8.23 -9.56 -12.61
N SER A 92 9.49 -9.49 -13.00
CA SER A 92 10.10 -8.21 -13.40
C SER A 92 9.26 -7.52 -14.47
N GLY A 93 8.67 -6.39 -14.11
CA GLY A 93 7.85 -5.65 -15.05
C GLY A 93 8.59 -4.48 -15.68
N PRO A 94 8.33 -4.23 -16.96
CA PRO A 94 8.97 -3.14 -17.70
C PRO A 94 8.49 -1.77 -17.24
N SER A 95 9.37 -1.03 -16.56
CA SER A 95 9.03 0.29 -16.05
C SER A 95 10.29 1.07 -15.68
N SER A 96 10.48 2.21 -16.34
CA SER A 96 11.66 3.04 -16.09
C SER A 96 11.29 4.52 -16.15
N GLY A 97 12.05 5.35 -15.44
CA GLY A 97 11.80 6.78 -15.44
C GLY A 97 12.14 7.42 -14.10
ZN ZN B . 11.45 -0.23 6.59
N GLY A 1 -21.38 2.18 -7.94
CA GLY A 1 -21.92 3.51 -8.05
C GLY A 1 -20.95 4.57 -7.54
N SER A 2 -21.35 5.83 -7.66
CA SER A 2 -20.50 6.94 -7.22
C SER A 2 -21.11 7.63 -5.99
N SER A 3 -20.39 7.57 -4.88
CA SER A 3 -20.85 8.18 -3.63
C SER A 3 -19.69 8.42 -2.68
N GLY A 4 -19.88 9.33 -1.74
CA GLY A 4 -18.84 9.64 -0.77
C GLY A 4 -19.39 9.79 0.65
N SER A 5 -18.53 10.25 1.55
CA SER A 5 -18.92 10.43 2.94
C SER A 5 -18.40 11.76 3.48
N SER A 6 -18.79 12.09 4.71
CA SER A 6 -18.36 13.33 5.34
C SER A 6 -17.10 13.12 6.16
N GLY A 7 -16.15 12.36 5.59
CA GLY A 7 -14.91 12.10 6.28
C GLY A 7 -13.93 11.30 5.43
N ASN A 8 -12.66 11.66 5.51
CA ASN A 8 -11.62 10.97 4.74
C ASN A 8 -11.09 9.76 5.50
N LEU A 9 -11.82 8.65 5.41
CA LEU A 9 -11.42 7.42 6.09
C LEU A 9 -10.27 6.74 5.35
N LEU A 10 -10.45 6.55 4.05
CA LEU A 10 -9.42 5.91 3.23
C LEU A 10 -8.04 6.47 3.55
N ASP A 11 -7.88 7.78 3.41
CA ASP A 11 -6.61 8.43 3.68
C ASP A 11 -6.13 8.10 5.09
N ASP A 12 -7.00 8.30 6.08
CA ASP A 12 -6.66 8.02 7.47
C ASP A 12 -6.06 6.62 7.61
N ALA A 13 -6.72 5.64 7.00
CA ALA A 13 -6.27 4.26 7.06
C ALA A 13 -4.91 4.09 6.37
N VAL A 14 -4.89 4.36 5.07
CA VAL A 14 -3.66 4.25 4.29
C VAL A 14 -2.49 4.88 5.03
N LYS A 15 -2.70 6.08 5.56
CA LYS A 15 -1.67 6.78 6.30
C LYS A 15 -1.26 6.02 7.55
N ARG A 16 -2.22 5.37 8.18
CA ARG A 16 -1.98 4.60 9.39
C ARG A 16 -1.26 3.29 9.06
N ILE A 17 -1.92 2.45 8.27
CA ILE A 17 -1.35 1.17 7.88
C ILE A 17 0.09 1.33 7.41
N SER A 18 0.36 2.41 6.69
CA SER A 18 1.69 2.68 6.17
C SER A 18 2.64 3.09 7.30
N GLU A 19 2.08 3.75 8.32
CA GLU A 19 2.88 4.20 9.45
C GLU A 19 2.63 3.31 10.67
N ASP A 20 2.36 2.04 10.43
CA ASP A 20 2.09 1.09 11.50
C ASP A 20 1.94 -0.33 10.95
N PRO A 21 2.97 -1.15 11.16
CA PRO A 21 4.19 -0.75 11.86
C PRO A 21 5.01 0.25 11.05
N PRO A 22 5.67 1.18 11.76
CA PRO A 22 6.51 2.21 11.13
C PRO A 22 7.79 1.62 10.53
N CYS A 23 8.08 2.00 9.29
CA CYS A 23 9.28 1.51 8.61
C CYS A 23 10.53 1.81 9.43
N LYS A 24 11.26 0.75 9.79
CA LYS A 24 12.48 0.90 10.58
C LYS A 24 13.60 1.48 9.73
N CYS A 25 13.78 0.94 8.52
CA CYS A 25 14.81 1.41 7.61
C CYS A 25 15.00 2.91 7.72
N PRO A 26 16.22 3.39 7.43
CA PRO A 26 16.55 4.81 7.48
C PRO A 26 15.87 5.61 6.38
N THR A 27 15.06 4.92 5.57
CA THR A 27 14.36 5.57 4.47
C THR A 27 12.90 5.12 4.42
N LYS A 28 12.03 5.84 5.13
CA LYS A 28 10.62 5.52 5.17
C LYS A 28 10.06 5.36 3.75
N PHE A 29 9.21 4.35 3.58
CA PHE A 29 8.60 4.10 2.27
C PHE A 29 8.02 5.37 1.68
N CYS A 30 7.86 5.38 0.35
CA CYS A 30 7.31 6.54 -0.34
C CYS A 30 5.80 6.42 -0.49
N VAL A 31 5.07 7.22 0.28
CA VAL A 31 3.62 7.21 0.23
C VAL A 31 3.05 8.63 0.16
N GLU A 32 2.55 8.99 -1.02
CA GLU A 32 1.98 10.32 -1.23
C GLU A 32 0.56 10.23 -1.77
N ARG A 33 -0.26 11.22 -1.46
CA ARG A 33 -1.64 11.26 -1.92
C ARG A 33 -1.77 12.08 -3.19
N LEU A 34 -2.32 11.47 -4.23
CA LEU A 34 -2.50 12.15 -5.51
C LEU A 34 -3.97 12.44 -5.77
N SER A 35 -4.80 11.42 -5.62
CA SER A 35 -6.24 11.56 -5.84
C SER A 35 -7.03 10.64 -4.92
N GLN A 36 -8.35 10.80 -4.91
CA GLN A 36 -9.21 9.98 -4.07
C GLN A 36 -9.05 8.49 -4.39
N GLY A 37 -7.98 7.90 -3.89
CA GLY A 37 -7.72 6.49 -4.13
C GLY A 37 -6.35 6.24 -4.71
N ARG A 38 -5.83 7.23 -5.44
CA ARG A 38 -4.51 7.11 -6.06
C ARG A 38 -3.42 7.54 -5.10
N TYR A 39 -2.40 6.71 -4.95
CA TYR A 39 -1.29 7.00 -4.06
C TYR A 39 0.03 6.45 -4.62
N ARG A 40 1.11 7.19 -4.37
CA ARG A 40 2.43 6.79 -4.86
C ARG A 40 3.06 5.74 -3.92
N VAL A 41 3.35 4.57 -4.47
CA VAL A 41 3.94 3.49 -3.70
C VAL A 41 5.24 3.01 -4.33
N GLY A 42 6.37 3.32 -3.69
CA GLY A 42 7.65 2.91 -4.22
C GLY A 42 7.89 3.39 -5.64
N GLU A 43 7.64 4.67 -5.88
CA GLU A 43 7.82 5.25 -7.20
C GLU A 43 6.91 4.56 -8.22
N LYS A 44 5.71 4.21 -7.79
CA LYS A 44 4.74 3.55 -8.66
C LYS A 44 3.33 4.01 -8.35
N ILE A 45 2.55 4.27 -9.40
CA ILE A 45 1.18 4.72 -9.23
C ILE A 45 0.21 3.54 -9.17
N LEU A 46 -0.37 3.32 -7.99
CA LEU A 46 -1.32 2.23 -7.80
C LEU A 46 -2.67 2.75 -7.32
N PHE A 47 -3.74 2.21 -7.89
CA PHE A 47 -5.09 2.61 -7.52
C PHE A 47 -5.55 1.90 -6.26
N ILE A 48 -5.56 2.62 -5.15
CA ILE A 48 -5.97 2.05 -3.87
C ILE A 48 -7.46 2.30 -3.62
N ARG A 49 -8.21 1.23 -3.44
CA ARG A 49 -9.64 1.31 -3.20
C ARG A 49 -10.01 0.69 -1.86
N MET A 50 -11.24 0.93 -1.41
CA MET A 50 -11.70 0.38 -0.14
C MET A 50 -12.87 -0.57 -0.36
N LEU A 51 -12.93 -1.63 0.44
CA LEU A 51 -14.01 -2.62 0.33
C LEU A 51 -15.04 -2.41 1.43
N HIS A 52 -16.10 -1.68 1.11
CA HIS A 52 -17.17 -1.42 2.06
C HIS A 52 -16.63 -0.66 3.27
N ASN A 53 -15.54 0.07 3.07
CA ASN A 53 -14.94 0.85 4.15
C ASN A 53 -14.51 -0.05 5.30
N LYS A 54 -14.07 -1.26 4.97
CA LYS A 54 -13.64 -2.23 5.97
C LYS A 54 -12.24 -2.75 5.66
N HIS A 55 -11.98 -3.00 4.39
CA HIS A 55 -10.68 -3.51 3.95
C HIS A 55 -10.04 -2.57 2.93
N VAL A 56 -8.72 -2.51 2.93
CA VAL A 56 -7.99 -1.66 2.00
C VAL A 56 -7.29 -2.48 0.92
N MET A 57 -7.80 -2.40 -0.30
CA MET A 57 -7.21 -3.14 -1.41
C MET A 57 -6.49 -2.20 -2.37
N VAL A 58 -5.68 -2.78 -3.26
CA VAL A 58 -4.93 -1.99 -4.22
C VAL A 58 -5.01 -2.60 -5.62
N ARG A 59 -4.61 -1.83 -6.62
CA ARG A 59 -4.64 -2.30 -8.00
C ARG A 59 -3.24 -2.61 -8.51
N VAL A 60 -3.01 -3.87 -8.85
CA VAL A 60 -1.70 -4.30 -9.35
C VAL A 60 -1.85 -5.41 -10.39
N GLY A 61 -1.00 -5.38 -11.41
CA GLY A 61 -1.04 -6.37 -12.45
C GLY A 61 -1.33 -7.76 -11.91
N GLY A 62 -2.60 -8.16 -11.94
CA GLY A 62 -2.98 -9.47 -11.45
C GLY A 62 -4.35 -9.46 -10.78
N GLY A 63 -4.65 -8.38 -10.08
CA GLY A 63 -5.93 -8.27 -9.40
C GLY A 63 -5.92 -7.23 -8.29
N TRP A 64 -6.44 -7.61 -7.13
CA TRP A 64 -6.48 -6.71 -5.99
C TRP A 64 -6.03 -7.42 -4.71
N GLU A 65 -5.08 -6.82 -4.01
CA GLU A 65 -4.56 -7.39 -2.78
C GLU A 65 -4.69 -6.41 -1.62
N THR A 66 -4.43 -6.89 -0.41
CA THR A 66 -4.52 -6.06 0.78
C THR A 66 -3.33 -5.10 0.88
N PHE A 67 -3.61 -3.81 0.80
CA PHE A 67 -2.57 -2.79 0.86
C PHE A 67 -1.47 -3.22 1.83
N ALA A 68 -1.83 -3.36 3.10
CA ALA A 68 -0.87 -3.76 4.13
C ALA A 68 -0.05 -4.97 3.67
N GLY A 69 -0.69 -5.87 2.94
CA GLY A 69 -0.01 -7.06 2.44
C GLY A 69 1.04 -6.73 1.41
N TYR A 70 0.71 -5.80 0.50
CA TYR A 70 1.64 -5.41 -0.55
C TYR A 70 2.81 -4.62 0.02
N LEU A 71 2.54 -3.82 1.03
CA LEU A 71 3.57 -3.00 1.67
C LEU A 71 4.61 -3.89 2.37
N LEU A 72 4.13 -4.80 3.21
CA LEU A 72 5.01 -5.72 3.93
C LEU A 72 5.89 -6.50 2.96
N LYS A 73 5.33 -6.83 1.80
CA LYS A 73 6.06 -7.59 0.79
C LYS A 73 7.32 -6.83 0.36
N HIS A 74 7.13 -5.64 -0.20
CA HIS A 74 8.25 -4.82 -0.65
C HIS A 74 9.13 -4.40 0.53
N ASP A 75 8.50 -3.88 1.57
CA ASP A 75 9.22 -3.45 2.76
C ASP A 75 9.93 -4.62 3.43
N PRO A 76 11.27 -4.57 3.47
CA PRO A 76 12.09 -5.61 4.09
C PRO A 76 11.94 -5.65 5.61
N CYS A 77 12.09 -4.50 6.24
CA CYS A 77 11.98 -4.41 7.70
C CYS A 77 10.64 -4.97 8.17
N ARG A 78 9.62 -4.85 7.33
CA ARG A 78 8.29 -5.35 7.67
C ARG A 78 8.26 -6.88 7.65
N MET A 79 8.84 -7.47 6.60
CA MET A 79 8.88 -8.92 6.46
C MET A 79 9.18 -9.57 7.80
N LEU A 80 9.88 -8.86 8.67
CA LEU A 80 10.22 -9.38 9.99
C LEU A 80 8.99 -9.87 10.73
N GLN A 81 7.92 -9.07 10.69
CA GLN A 81 6.67 -9.42 11.36
C GLN A 81 6.27 -10.86 11.03
N ILE A 82 5.58 -11.49 11.97
CA ILE A 82 5.13 -12.88 11.78
C ILE A 82 4.04 -12.97 10.71
N SER A 83 4.25 -13.84 9.73
CA SER A 83 3.29 -14.02 8.65
C SER A 83 2.09 -14.84 9.12
N ARG A 84 0.90 -14.31 8.88
CA ARG A 84 -0.33 -14.99 9.27
C ARG A 84 -1.38 -14.92 8.16
N VAL A 85 -2.39 -15.77 8.27
CA VAL A 85 -3.46 -15.81 7.27
C VAL A 85 -4.81 -16.09 7.92
N ASP A 86 -5.89 -15.85 7.18
CA ASP A 86 -7.23 -16.09 7.68
C ASP A 86 -7.69 -17.52 7.37
N GLY A 87 -7.66 -17.87 6.09
CA GLY A 87 -8.08 -19.20 5.68
C GLY A 87 -8.24 -19.32 4.18
N LYS A 88 -9.11 -20.22 3.75
CA LYS A 88 -9.36 -20.44 2.33
C LYS A 88 -10.85 -20.48 2.03
N THR A 89 -11.41 -19.34 1.62
CA THR A 89 -12.82 -19.25 1.31
C THR A 89 -13.08 -18.20 0.22
N SER A 90 -13.62 -18.64 -0.90
CA SER A 90 -13.91 -17.75 -2.02
C SER A 90 -14.58 -16.47 -1.53
N PRO A 91 -14.11 -15.33 -2.03
CA PRO A 91 -14.66 -14.01 -1.66
C PRO A 91 -16.06 -13.79 -2.22
N SER A 92 -16.95 -13.29 -1.37
CA SER A 92 -18.33 -13.03 -1.78
C SER A 92 -18.40 -11.88 -2.78
N GLY A 93 -18.66 -12.22 -4.04
CA GLY A 93 -18.75 -11.20 -5.07
C GLY A 93 -19.54 -9.99 -4.63
N PRO A 94 -19.25 -8.84 -5.25
CA PRO A 94 -19.94 -7.58 -4.93
C PRO A 94 -21.40 -7.58 -5.40
N SER A 95 -22.27 -6.98 -4.59
CA SER A 95 -23.68 -6.91 -4.91
C SER A 95 -24.03 -5.60 -5.62
N SER A 96 -24.78 -5.70 -6.71
CA SER A 96 -25.18 -4.52 -7.47
C SER A 96 -26.69 -4.34 -7.47
N GLY A 97 -27.15 -3.26 -8.07
CA GLY A 97 -28.58 -2.99 -8.12
C GLY A 97 -28.99 -1.84 -7.22
ZN ZN B . 11.50 -0.45 6.16
N GLY A 1 -11.20 25.15 1.01
CA GLY A 1 -11.11 24.85 2.42
C GLY A 1 -10.33 23.57 2.68
N SER A 2 -10.48 23.03 3.89
CA SER A 2 -9.78 21.80 4.27
C SER A 2 -10.55 21.06 5.35
N SER A 3 -11.07 19.88 5.01
CA SER A 3 -11.83 19.06 5.94
C SER A 3 -10.90 18.36 6.93
N GLY A 4 -10.76 18.93 8.12
CA GLY A 4 -9.90 18.35 9.13
C GLY A 4 -10.44 17.04 9.67
N SER A 5 -11.73 17.02 9.96
CA SER A 5 -12.37 15.82 10.49
C SER A 5 -13.60 15.44 9.65
N SER A 6 -13.94 14.16 9.65
CA SER A 6 -15.08 13.68 8.89
C SER A 6 -14.93 14.00 7.41
N GLY A 7 -13.74 13.80 6.88
CA GLY A 7 -13.49 14.09 5.47
C GLY A 7 -12.55 13.09 4.83
N ASN A 8 -11.57 12.62 5.60
CA ASN A 8 -10.60 11.65 5.09
C ASN A 8 -10.84 10.27 5.71
N LEU A 9 -11.44 9.38 4.93
CA LEU A 9 -11.73 8.03 5.41
C LEU A 9 -10.64 7.05 4.93
N LEU A 10 -10.53 6.89 3.62
CA LEU A 10 -9.54 5.99 3.06
C LEU A 10 -8.13 6.42 3.43
N ASP A 11 -7.74 7.62 3.00
CA ASP A 11 -6.41 8.14 3.30
C ASP A 11 -6.03 7.86 4.74
N ASP A 12 -6.94 8.15 5.66
CA ASP A 12 -6.69 7.93 7.09
C ASP A 12 -6.14 6.53 7.33
N ALA A 13 -6.73 5.55 6.65
CA ALA A 13 -6.30 4.16 6.80
C ALA A 13 -4.94 3.94 6.14
N VAL A 14 -4.86 4.17 4.83
CA VAL A 14 -3.62 3.99 4.09
C VAL A 14 -2.44 4.55 4.87
N LYS A 15 -2.56 5.78 5.33
CA LYS A 15 -1.50 6.43 6.10
C LYS A 15 -1.27 5.71 7.42
N ARG A 16 -2.35 5.41 8.13
CA ARG A 16 -2.27 4.72 9.41
C ARG A 16 -1.47 3.42 9.28
N ILE A 17 -1.79 2.64 8.25
CA ILE A 17 -1.11 1.38 8.01
C ILE A 17 0.33 1.61 7.55
N SER A 18 0.50 2.53 6.60
CA SER A 18 1.82 2.84 6.07
C SER A 18 2.74 3.36 7.18
N GLU A 19 2.14 3.93 8.22
CA GLU A 19 2.90 4.48 9.33
C GLU A 19 2.89 3.50 10.52
N ASP A 20 1.91 2.62 10.53
CA ASP A 20 1.79 1.63 11.60
C ASP A 20 1.49 0.25 11.04
N PRO A 21 2.44 -0.67 11.23
CA PRO A 21 3.70 -0.39 11.93
C PRO A 21 4.62 0.54 11.13
N PRO A 22 5.27 1.47 11.83
CA PRO A 22 6.19 2.42 11.20
C PRO A 22 7.46 1.76 10.69
N CYS A 23 7.82 2.05 9.44
CA CYS A 23 9.02 1.48 8.84
C CYS A 23 10.25 1.76 9.70
N LYS A 24 10.91 0.70 10.14
CA LYS A 24 12.10 0.82 10.97
C LYS A 24 13.25 1.43 10.18
N CYS A 25 13.49 0.90 8.98
CA CYS A 25 14.56 1.39 8.13
C CYS A 25 14.73 2.89 8.28
N PRO A 26 15.95 3.38 8.04
CA PRO A 26 16.27 4.81 8.14
C PRO A 26 15.63 5.63 7.03
N THR A 27 14.85 4.96 6.19
CA THR A 27 14.17 5.62 5.08
C THR A 27 12.73 5.14 4.94
N LYS A 28 11.79 6.00 5.28
CA LYS A 28 10.37 5.67 5.20
C LYS A 28 9.95 5.42 3.74
N PHE A 29 9.11 4.41 3.54
CA PHE A 29 8.65 4.07 2.19
C PHE A 29 8.13 5.32 1.48
N CYS A 30 7.79 5.16 0.20
CA CYS A 30 7.29 6.26 -0.60
C CYS A 30 5.76 6.24 -0.67
N VAL A 31 5.13 7.19 0.00
CA VAL A 31 3.68 7.28 0.02
C VAL A 31 3.20 8.72 -0.11
N GLU A 32 2.67 9.06 -1.27
CA GLU A 32 2.18 10.41 -1.52
C GLU A 32 0.78 10.38 -2.13
N ARG A 33 -0.13 11.15 -1.53
CA ARG A 33 -1.51 11.21 -2.01
C ARG A 33 -1.61 12.03 -3.29
N LEU A 34 -2.23 11.46 -4.32
CA LEU A 34 -2.38 12.14 -5.59
C LEU A 34 -3.86 12.41 -5.89
N SER A 35 -4.70 11.40 -5.67
CA SER A 35 -6.13 11.53 -5.92
C SER A 35 -6.92 10.56 -5.04
N GLN A 36 -8.24 10.71 -5.04
CA GLN A 36 -9.11 9.85 -4.24
C GLN A 36 -8.94 8.39 -4.63
N GLY A 37 -8.06 7.69 -3.91
CA GLY A 37 -7.82 6.29 -4.20
C GLY A 37 -6.43 6.04 -4.77
N ARG A 38 -5.88 7.06 -5.44
CA ARG A 38 -4.55 6.94 -6.03
C ARG A 38 -3.49 7.40 -5.05
N TYR A 39 -2.39 6.65 -4.98
CA TYR A 39 -1.29 6.96 -4.08
C TYR A 39 0.04 6.46 -4.64
N ARG A 40 1.09 7.25 -4.43
CA ARG A 40 2.42 6.89 -4.92
C ARG A 40 3.09 5.90 -3.97
N VAL A 41 3.04 4.62 -4.32
CA VAL A 41 3.64 3.57 -3.50
C VAL A 41 4.85 2.96 -4.20
N GLY A 42 5.94 2.81 -3.45
CA GLY A 42 7.15 2.24 -4.00
C GLY A 42 7.43 2.73 -5.41
N GLU A 43 7.80 4.00 -5.53
CA GLU A 43 8.09 4.59 -6.84
C GLU A 43 7.14 4.06 -7.90
N LYS A 44 5.94 3.68 -7.48
CA LYS A 44 4.93 3.15 -8.38
C LYS A 44 3.57 3.80 -8.13
N ILE A 45 2.73 3.83 -9.15
CA ILE A 45 1.40 4.43 -9.04
C ILE A 45 0.32 3.35 -8.98
N LEU A 46 -0.22 3.13 -7.79
CA LEU A 46 -1.27 2.12 -7.61
C LEU A 46 -2.56 2.76 -7.12
N PHE A 47 -3.69 2.15 -7.47
CA PHE A 47 -5.00 2.66 -7.07
C PHE A 47 -5.53 1.90 -5.86
N ILE A 48 -5.39 2.51 -4.69
CA ILE A 48 -5.85 1.89 -3.45
C ILE A 48 -7.34 2.15 -3.24
N ARG A 49 -8.08 1.11 -2.89
CA ARG A 49 -9.52 1.22 -2.65
C ARG A 49 -9.88 0.67 -1.28
N MET A 50 -11.11 0.92 -0.86
CA MET A 50 -11.59 0.45 0.44
C MET A 50 -12.91 -0.31 0.29
N LEU A 51 -12.90 -1.57 0.69
CA LEU A 51 -14.09 -2.41 0.60
C LEU A 51 -14.98 -2.24 1.83
N HIS A 52 -16.15 -1.62 1.64
CA HIS A 52 -17.07 -1.40 2.74
C HIS A 52 -16.37 -0.76 3.94
N ASN A 53 -15.40 0.10 3.66
CA ASN A 53 -14.65 0.77 4.71
C ASN A 53 -14.19 -0.23 5.77
N LYS A 54 -13.87 -1.44 5.32
CA LYS A 54 -13.41 -2.49 6.23
C LYS A 54 -12.09 -3.09 5.74
N HIS A 55 -11.93 -3.17 4.43
CA HIS A 55 -10.72 -3.73 3.84
C HIS A 55 -10.06 -2.72 2.91
N VAL A 56 -8.73 -2.76 2.85
CA VAL A 56 -7.97 -1.85 1.99
C VAL A 56 -7.13 -2.61 0.98
N MET A 57 -7.61 -2.64 -0.26
CA MET A 57 -6.90 -3.34 -1.33
C MET A 57 -6.27 -2.34 -2.30
N VAL A 58 -5.36 -2.83 -3.13
CA VAL A 58 -4.69 -1.99 -4.12
C VAL A 58 -4.80 -2.57 -5.52
N ARG A 59 -4.75 -1.70 -6.52
CA ARG A 59 -4.85 -2.13 -7.91
C ARG A 59 -3.49 -2.62 -8.42
N VAL A 60 -3.43 -3.91 -8.77
CA VAL A 60 -2.20 -4.49 -9.28
C VAL A 60 -2.48 -5.45 -10.43
N GLY A 61 -2.01 -5.09 -11.62
CA GLY A 61 -2.22 -5.93 -12.79
C GLY A 61 -3.62 -6.49 -12.85
N GLY A 62 -3.73 -7.81 -12.85
CA GLY A 62 -5.03 -8.45 -12.90
C GLY A 62 -5.43 -9.06 -11.57
N GLY A 63 -5.18 -8.34 -10.49
CA GLY A 63 -5.53 -8.83 -9.17
C GLY A 63 -5.26 -7.82 -8.08
N TRP A 64 -6.22 -7.65 -7.19
CA TRP A 64 -6.09 -6.70 -6.08
C TRP A 64 -5.55 -7.38 -4.83
N GLU A 65 -4.57 -6.76 -4.19
CA GLU A 65 -3.97 -7.31 -2.99
C GLU A 65 -4.18 -6.38 -1.80
N THR A 66 -3.90 -6.88 -0.60
CA THR A 66 -4.05 -6.09 0.62
C THR A 66 -2.92 -5.08 0.77
N PHE A 67 -3.28 -3.80 0.82
CA PHE A 67 -2.29 -2.73 0.96
C PHE A 67 -1.12 -3.19 1.84
N ALA A 68 -1.40 -3.41 3.12
CA ALA A 68 -0.37 -3.85 4.06
C ALA A 68 0.43 -5.02 3.49
N GLY A 69 -0.24 -5.86 2.71
CA GLY A 69 0.42 -7.02 2.12
C GLY A 69 1.38 -6.62 1.02
N TYR A 70 1.03 -5.61 0.24
CA TYR A 70 1.87 -5.15 -0.85
C TYR A 70 3.05 -4.34 -0.32
N LEU A 71 2.82 -3.59 0.76
CA LEU A 71 3.86 -2.77 1.36
C LEU A 71 4.91 -3.65 2.04
N LEU A 72 4.46 -4.68 2.73
CA LEU A 72 5.36 -5.60 3.42
C LEU A 72 6.25 -6.35 2.43
N LYS A 73 5.69 -6.66 1.26
CA LYS A 73 6.44 -7.37 0.23
C LYS A 73 7.73 -6.63 -0.11
N HIS A 74 7.61 -5.35 -0.43
CA HIS A 74 8.77 -4.53 -0.78
C HIS A 74 9.55 -4.14 0.48
N ASP A 75 8.82 -3.77 1.52
CA ASP A 75 9.45 -3.36 2.79
C ASP A 75 10.08 -4.57 3.47
N PRO A 76 11.41 -4.52 3.65
CA PRO A 76 12.17 -5.60 4.30
C PRO A 76 11.87 -5.69 5.79
N CYS A 77 11.97 -4.56 6.48
CA CYS A 77 11.73 -4.51 7.91
C CYS A 77 10.35 -5.09 8.25
N ARG A 78 9.42 -4.96 7.31
CA ARG A 78 8.06 -5.46 7.49
C ARG A 78 8.02 -6.98 7.30
N MET A 79 8.70 -7.46 6.26
CA MET A 79 8.74 -8.89 5.98
C MET A 79 8.90 -9.70 7.25
N LEU A 80 9.85 -9.30 8.09
CA LEU A 80 10.11 -9.99 9.34
C LEU A 80 9.66 -9.15 10.54
N GLN A 81 8.42 -8.67 10.48
CA GLN A 81 7.88 -7.85 11.56
C GLN A 81 7.50 -8.71 12.76
N ILE A 82 6.83 -9.84 12.48
CA ILE A 82 6.41 -10.74 13.55
C ILE A 82 6.96 -12.15 13.31
N SER A 83 8.22 -12.36 13.72
CA SER A 83 8.86 -13.65 13.55
C SER A 83 10.24 -13.66 14.21
N ARG A 84 10.49 -14.69 15.02
CA ARG A 84 11.76 -14.82 15.71
C ARG A 84 12.84 -15.38 14.78
N VAL A 85 12.42 -15.82 13.61
CA VAL A 85 13.34 -16.39 12.63
C VAL A 85 12.80 -16.26 11.21
N ASP A 86 13.60 -15.70 10.32
CA ASP A 86 13.20 -15.52 8.93
C ASP A 86 14.10 -16.31 8.00
N GLY A 87 13.74 -16.34 6.72
CA GLY A 87 14.52 -17.06 5.73
C GLY A 87 14.68 -16.30 4.44
N LYS A 88 13.57 -15.88 3.86
CA LYS A 88 13.58 -15.13 2.61
C LYS A 88 14.45 -15.83 1.58
N THR A 89 14.32 -17.15 1.48
CA THR A 89 15.09 -17.94 0.54
C THR A 89 14.26 -18.31 -0.68
N SER A 90 14.62 -17.77 -1.84
CA SER A 90 13.90 -18.04 -3.07
C SER A 90 14.87 -18.19 -4.25
N PRO A 91 14.58 -19.16 -5.13
CA PRO A 91 15.41 -19.43 -6.30
C PRO A 91 15.32 -18.31 -7.34
N SER A 92 14.35 -17.42 -7.17
CA SER A 92 14.16 -16.30 -8.09
C SER A 92 15.49 -15.82 -8.64
N GLY A 93 15.62 -15.81 -9.96
CA GLY A 93 16.85 -15.37 -10.60
C GLY A 93 16.69 -14.02 -11.28
N PRO A 94 16.98 -12.95 -10.54
CA PRO A 94 16.88 -11.57 -11.06
C PRO A 94 17.96 -11.28 -12.10
N SER A 95 17.62 -10.41 -13.06
CA SER A 95 18.55 -10.05 -14.11
C SER A 95 18.95 -8.58 -13.99
N SER A 96 20.18 -8.27 -14.39
CA SER A 96 20.69 -6.90 -14.33
C SER A 96 20.35 -6.14 -15.60
N GLY A 97 20.32 -4.81 -15.51
CA GLY A 97 20.01 -3.98 -16.65
C GLY A 97 20.51 -2.57 -16.50
ZN ZN B . 11.42 -0.50 6.48
N GLY A 1 -12.60 27.14 -3.75
CA GLY A 1 -12.46 26.86 -2.33
C GLY A 1 -12.78 25.42 -2.00
N SER A 2 -13.77 25.22 -1.12
CA SER A 2 -14.16 23.88 -0.72
C SER A 2 -15.43 23.93 0.14
N SER A 3 -16.43 23.14 -0.26
CA SER A 3 -17.70 23.09 0.46
C SER A 3 -17.61 22.14 1.64
N GLY A 4 -16.51 22.20 2.36
CA GLY A 4 -16.32 21.33 3.51
C GLY A 4 -15.55 20.07 3.18
N SER A 5 -16.26 18.96 3.09
CA SER A 5 -15.64 17.68 2.78
C SER A 5 -16.65 16.71 2.16
N SER A 6 -16.17 15.55 1.72
CA SER A 6 -17.03 14.55 1.10
C SER A 6 -17.00 13.25 1.91
N GLY A 7 -15.82 12.66 2.03
CA GLY A 7 -15.67 11.42 2.77
C GLY A 7 -14.44 10.65 2.37
N ASN A 8 -13.31 10.95 3.02
CA ASN A 8 -12.05 10.29 2.72
C ASN A 8 -11.70 9.28 3.82
N LEU A 9 -12.17 8.05 3.66
CA LEU A 9 -11.91 6.99 4.64
C LEU A 9 -10.76 6.11 4.18
N LEU A 10 -10.31 6.32 2.95
CA LEU A 10 -9.21 5.54 2.40
C LEU A 10 -7.86 6.07 2.86
N ASP A 11 -7.77 7.40 2.98
CA ASP A 11 -6.53 8.04 3.42
C ASP A 11 -6.23 7.70 4.88
N ASP A 12 -7.28 7.42 5.64
CA ASP A 12 -7.13 7.08 7.05
C ASP A 12 -6.42 5.73 7.21
N ALA A 13 -6.95 4.71 6.54
CA ALA A 13 -6.37 3.37 6.62
C ALA A 13 -4.96 3.36 6.06
N VAL A 14 -4.79 3.94 4.87
CA VAL A 14 -3.48 3.99 4.24
C VAL A 14 -2.46 4.71 5.12
N LYS A 15 -2.85 5.86 5.64
CA LYS A 15 -1.98 6.64 6.50
C LYS A 15 -1.59 5.85 7.75
N ARG A 16 -2.56 5.18 8.35
CA ARG A 16 -2.31 4.39 9.55
C ARG A 16 -1.43 3.19 9.24
N ILE A 17 -1.91 2.33 8.34
CA ILE A 17 -1.16 1.15 7.94
C ILE A 17 0.29 1.49 7.58
N SER A 18 0.43 2.49 6.71
CA SER A 18 1.75 2.93 6.28
C SER A 18 2.62 3.31 7.47
N GLU A 19 1.99 3.90 8.49
CA GLU A 19 2.72 4.30 9.68
C GLU A 19 2.41 3.37 10.85
N ASP A 20 2.17 2.10 10.53
CA ASP A 20 1.87 1.11 11.55
C ASP A 20 1.76 -0.28 10.93
N PRO A 21 2.79 -1.11 11.14
CA PRO A 21 3.97 -0.72 11.92
C PRO A 21 4.82 0.32 11.21
N PRO A 22 5.42 1.23 11.98
CA PRO A 22 6.28 2.28 11.45
C PRO A 22 7.59 1.75 10.89
N CYS A 23 7.94 2.18 9.68
CA CYS A 23 9.17 1.74 9.03
C CYS A 23 10.38 1.99 9.92
N LYS A 24 11.01 0.91 10.37
CA LYS A 24 12.17 0.99 11.23
C LYS A 24 13.38 1.51 10.46
N CYS A 25 13.62 0.93 9.28
CA CYS A 25 14.74 1.34 8.44
C CYS A 25 14.97 2.84 8.53
N PRO A 26 16.22 3.26 8.27
CA PRO A 26 16.61 4.67 8.31
C PRO A 26 15.99 5.48 7.17
N THR A 27 15.15 4.83 6.38
CA THR A 27 14.49 5.48 5.25
C THR A 27 13.00 5.19 5.24
N LYS A 28 12.21 6.19 4.90
CA LYS A 28 10.75 6.03 4.84
C LYS A 28 10.29 5.68 3.44
N PHE A 29 9.27 4.83 3.36
CA PHE A 29 8.73 4.40 2.06
C PHE A 29 8.11 5.59 1.32
N CYS A 30 7.92 5.41 0.02
CA CYS A 30 7.33 6.46 -0.81
C CYS A 30 5.81 6.32 -0.87
N VAL A 31 5.12 7.22 -0.18
CA VAL A 31 3.66 7.20 -0.15
C VAL A 31 3.09 8.61 -0.24
N GLU A 32 2.52 8.94 -1.40
CA GLU A 32 1.93 10.26 -1.61
C GLU A 32 0.53 10.14 -2.20
N ARG A 33 -0.30 11.14 -1.92
CA ARG A 33 -1.67 11.15 -2.42
C ARG A 33 -1.77 11.89 -3.74
N LEU A 34 -2.41 11.26 -4.72
CA LEU A 34 -2.58 11.86 -6.04
C LEU A 34 -4.05 12.13 -6.34
N SER A 35 -4.90 11.16 -6.07
CA SER A 35 -6.32 11.30 -6.31
C SER A 35 -7.13 10.54 -5.25
N GLN A 36 -8.45 10.64 -5.35
CA GLN A 36 -9.33 9.97 -4.40
C GLN A 36 -8.80 8.58 -4.04
N GLY A 37 -8.64 7.74 -5.05
CA GLY A 37 -8.13 6.39 -4.83
C GLY A 37 -6.82 6.14 -5.55
N ARG A 38 -5.92 7.10 -5.49
CA ARG A 38 -4.62 6.98 -6.14
C ARG A 38 -3.51 7.49 -5.23
N TYR A 39 -2.41 6.75 -5.18
CA TYR A 39 -1.26 7.12 -4.34
C TYR A 39 0.04 6.61 -4.95
N ARG A 40 1.13 7.33 -4.66
CA ARG A 40 2.43 6.95 -5.18
C ARG A 40 3.14 5.98 -4.23
N VAL A 41 3.13 4.70 -4.57
CA VAL A 41 3.77 3.68 -3.75
C VAL A 41 5.01 3.12 -4.44
N GLY A 42 6.11 3.07 -3.69
CA GLY A 42 7.35 2.56 -4.24
C GLY A 42 7.59 3.01 -5.67
N GLU A 43 7.89 4.28 -5.84
CA GLU A 43 8.15 4.84 -7.17
C GLU A 43 7.21 4.22 -8.20
N LYS A 44 5.97 3.95 -7.80
CA LYS A 44 4.99 3.35 -8.68
C LYS A 44 3.59 3.90 -8.39
N ILE A 45 2.75 3.94 -9.42
CA ILE A 45 1.40 4.44 -9.28
C ILE A 45 0.39 3.29 -9.21
N LEU A 46 -0.22 3.12 -8.04
CA LEU A 46 -1.20 2.07 -7.83
C LEU A 46 -2.50 2.62 -7.26
N PHE A 47 -3.62 2.13 -7.76
CA PHE A 47 -4.93 2.57 -7.31
C PHE A 47 -5.36 1.83 -6.04
N ILE A 48 -5.32 2.52 -4.91
CA ILE A 48 -5.70 1.92 -3.64
C ILE A 48 -7.14 2.23 -3.29
N ARG A 49 -7.95 1.19 -3.15
CA ARG A 49 -9.36 1.35 -2.82
C ARG A 49 -9.69 0.69 -1.47
N MET A 50 -10.68 1.25 -0.78
CA MET A 50 -11.10 0.72 0.52
C MET A 50 -12.44 0.00 0.40
N LEU A 51 -12.44 -1.30 0.67
CA LEU A 51 -13.66 -2.10 0.60
C LEU A 51 -14.55 -1.82 1.80
N HIS A 52 -15.67 -1.14 1.57
CA HIS A 52 -16.61 -0.82 2.63
C HIS A 52 -15.88 -0.26 3.86
N ASN A 53 -14.77 0.42 3.61
CA ASN A 53 -13.97 1.00 4.69
C ASN A 53 -13.64 -0.05 5.75
N LYS A 54 -13.39 -1.28 5.29
CA LYS A 54 -13.06 -2.37 6.20
C LYS A 54 -11.78 -3.07 5.76
N HIS A 55 -11.64 -3.27 4.45
CA HIS A 55 -10.45 -3.92 3.90
C HIS A 55 -9.75 -3.02 2.89
N VAL A 56 -8.46 -2.81 3.09
CA VAL A 56 -7.67 -1.96 2.20
C VAL A 56 -6.97 -2.80 1.13
N MET A 57 -7.35 -2.58 -0.12
CA MET A 57 -6.75 -3.32 -1.24
C MET A 57 -6.10 -2.36 -2.23
N VAL A 58 -5.29 -2.91 -3.12
CA VAL A 58 -4.60 -2.11 -4.13
C VAL A 58 -4.88 -2.63 -5.54
N ARG A 59 -4.56 -1.82 -6.54
CA ARG A 59 -4.78 -2.19 -7.93
C ARG A 59 -3.47 -2.61 -8.59
N VAL A 60 -3.34 -3.90 -8.87
CA VAL A 60 -2.14 -4.43 -9.50
C VAL A 60 -2.47 -5.10 -10.84
N GLY A 61 -3.37 -4.48 -11.58
CA GLY A 61 -3.76 -5.03 -12.87
C GLY A 61 -4.91 -6.01 -12.77
N GLY A 62 -6.08 -5.51 -12.37
CA GLY A 62 -7.25 -6.37 -12.24
C GLY A 62 -7.26 -7.13 -10.93
N GLY A 63 -6.07 -7.47 -10.43
CA GLY A 63 -5.97 -8.20 -9.18
C GLY A 63 -5.88 -7.28 -7.98
N TRP A 64 -6.73 -7.52 -6.99
CA TRP A 64 -6.73 -6.69 -5.78
C TRP A 64 -6.11 -7.45 -4.61
N GLU A 65 -5.01 -6.92 -4.09
CA GLU A 65 -4.32 -7.55 -2.96
C GLU A 65 -4.36 -6.65 -1.73
N THR A 66 -3.95 -7.20 -0.59
CA THR A 66 -3.94 -6.45 0.66
C THR A 66 -2.80 -5.44 0.69
N PHE A 67 -3.16 -4.16 0.81
CA PHE A 67 -2.16 -3.10 0.86
C PHE A 67 -1.00 -3.46 1.79
N ALA A 68 -1.34 -3.90 2.99
CA ALA A 68 -0.34 -4.29 3.98
C ALA A 68 0.59 -5.36 3.41
N GLY A 69 0.08 -6.15 2.49
CA GLY A 69 0.88 -7.21 1.89
C GLY A 69 1.90 -6.68 0.90
N TYR A 70 1.46 -5.79 0.02
CA TYR A 70 2.35 -5.21 -0.98
C TYR A 70 3.40 -4.32 -0.32
N LEU A 71 3.07 -3.78 0.85
CA LEU A 71 4.00 -2.92 1.59
C LEU A 71 4.99 -3.76 2.39
N LEU A 72 4.52 -4.86 2.95
CA LEU A 72 5.36 -5.73 3.75
C LEU A 72 6.33 -6.50 2.85
N LYS A 73 5.84 -6.99 1.73
CA LYS A 73 6.66 -7.73 0.78
C LYS A 73 7.90 -6.92 0.38
N HIS A 74 7.72 -5.61 0.25
CA HIS A 74 8.82 -4.72 -0.12
C HIS A 74 9.59 -4.26 1.11
N ASP A 75 8.86 -3.75 2.10
CA ASP A 75 9.47 -3.27 3.33
C ASP A 75 10.16 -4.41 4.08
N PRO A 76 11.49 -4.29 4.23
CA PRO A 76 12.29 -5.31 4.92
C PRO A 76 12.03 -5.34 6.42
N CYS A 77 11.76 -4.18 6.99
CA CYS A 77 11.49 -4.07 8.42
C CYS A 77 10.13 -4.68 8.76
N ARG A 78 9.27 -4.81 7.74
CA ARG A 78 7.95 -5.39 7.94
C ARG A 78 7.99 -6.90 7.81
N MET A 79 8.75 -7.40 6.84
CA MET A 79 8.88 -8.82 6.62
C MET A 79 9.19 -9.56 7.92
N LEU A 80 9.71 -8.83 8.89
CA LEU A 80 10.05 -9.40 10.19
C LEU A 80 8.81 -9.54 11.07
N GLN A 81 7.71 -9.97 10.47
CA GLN A 81 6.46 -10.14 11.20
C GLN A 81 6.22 -11.61 11.54
N ILE A 82 6.54 -12.49 10.59
CA ILE A 82 6.36 -13.92 10.77
C ILE A 82 7.36 -14.72 9.96
N SER A 83 7.82 -15.83 10.51
CA SER A 83 8.79 -16.68 9.84
C SER A 83 8.59 -16.65 8.32
N ARG A 84 9.62 -16.26 7.60
CA ARG A 84 9.56 -16.17 6.15
C ARG A 84 9.26 -17.54 5.54
N VAL A 85 8.22 -17.58 4.70
CA VAL A 85 7.82 -18.82 4.06
C VAL A 85 8.38 -18.91 2.64
N ASP A 86 8.27 -17.81 1.89
CA ASP A 86 8.77 -17.76 0.53
C ASP A 86 10.19 -18.32 0.44
N GLY A 87 10.69 -18.46 -0.78
CA GLY A 87 12.03 -18.99 -0.97
C GLY A 87 13.06 -17.90 -1.15
N LYS A 88 13.82 -17.97 -2.24
CA LYS A 88 14.85 -16.97 -2.52
C LYS A 88 14.76 -16.51 -3.97
N THR A 89 14.00 -15.43 -4.19
CA THR A 89 13.84 -14.88 -5.53
C THR A 89 13.61 -13.38 -5.47
N SER A 90 14.63 -12.60 -5.84
CA SER A 90 14.53 -11.15 -5.83
C SER A 90 15.20 -10.55 -7.07
N PRO A 91 14.52 -9.56 -7.69
CA PRO A 91 15.03 -8.90 -8.88
C PRO A 91 16.24 -8.02 -8.59
N SER A 92 17.35 -8.30 -9.28
CA SER A 92 18.58 -7.54 -9.10
C SER A 92 18.35 -6.07 -9.40
N GLY A 93 19.28 -5.23 -8.94
CA GLY A 93 19.18 -3.80 -9.19
C GLY A 93 20.39 -3.04 -8.71
N PRO A 94 21.38 -2.89 -9.59
CA PRO A 94 22.63 -2.17 -9.27
C PRO A 94 22.41 -0.68 -9.11
N SER A 95 22.70 -0.15 -7.93
CA SER A 95 22.53 1.26 -7.65
C SER A 95 23.48 1.72 -6.54
N SER A 96 24.43 2.58 -6.89
CA SER A 96 25.39 3.09 -5.93
C SER A 96 25.36 4.61 -5.87
N GLY A 97 25.32 5.24 -7.06
CA GLY A 97 25.30 6.68 -7.13
C GLY A 97 24.48 7.31 -6.01
ZN ZN B . 11.44 -0.18 6.71
#